data_8F1C
#
_entry.id   8F1C
#
_cell.length_a   1.00
_cell.length_b   1.00
_cell.length_c   1.00
_cell.angle_alpha   90.00
_cell.angle_beta   90.00
_cell.angle_gamma   90.00
#
_symmetry.space_group_name_H-M   'P 1'
#
loop_
_entity.id
_entity.type
_entity.pdbx_description
1 polymer 'Potassium voltage-gated channel subfamily C member 1'
2 non-polymer 'ZINC ION'
3 non-polymer (9M)-9-{5-chloro-6-[(3,3-dimethyl-2,3-dihydro-1-benzofuran-4-yl)oxy]-4-methylpyridin-3-yl}-2-methyl-7,9-dihydro-8H-purin-8-one
4 non-polymer '(2S)-3-(hexadecanoyloxy)-2-[(9Z)-octadec-9-enoyloxy]propyl 2-(trimethylammonio)ethyl phosphate'
5 non-polymer 'POTASSIUM ION'
#
_entity_poly.entity_id   1
_entity_poly.type   'polypeptide(L)'
_entity_poly.pdbx_seq_one_letter_code
;MADYKDHDGDYKDHDIDYKDDDDKLEVLFQGPGSMGQGDESERIVINVGGTRHQTYRSTLRTLPGTRLAWLAEPDAHSHF
DYDPRADEFFFDRHPGVFAHILNYYRTGKLHCPADVCGPLYEEELAFWGIDETDVEPCCWMTYRQHRDAEEALDSFGGAP
LDNSADDADADGPGDSGDGEDELEMTKRLALSDSPDGRPGGFWRRWQPRIWALFEDPYSSRYARYVAFASLFFILVSITT
FCLETHERFNPIVNKTEIENVRNGTQVRYYREAETEAFLTYIEGVCVVWFTFEFLMRVIFCPNKVEFIKNSLNIIDFVAI
LPFYLEVGLSGLSSKAAKDVLGFLRVVRFVRILRIFKLTRHFVGLRVLGHTLRASTNEFLLLIIFLALGVLIFATMIYYA
ERIGAQPNDPSASEHTHFKNIPIGFWWAVVTMTTLGYGDMYPQTWSGMLVGALCALAGVLTIAMPVPVIVNNFGMYYSLA
MAKQKLPKKKKKHIPRPPQLGSPNYCKSVVNSPHHSTQSDTCPLAQEEILEINRAGRKPLRGMSILEVLFQG
;
_entity_poly.pdbx_strand_id   A,B,C,D
#
# COMPACT_ATOMS: atom_id res chain seq x y z
N SER A 41 30.40 1.50 49.87
CA SER A 41 29.96 0.24 49.29
C SER A 41 29.34 0.45 47.92
N GLU A 42 29.80 -0.32 46.94
CA GLU A 42 29.31 -0.22 45.57
C GLU A 42 28.45 -1.41 45.16
N ARG A 43 28.50 -2.52 45.89
CA ARG A 43 27.75 -3.71 45.55
C ARG A 43 26.31 -3.53 46.05
N ILE A 44 25.44 -3.09 45.14
CA ILE A 44 24.02 -2.96 45.42
C ILE A 44 23.26 -3.91 44.50
N VAL A 45 23.02 -5.13 44.98
CA VAL A 45 22.35 -6.16 44.19
C VAL A 45 20.85 -6.01 44.37
N ILE A 46 20.11 -6.09 43.27
CA ILE A 46 18.66 -5.91 43.26
C ILE A 46 18.04 -7.21 42.78
N ASN A 47 17.13 -7.77 43.57
CA ASN A 47 16.43 -9.01 43.24
C ASN A 47 15.04 -8.62 42.75
N VAL A 48 14.87 -8.60 41.43
CA VAL A 48 13.62 -8.21 40.81
C VAL A 48 12.97 -9.49 40.29
N GLY A 49 12.07 -10.06 41.08
CA GLY A 49 11.32 -11.22 40.67
C GLY A 49 12.13 -12.50 40.55
N GLY A 50 13.38 -12.49 40.98
CA GLY A 50 14.22 -13.68 40.90
C GLY A 50 15.57 -13.39 40.26
N THR A 51 15.59 -12.52 39.26
CA THR A 51 16.83 -12.13 38.62
C THR A 51 17.60 -11.17 39.51
N ARG A 52 18.89 -11.43 39.68
CA ARG A 52 19.73 -10.66 40.62
C ARG A 52 20.51 -9.62 39.83
N HIS A 53 19.87 -8.49 39.55
CA HIS A 53 20.56 -7.39 38.90
C HIS A 53 21.56 -6.74 39.85
N GLN A 54 22.70 -6.34 39.31
CA GLN A 54 23.78 -5.76 40.10
C GLN A 54 24.37 -4.58 39.37
N THR A 55 24.69 -3.53 40.13
CA THR A 55 25.28 -2.32 39.55
C THR A 55 25.95 -1.54 40.67
N TYR A 56 26.72 -0.53 40.28
CA TYR A 56 27.41 0.31 41.25
C TYR A 56 26.43 1.23 41.98
N ARG A 57 26.80 1.60 43.20
CA ARG A 57 25.94 2.48 43.98
C ARG A 57 25.82 3.86 43.35
N SER A 58 26.92 4.36 42.79
CA SER A 58 26.90 5.71 42.21
C SER A 58 25.94 5.81 41.04
N THR A 59 25.70 4.71 40.33
CA THR A 59 24.85 4.77 39.15
C THR A 59 23.42 5.13 39.51
N LEU A 60 22.91 4.60 40.63
CA LEU A 60 21.51 4.82 40.99
C LEU A 60 21.21 6.27 41.33
N ARG A 61 22.23 7.07 41.66
CA ARG A 61 22.01 8.46 42.04
C ARG A 61 21.95 9.41 40.83
N THR A 62 22.15 8.89 39.61
CA THR A 62 22.13 9.75 38.44
C THR A 62 20.77 10.38 38.20
N LEU A 63 19.70 9.82 38.78
CA LEU A 63 18.34 10.32 38.62
C LEU A 63 17.75 10.54 40.00
N PRO A 64 18.07 11.67 40.64
CA PRO A 64 17.54 11.91 41.99
C PRO A 64 16.03 11.99 42.00
N GLY A 65 15.42 11.52 43.09
CA GLY A 65 13.99 11.52 43.26
C GLY A 65 13.31 10.24 42.88
N THR A 66 13.96 9.38 42.10
CA THR A 66 13.37 8.12 41.67
C THR A 66 13.54 7.06 42.76
N ARG A 67 12.76 5.98 42.63
CA ARG A 67 12.74 4.95 43.66
C ARG A 67 14.12 4.34 43.84
N LEU A 68 14.82 4.06 42.74
CA LEU A 68 16.16 3.49 42.85
C LEU A 68 17.11 4.45 43.55
N ALA A 69 16.99 5.75 43.26
CA ALA A 69 17.83 6.73 43.92
C ALA A 69 17.61 6.72 45.43
N TRP A 70 16.35 6.66 45.86
CA TRP A 70 16.06 6.57 47.29
C TRP A 70 16.62 5.28 47.87
N LEU A 71 16.50 4.17 47.14
CA LEU A 71 17.02 2.90 47.62
C LEU A 71 18.53 2.97 47.83
N ALA A 72 19.25 3.58 46.89
CA ALA A 72 20.71 3.62 46.98
C ALA A 72 21.21 4.37 48.20
N GLU A 73 20.36 5.19 48.82
CA GLU A 73 20.78 5.95 49.99
C GLU A 73 21.05 5.00 51.16
N PRO A 74 22.01 5.32 52.03
CA PRO A 74 22.29 4.43 53.17
C PRO A 74 21.10 4.25 54.09
N ASP A 75 20.27 5.27 54.26
CA ASP A 75 19.10 5.20 55.13
C ASP A 75 17.87 4.73 54.35
N ALA A 76 17.98 3.53 53.80
CA ALA A 76 16.89 2.93 53.03
C ALA A 76 16.63 1.47 53.41
N HIS A 77 17.31 0.95 54.43
CA HIS A 77 17.09 -0.44 54.83
C HIS A 77 15.67 -0.66 55.30
N SER A 78 15.15 0.24 56.14
CA SER A 78 13.79 0.10 56.65
C SER A 78 12.74 0.44 55.60
N HIS A 79 13.05 1.37 54.68
CA HIS A 79 12.07 1.75 53.68
C HIS A 79 11.70 0.57 52.78
N PHE A 80 12.69 -0.21 52.37
CA PHE A 80 12.47 -1.36 51.50
C PHE A 80 12.93 -2.61 52.22
N ASP A 81 12.03 -3.57 52.38
CA ASP A 81 12.37 -4.81 53.08
C ASP A 81 13.35 -5.63 52.26
N TYR A 82 14.37 -6.16 52.93
CA TYR A 82 15.37 -7.00 52.27
C TYR A 82 15.94 -7.99 53.28
N ASP A 83 16.47 -9.08 52.76
CA ASP A 83 17.08 -10.10 53.59
C ASP A 83 18.52 -9.71 53.92
N PRO A 84 18.88 -9.53 55.20
CA PRO A 84 20.28 -9.18 55.51
C PRO A 84 21.27 -10.24 55.07
N ARG A 85 20.89 -11.51 55.10
CA ARG A 85 21.80 -12.57 54.69
C ARG A 85 22.18 -12.42 53.22
N ALA A 86 21.20 -12.49 52.32
CA ALA A 86 21.46 -12.34 50.89
C ALA A 86 21.93 -10.93 50.54
N ASP A 87 21.65 -9.95 51.38
CA ASP A 87 22.04 -8.55 51.12
C ASP A 87 21.49 -8.08 49.79
N GLU A 88 20.26 -8.50 49.47
CA GLU A 88 19.61 -8.16 48.21
C GLU A 88 18.22 -7.61 48.49
N PHE A 89 17.91 -6.47 47.89
CA PHE A 89 16.60 -5.86 48.03
C PHE A 89 15.63 -6.53 47.07
N PHE A 90 14.49 -6.98 47.60
CA PHE A 90 13.53 -7.74 46.81
C PHE A 90 12.45 -6.84 46.25
N PHE A 91 12.03 -7.14 45.02
CA PHE A 91 10.89 -6.51 44.39
C PHE A 91 10.04 -7.58 43.72
N ASP A 92 8.80 -7.21 43.42
CA ASP A 92 7.83 -8.15 42.86
C ASP A 92 7.27 -7.62 41.54
N ARG A 93 8.16 -7.19 40.66
CA ARG A 93 7.81 -6.62 39.36
C ARG A 93 8.38 -7.47 38.24
N HIS A 94 8.22 -6.99 37.01
CA HIS A 94 8.66 -7.73 35.84
C HIS A 94 10.17 -7.63 35.69
N PRO A 95 10.92 -8.75 35.68
CA PRO A 95 12.38 -8.65 35.56
C PRO A 95 12.85 -8.26 34.17
N GLY A 96 12.07 -8.55 33.13
CA GLY A 96 12.54 -8.30 31.77
C GLY A 96 12.81 -6.84 31.48
N VAL A 97 11.87 -5.97 31.86
CA VAL A 97 11.99 -4.55 31.54
C VAL A 97 12.86 -3.80 32.54
N PHE A 98 13.12 -4.39 33.72
CA PHE A 98 14.02 -3.75 34.67
C PHE A 98 15.41 -3.55 34.07
N ALA A 99 15.80 -4.41 33.14
CA ALA A 99 17.09 -4.24 32.49
C ALA A 99 17.15 -2.90 31.75
N HIS A 100 16.09 -2.58 30.99
CA HIS A 100 16.05 -1.30 30.29
C HIS A 100 15.90 -0.15 31.27
N ILE A 101 15.07 -0.33 32.29
CA ILE A 101 14.88 0.73 33.28
C ILE A 101 16.22 1.11 33.91
N LEU A 102 17.05 0.11 34.21
CA LEU A 102 18.37 0.38 34.79
C LEU A 102 19.36 0.87 33.75
N ASN A 103 19.26 0.40 32.51
CA ASN A 103 20.12 0.91 31.44
C ASN A 103 19.89 2.40 31.22
N TYR A 104 18.68 2.89 31.52
CA TYR A 104 18.46 4.32 31.54
C TYR A 104 19.47 5.01 32.45
N TYR A 105 19.62 4.48 33.67
CA TYR A 105 20.62 5.01 34.59
C TYR A 105 22.03 4.81 34.05
N ARG A 106 22.31 3.64 33.48
CA ARG A 106 23.65 3.32 33.04
C ARG A 106 24.11 4.27 31.94
N THR A 107 23.44 4.23 30.79
CA THR A 107 23.86 5.02 29.63
C THR A 107 23.29 6.42 29.62
N GLY A 108 22.15 6.66 30.28
CA GLY A 108 21.55 7.97 30.33
C GLY A 108 20.46 8.20 29.30
N LYS A 109 20.00 7.16 28.62
CA LYS A 109 18.94 7.27 27.63
C LYS A 109 17.88 6.22 27.90
N LEU A 110 16.62 6.61 27.73
CA LEU A 110 15.48 5.75 28.02
C LEU A 110 14.89 5.23 26.71
N HIS A 111 14.71 3.91 26.64
CA HIS A 111 14.10 3.27 25.49
C HIS A 111 13.06 2.27 25.98
N CYS A 112 12.06 2.01 25.14
CA CYS A 112 11.05 1.02 25.47
C CYS A 112 11.30 -0.27 24.69
N PRO A 113 11.29 -1.42 25.35
CA PRO A 113 11.56 -2.67 24.63
C PRO A 113 10.47 -2.98 23.61
N ALA A 114 10.88 -3.65 22.54
CA ALA A 114 9.98 -3.98 21.43
C ALA A 114 9.40 -5.39 21.54
N ASP A 115 9.69 -6.12 22.61
CA ASP A 115 9.18 -7.47 22.81
C ASP A 115 8.00 -7.50 23.78
N VAL A 116 7.52 -6.34 24.22
CA VAL A 116 6.39 -6.26 25.14
C VAL A 116 5.47 -5.15 24.68
N CYS A 117 4.23 -5.19 25.18
CA CYS A 117 3.25 -4.17 24.86
C CYS A 117 3.60 -2.85 25.55
N GLY A 118 3.26 -1.75 24.89
CA GLY A 118 3.56 -0.43 25.39
C GLY A 118 2.96 -0.16 26.76
N PRO A 119 1.67 -0.49 26.93
CA PRO A 119 1.05 -0.26 28.24
C PRO A 119 1.75 -0.96 29.40
N LEU A 120 2.28 -2.16 29.17
CA LEU A 120 3.00 -2.85 30.24
C LEU A 120 4.23 -2.06 30.66
N TYR A 121 5.00 -1.58 29.68
CA TYR A 121 6.18 -0.78 30.00
C TYR A 121 5.78 0.51 30.69
N GLU A 122 4.67 1.11 30.26
CA GLU A 122 4.18 2.33 30.90
C GLU A 122 3.86 2.07 32.37
N GLU A 123 3.16 0.98 32.65
CA GLU A 123 2.83 0.64 34.03
C GLU A 123 4.10 0.41 34.85
N GLU A 124 5.07 -0.31 34.27
CA GLU A 124 6.29 -0.61 35.01
C GLU A 124 7.07 0.66 35.33
N LEU A 125 7.23 1.55 34.35
CA LEU A 125 7.97 2.79 34.60
C LEU A 125 7.19 3.76 35.47
N ALA A 126 5.86 3.64 35.52
CA ALA A 126 5.10 4.40 36.50
C ALA A 126 5.32 3.87 37.90
N PHE A 127 5.42 2.54 38.04
CA PHE A 127 5.75 1.97 39.34
C PHE A 127 7.14 2.41 39.79
N TRP A 128 8.10 2.42 38.87
CA TRP A 128 9.47 2.80 39.20
C TRP A 128 9.66 4.31 39.29
N GLY A 129 8.60 5.10 39.14
CA GLY A 129 8.72 6.54 39.31
C GLY A 129 9.58 7.22 38.27
N ILE A 130 9.40 6.87 37.01
CA ILE A 130 10.14 7.48 35.91
C ILE A 130 9.14 8.08 34.93
N ASP A 131 9.38 9.32 34.52
CA ASP A 131 8.49 9.98 33.59
C ASP A 131 8.61 9.39 32.19
N GLU A 132 7.48 9.23 31.51
CA GLU A 132 7.46 8.67 30.17
C GLU A 132 7.82 9.67 29.09
N THR A 133 7.99 10.95 29.44
CA THR A 133 8.35 11.97 28.47
C THR A 133 9.84 11.94 28.10
N ASP A 134 10.65 11.17 28.83
CA ASP A 134 12.08 11.10 28.56
C ASP A 134 12.45 10.05 27.53
N VAL A 135 11.49 9.25 27.06
CA VAL A 135 11.79 8.25 26.05
C VAL A 135 12.27 8.94 24.78
N GLU A 136 13.33 8.41 24.19
CA GLU A 136 13.89 8.99 22.99
C GLU A 136 12.90 8.89 21.84
N PRO A 137 13.03 9.77 20.83
CA PRO A 137 12.06 9.73 19.73
C PRO A 137 12.25 8.54 18.80
N CYS A 138 13.32 7.77 18.95
CA CYS A 138 13.50 6.58 18.14
C CYS A 138 12.44 5.54 18.42
N CYS A 139 11.84 5.57 19.61
CA CYS A 139 10.85 4.56 20.00
C CYS A 139 9.68 5.19 20.75
N TRP A 140 9.37 6.46 20.45
CA TRP A 140 8.23 7.13 21.07
C TRP A 140 6.95 6.92 20.29
N MET A 141 7.03 6.88 18.95
CA MET A 141 5.81 6.80 18.16
C MET A 141 5.07 5.49 18.41
N THR A 142 5.79 4.38 18.48
CA THR A 142 5.15 3.09 18.77
C THR A 142 4.73 2.99 20.22
N TYR A 143 5.51 3.58 21.13
CA TYR A 143 5.13 3.57 22.54
C TYR A 143 3.81 4.29 22.77
N ARG A 144 3.63 5.44 22.13
CA ARG A 144 2.37 6.18 22.19
C ARG A 144 1.51 5.88 20.96
N GLN A 145 1.11 4.60 20.88
CA GLN A 145 0.35 4.11 19.73
C GLN A 145 -1.02 3.60 20.12
N HIS A 146 -1.13 2.83 21.19
CA HIS A 146 -2.42 2.28 21.59
C HIS A 146 -3.22 3.27 22.44
N ARG A 147 -2.54 4.02 23.31
CA ARG A 147 -3.24 4.89 24.24
C ARG A 147 -3.92 6.05 23.52
N ASP A 148 -3.26 6.64 22.53
CA ASP A 148 -3.87 7.74 21.79
C ASP A 148 -5.13 7.27 21.07
N ALA A 149 -5.07 6.11 20.43
CA ALA A 149 -6.24 5.58 19.75
C ALA A 149 -7.36 5.24 20.74
N GLU A 150 -7.00 4.67 21.89
CA GLU A 150 -8.01 4.37 22.91
C GLU A 150 -8.70 5.64 23.37
N GLU A 151 -7.93 6.69 23.65
CA GLU A 151 -8.51 7.95 24.08
C GLU A 151 -9.39 8.56 22.99
N ALA A 152 -8.94 8.52 21.74
CA ALA A 152 -9.75 9.05 20.65
C ALA A 152 -11.07 8.30 20.53
N LEU A 153 -11.04 6.96 20.65
CA LEU A 153 -12.28 6.21 20.62
C LEU A 153 -13.16 6.57 21.80
N ASP A 154 -12.58 6.77 22.98
CA ASP A 154 -13.34 7.12 24.17
C ASP A 154 -14.01 8.48 24.06
N SER A 155 -13.59 9.32 23.12
CA SER A 155 -14.17 10.63 22.93
C SER A 155 -15.67 10.52 22.61
N ARG A 204 -44.19 15.09 36.42
CA ARG A 204 -43.55 14.60 35.20
C ARG A 204 -42.85 13.27 35.45
N ARG A 205 -43.64 12.19 35.50
CA ARG A 205 -43.12 10.84 35.71
C ARG A 205 -42.98 10.06 34.42
N TRP A 206 -43.19 10.71 33.26
CA TRP A 206 -43.06 10.05 31.97
C TRP A 206 -41.90 10.58 31.15
N GLN A 207 -41.22 11.63 31.60
CA GLN A 207 -40.09 12.19 30.85
C GLN A 207 -39.04 11.14 30.50
N PRO A 208 -38.57 10.31 31.43
CA PRO A 208 -37.54 9.33 31.06
C PRO A 208 -38.00 8.34 30.00
N ARG A 209 -39.17 7.73 30.18
CA ARG A 209 -39.65 6.75 29.21
C ARG A 209 -39.90 7.40 27.84
N ILE A 210 -40.51 8.58 27.84
CA ILE A 210 -40.80 9.26 26.57
C ILE A 210 -39.51 9.58 25.83
N TRP A 211 -38.52 10.12 26.55
CA TRP A 211 -37.24 10.42 25.91
C TRP A 211 -36.53 9.16 25.46
N ALA A 212 -36.72 8.05 26.18
CA ALA A 212 -36.10 6.79 25.79
C ALA A 212 -36.83 6.12 24.64
N LEU A 213 -38.05 6.56 24.32
CA LEU A 213 -38.72 6.05 23.13
C LEU A 213 -37.94 6.42 21.88
N PHE A 214 -37.33 7.60 21.86
CA PHE A 214 -36.46 8.05 20.79
C PHE A 214 -35.02 8.07 21.29
N GLU A 215 -34.10 8.42 20.40
CA GLU A 215 -32.70 8.69 20.73
C GLU A 215 -31.92 7.41 21.03
N ASP A 216 -32.58 6.25 21.02
CA ASP A 216 -31.91 4.98 21.29
C ASP A 216 -32.66 3.86 20.58
N PRO A 217 -32.17 3.38 19.44
CA PRO A 217 -32.88 2.29 18.75
C PRO A 217 -33.03 1.04 19.60
N TYR A 218 -31.93 0.52 20.15
CA TYR A 218 -31.95 -0.73 20.91
C TYR A 218 -32.00 -0.44 22.41
N SER A 219 -33.20 -0.06 22.86
CA SER A 219 -33.45 0.13 24.28
C SER A 219 -34.84 -0.33 24.71
N SER A 220 -35.65 -0.87 23.80
CA SER A 220 -36.99 -1.34 24.13
C SER A 220 -37.58 -2.03 22.91
N ARG A 221 -38.81 -2.55 23.05
CA ARG A 221 -39.48 -3.21 21.96
C ARG A 221 -40.19 -2.24 21.02
N TYR A 222 -40.28 -0.95 21.40
CA TYR A 222 -40.96 0.04 20.58
C TYR A 222 -40.00 1.02 19.91
N ALA A 223 -38.82 1.27 20.49
CA ALA A 223 -37.90 2.21 19.89
C ALA A 223 -37.41 1.72 18.53
N ARG A 224 -37.27 0.40 18.38
CA ARG A 224 -36.82 -0.15 17.11
C ARG A 224 -37.80 0.18 15.98
N TYR A 225 -39.10 0.04 16.25
CA TYR A 225 -40.11 0.36 15.24
C TYR A 225 -40.08 1.84 14.89
N VAL A 226 -39.91 2.70 15.89
CA VAL A 226 -39.84 4.13 15.64
C VAL A 226 -38.64 4.45 14.76
N ALA A 227 -37.48 3.83 15.04
CA ALA A 227 -36.31 4.05 14.23
C ALA A 227 -36.53 3.58 12.79
N PHE A 228 -37.17 2.42 12.62
CA PHE A 228 -37.44 1.93 11.28
C PHE A 228 -38.37 2.88 10.53
N ALA A 229 -39.40 3.39 11.19
CA ALA A 229 -40.30 4.33 10.54
C ALA A 229 -39.57 5.61 10.15
N SER A 230 -38.70 6.10 11.05
CA SER A 230 -37.92 7.29 10.73
C SER A 230 -37.02 7.05 9.52
N LEU A 231 -36.39 5.89 9.45
CA LEU A 231 -35.56 5.55 8.29
C LEU A 231 -36.39 5.51 7.02
N PHE A 232 -37.58 4.90 7.09
CA PHE A 232 -38.43 4.82 5.91
C PHE A 232 -38.80 6.20 5.41
N PHE A 233 -39.23 7.08 6.32
CA PHE A 233 -39.63 8.42 5.90
C PHE A 233 -38.45 9.24 5.42
N ILE A 234 -37.28 9.06 6.02
CA ILE A 234 -36.08 9.76 5.55
C ILE A 234 -35.74 9.35 4.12
N LEU A 235 -35.77 8.05 3.85
CA LEU A 235 -35.48 7.58 2.50
C LEU A 235 -36.52 8.05 1.50
N VAL A 236 -37.79 8.07 1.91
CA VAL A 236 -38.83 8.58 1.04
C VAL A 236 -38.60 10.04 0.72
N SER A 237 -38.25 10.84 1.72
CA SER A 237 -37.98 12.26 1.49
C SER A 237 -36.80 12.46 0.55
N ILE A 238 -35.73 11.69 0.76
CA ILE A 238 -34.57 11.81 -0.12
C ILE A 238 -34.93 11.45 -1.56
N THR A 239 -35.69 10.36 -1.74
CA THR A 239 -36.09 9.95 -3.08
C THR A 239 -36.95 11.02 -3.74
N THR A 240 -37.91 11.58 -3.00
CA THR A 240 -38.75 12.62 -3.57
C THR A 240 -37.95 13.86 -3.93
N PHE A 241 -36.99 14.23 -3.07
CA PHE A 241 -36.15 15.38 -3.36
C PHE A 241 -35.34 15.16 -4.63
N CYS A 242 -34.81 13.95 -4.82
CA CYS A 242 -34.07 13.66 -6.04
C CYS A 242 -34.98 13.67 -7.26
N LEU A 243 -36.22 13.16 -7.11
CA LEU A 243 -37.14 13.12 -8.24
C LEU A 243 -37.57 14.52 -8.64
N GLU A 244 -37.71 15.43 -7.67
CA GLU A 244 -38.21 16.76 -7.98
C GLU A 244 -37.34 17.48 -9.00
N THR A 245 -36.08 17.08 -9.13
CA THR A 245 -35.17 17.72 -10.07
C THR A 245 -35.22 17.12 -11.46
N HIS A 246 -36.04 16.11 -11.68
CA HIS A 246 -36.12 15.46 -12.98
C HIS A 246 -37.07 16.22 -13.91
N GLU A 247 -36.95 15.94 -15.20
CA GLU A 247 -37.77 16.60 -16.20
C GLU A 247 -39.09 15.92 -16.45
N ARG A 248 -39.24 14.65 -16.03
CA ARG A 248 -40.51 13.96 -16.21
C ARG A 248 -41.57 14.45 -15.23
N PHE A 249 -41.16 14.88 -14.04
CA PHE A 249 -42.07 15.35 -13.00
C PHE A 249 -42.15 16.86 -12.94
N ASN A 250 -41.56 17.56 -13.90
CA ASN A 250 -41.63 19.02 -13.98
C ASN A 250 -42.04 19.43 -15.39
N PRO A 251 -43.26 19.07 -15.80
CA PRO A 251 -43.72 19.46 -17.14
C PRO A 251 -43.97 20.94 -17.24
N ILE A 252 -43.87 21.45 -18.46
CA ILE A 252 -44.10 22.87 -18.74
C ILE A 252 -45.56 23.05 -19.15
N VAL A 253 -46.23 24.01 -18.53
CA VAL A 253 -47.63 24.28 -18.81
C VAL A 253 -47.75 25.33 -19.90
N TYR A 269 -46.58 34.22 -15.46
CA TYR A 269 -46.48 32.78 -15.61
C TYR A 269 -47.08 32.33 -16.94
N TYR A 270 -46.29 32.41 -18.00
CA TYR A 270 -46.76 31.99 -19.32
C TYR A 270 -46.69 30.47 -19.47
N ARG A 271 -45.48 29.91 -19.41
CA ARG A 271 -45.28 28.47 -19.46
C ARG A 271 -44.69 27.94 -18.17
N GLU A 272 -43.52 28.43 -17.76
CA GLU A 272 -42.89 28.00 -16.52
C GLU A 272 -42.75 26.48 -16.48
N ALA A 273 -42.42 25.94 -15.31
CA ALA A 273 -42.34 24.50 -15.10
C ALA A 273 -42.95 24.18 -13.75
N GLU A 274 -44.04 23.41 -13.75
CA GLU A 274 -44.82 23.14 -12.56
C GLU A 274 -44.66 21.67 -12.16
N THR A 275 -44.18 21.44 -10.94
CA THR A 275 -43.94 20.09 -10.46
C THR A 275 -45.25 19.37 -10.15
N GLU A 276 -45.20 18.05 -10.24
CA GLU A 276 -46.38 17.23 -9.97
C GLU A 276 -46.84 17.42 -8.53
N ALA A 277 -48.03 16.89 -8.23
CA ALA A 277 -48.64 17.12 -6.93
C ALA A 277 -48.34 16.00 -5.95
N PHE A 278 -48.32 14.75 -6.42
CA PHE A 278 -48.08 13.63 -5.51
C PHE A 278 -46.72 13.75 -4.84
N LEU A 279 -45.72 14.29 -5.55
CA LEU A 279 -44.44 14.57 -4.92
C LEU A 279 -44.56 15.54 -3.76
N THR A 280 -45.62 16.35 -3.76
CA THR A 280 -45.85 17.25 -2.64
C THR A 280 -46.64 16.57 -1.52
N TYR A 281 -47.58 15.70 -1.87
CA TYR A 281 -48.34 14.99 -0.84
C TYR A 281 -47.43 14.05 -0.05
N ILE A 282 -46.53 13.35 -0.74
CA ILE A 282 -45.60 12.46 -0.05
C ILE A 282 -44.76 13.24 0.95
N GLU A 283 -44.21 14.38 0.51
CA GLU A 283 -43.42 15.20 1.41
C GLU A 283 -44.28 15.76 2.54
N GLY A 284 -45.56 16.02 2.28
CA GLY A 284 -46.43 16.47 3.36
C GLY A 284 -46.57 15.42 4.45
N VAL A 285 -46.78 14.17 4.04
CA VAL A 285 -46.88 13.09 5.03
C VAL A 285 -45.57 12.96 5.81
N CYS A 286 -44.45 12.98 5.09
CA CYS A 286 -43.15 12.85 5.74
C CYS A 286 -42.93 14.00 6.72
N VAL A 287 -43.33 15.22 6.33
CA VAL A 287 -43.14 16.39 7.19
C VAL A 287 -44.04 16.30 8.41
N VAL A 288 -45.25 15.77 8.26
CA VAL A 288 -46.12 15.55 9.42
C VAL A 288 -45.42 14.63 10.43
N TRP A 289 -44.90 13.51 9.94
CA TRP A 289 -44.21 12.61 10.85
C TRP A 289 -43.00 13.29 11.49
N PHE A 290 -42.22 14.02 10.70
CA PHE A 290 -41.01 14.64 11.23
C PHE A 290 -41.32 15.71 12.26
N THR A 291 -42.36 16.51 12.02
CA THR A 291 -42.71 17.54 12.99
C THR A 291 -43.25 16.92 14.28
N PHE A 292 -44.03 15.83 14.16
CA PHE A 292 -44.46 15.14 15.37
C PHE A 292 -43.25 14.64 16.17
N GLU A 293 -42.30 14.01 15.49
CA GLU A 293 -41.11 13.51 16.17
C GLU A 293 -40.32 14.64 16.80
N PHE A 294 -40.15 15.75 16.08
CA PHE A 294 -39.38 16.86 16.60
C PHE A 294 -40.04 17.47 17.83
N LEU A 295 -41.35 17.65 17.79
CA LEU A 295 -42.05 18.17 18.95
C LEU A 295 -41.91 17.22 20.14
N MET A 296 -42.09 15.93 19.91
CA MET A 296 -42.00 14.97 21.01
C MET A 296 -40.59 14.96 21.61
N ARG A 297 -39.57 15.08 20.77
CA ARG A 297 -38.19 15.10 21.28
C ARG A 297 -37.91 16.38 22.05
N VAL A 298 -38.27 17.53 21.50
CA VAL A 298 -37.90 18.80 22.13
C VAL A 298 -38.66 18.99 23.44
N ILE A 299 -39.95 18.62 23.46
CA ILE A 299 -40.74 18.83 24.68
C ILE A 299 -40.20 17.98 25.81
N PHE A 300 -40.01 16.69 25.56
CA PHE A 300 -39.58 15.74 26.59
C PHE A 300 -38.08 15.49 26.49
N CYS A 301 -37.31 16.53 26.78
CA CYS A 301 -35.85 16.41 26.84
C CYS A 301 -35.32 17.36 27.89
N PRO A 302 -34.18 17.03 28.51
CA PRO A 302 -33.55 17.94 29.46
C PRO A 302 -32.61 18.92 28.76
N ASN A 303 -32.17 19.91 29.54
CA ASN A 303 -31.16 20.89 29.11
C ASN A 303 -31.38 21.31 27.66
N LYS A 304 -32.53 21.96 27.43
CA LYS A 304 -32.94 22.37 26.09
C LYS A 304 -31.79 23.03 25.32
N VAL A 305 -30.89 23.71 26.03
CA VAL A 305 -29.77 24.37 25.35
C VAL A 305 -28.88 23.34 24.67
N GLU A 306 -28.60 22.23 25.35
CA GLU A 306 -27.83 21.16 24.72
C GLU A 306 -28.58 20.57 23.53
N PHE A 307 -29.90 20.44 23.66
CA PHE A 307 -30.71 19.95 22.55
C PHE A 307 -30.55 20.84 21.32
N ILE A 308 -30.60 22.15 21.53
CA ILE A 308 -30.42 23.09 20.42
C ILE A 308 -29.01 23.01 19.87
N LYS A 309 -28.03 22.80 20.74
CA LYS A 309 -26.62 22.76 20.33
C LYS A 309 -26.21 21.42 19.74
N ASN A 310 -27.10 20.42 19.75
CA ASN A 310 -26.72 19.09 19.29
C ASN A 310 -26.27 19.10 17.83
N SER A 311 -26.66 20.11 17.07
CA SER A 311 -26.23 20.29 15.68
C SER A 311 -26.90 19.32 14.73
N LEU A 312 -27.68 18.36 15.27
CA LEU A 312 -28.48 17.47 14.44
C LEU A 312 -29.96 17.78 14.49
N ASN A 313 -30.43 18.45 15.55
CA ASN A 313 -31.81 18.92 15.58
C ASN A 313 -32.02 20.13 14.69
N ILE A 314 -30.97 20.94 14.51
CA ILE A 314 -31.04 22.07 13.59
C ILE A 314 -31.35 21.57 12.18
N ILE A 315 -30.73 20.46 11.79
CA ILE A 315 -31.01 19.88 10.48
C ILE A 315 -32.46 19.45 10.38
N ASP A 316 -32.97 18.78 11.42
CA ASP A 316 -34.35 18.32 11.39
C ASP A 316 -35.33 19.48 11.35
N PHE A 317 -34.96 20.63 11.93
CA PHE A 317 -35.83 21.80 11.92
C PHE A 317 -35.79 22.51 10.57
N VAL A 318 -34.60 22.69 10.01
CA VAL A 318 -34.46 23.37 8.73
C VAL A 318 -34.94 22.49 7.58
N ALA A 319 -35.04 21.18 7.78
CA ALA A 319 -35.57 20.31 6.73
C ALA A 319 -37.08 20.32 6.65
N ILE A 320 -37.76 20.81 7.68
CA ILE A 320 -39.21 20.95 7.65
C ILE A 320 -39.66 22.40 7.51
N LEU A 321 -38.80 23.35 7.86
CA LEU A 321 -39.17 24.77 7.70
C LEU A 321 -39.57 25.12 6.28
N PRO A 322 -38.81 24.76 5.25
CA PRO A 322 -39.17 25.20 3.88
C PRO A 322 -40.54 24.73 3.43
N PHE A 323 -40.98 23.54 3.82
CA PHE A 323 -42.31 23.07 3.42
C PHE A 323 -43.39 23.99 3.96
N TYR A 324 -43.32 24.32 5.25
CA TYR A 324 -44.31 25.22 5.83
C TYR A 324 -44.22 26.61 5.24
N LEU A 325 -43.00 27.11 4.99
CA LEU A 325 -42.88 28.41 4.36
C LEU A 325 -43.51 28.42 2.98
N GLU A 326 -43.29 27.36 2.20
CA GLU A 326 -43.88 27.28 0.87
C GLU A 326 -45.39 27.24 0.93
N VAL A 327 -45.94 26.40 1.82
CA VAL A 327 -47.39 26.24 1.86
C VAL A 327 -48.06 27.52 2.37
N GLY A 328 -47.43 28.20 3.32
CA GLY A 328 -47.97 29.43 3.85
C GLY A 328 -47.50 30.70 3.19
N LEU A 329 -46.78 30.60 2.07
CA LEU A 329 -46.25 31.77 1.37
C LEU A 329 -46.49 31.63 -0.13
N SER A 330 -47.67 31.15 -0.50
CA SER A 330 -48.05 30.95 -1.90
C SER A 330 -49.24 31.83 -2.27
N GLY A 331 -49.20 33.08 -1.83
CA GLY A 331 -50.26 34.04 -2.06
C GLY A 331 -49.96 34.97 -3.22
N LEU A 332 -50.47 36.19 -3.13
CA LEU A 332 -50.29 37.19 -4.17
C LEU A 332 -48.90 37.82 -4.03
N SER A 333 -48.68 38.94 -4.72
CA SER A 333 -47.40 39.62 -4.72
C SER A 333 -46.31 38.71 -5.30
N SER A 334 -46.53 38.31 -6.56
CA SER A 334 -45.61 37.39 -7.21
C SER A 334 -44.23 37.99 -7.42
N LYS A 335 -44.14 39.31 -7.59
CA LYS A 335 -42.88 39.94 -7.94
C LYS A 335 -41.75 39.51 -7.00
N ALA A 336 -42.03 39.48 -5.69
CA ALA A 336 -41.06 39.03 -4.71
C ALA A 336 -41.33 37.62 -4.21
N ALA A 337 -42.60 37.20 -4.17
CA ALA A 337 -42.94 35.88 -3.67
C ALA A 337 -42.32 34.79 -4.54
N LYS A 338 -42.42 34.94 -5.86
CA LYS A 338 -41.86 33.92 -6.75
C LYS A 338 -40.36 33.82 -6.58
N ASP A 339 -39.66 34.96 -6.51
CA ASP A 339 -38.21 34.93 -6.37
C ASP A 339 -37.79 34.31 -5.03
N VAL A 340 -38.45 34.70 -3.94
CA VAL A 340 -38.08 34.17 -2.64
C VAL A 340 -38.36 32.67 -2.58
N LEU A 341 -39.48 32.23 -3.16
CA LEU A 341 -39.76 30.80 -3.21
C LEU A 341 -38.71 30.06 -4.04
N GLY A 342 -38.32 30.63 -5.18
CA GLY A 342 -37.33 29.98 -6.01
C GLY A 342 -35.98 29.83 -5.33
N PHE A 343 -35.57 30.86 -4.58
CA PHE A 343 -34.29 30.82 -3.89
C PHE A 343 -34.36 30.12 -2.54
N LEU A 344 -35.57 29.87 -2.01
CA LEU A 344 -35.74 29.04 -0.83
C LEU A 344 -35.88 27.57 -1.18
N ARG A 345 -36.25 27.26 -2.42
CA ARG A 345 -36.31 25.88 -2.87
C ARG A 345 -34.93 25.22 -2.86
N VAL A 346 -33.86 26.01 -2.75
CA VAL A 346 -32.52 25.46 -2.66
C VAL A 346 -32.24 24.88 -1.29
N VAL A 347 -32.96 25.34 -0.26
CA VAL A 347 -32.74 24.84 1.10
C VAL A 347 -33.14 23.38 1.24
N ARG A 348 -33.83 22.81 0.26
CA ARG A 348 -34.25 21.42 0.33
C ARG A 348 -33.08 20.46 0.32
N PHE A 349 -31.87 20.91 -0.03
CA PHE A 349 -30.70 20.04 0.02
C PHE A 349 -30.45 19.53 1.43
N VAL A 350 -30.96 20.22 2.46
CA VAL A 350 -30.77 19.78 3.84
C VAL A 350 -31.58 18.54 4.18
N ARG A 351 -32.42 18.06 3.25
CA ARG A 351 -33.16 16.85 3.50
C ARG A 351 -32.28 15.62 3.42
N ILE A 352 -31.19 15.68 2.66
CA ILE A 352 -30.28 14.55 2.55
C ILE A 352 -29.31 14.45 3.72
N LEU A 353 -29.23 15.49 4.55
CA LEU A 353 -28.34 15.48 5.70
C LEU A 353 -28.96 14.80 6.92
N ARG A 354 -30.26 14.54 6.91
CA ARG A 354 -30.87 13.78 7.99
C ARG A 354 -30.36 12.35 8.06
N ILE A 355 -29.72 11.86 6.99
CA ILE A 355 -29.22 10.50 6.99
C ILE A 355 -28.08 10.34 7.98
N PHE A 356 -27.42 11.44 8.34
CA PHE A 356 -26.37 11.37 9.35
C PHE A 356 -26.95 11.23 10.75
N LYS A 357 -28.20 11.65 10.95
CA LYS A 357 -28.87 11.40 12.22
C LYS A 357 -29.08 9.92 12.46
N LEU A 358 -28.97 9.10 11.42
CA LEU A 358 -29.26 7.68 11.50
C LEU A 358 -28.03 6.80 11.41
N THR A 359 -26.93 7.30 10.86
CA THR A 359 -25.72 6.51 10.69
C THR A 359 -24.76 6.63 11.87
N ARG A 360 -25.08 7.45 12.87
CA ARG A 360 -24.22 7.57 14.04
C ARG A 360 -24.07 6.25 14.78
N HIS A 361 -25.01 5.33 14.62
CA HIS A 361 -24.93 4.03 15.28
C HIS A 361 -23.97 3.08 14.59
N PHE A 362 -23.85 3.18 13.26
CA PHE A 362 -22.94 2.32 12.53
C PHE A 362 -21.51 2.56 12.97
N VAL A 363 -20.78 1.46 13.23
CA VAL A 363 -19.45 1.58 13.83
C VAL A 363 -18.45 2.16 12.82
N GLY A 364 -18.51 1.69 11.58
CA GLY A 364 -17.52 2.12 10.60
C GLY A 364 -17.53 3.62 10.38
N LEU A 365 -18.71 4.24 10.41
CA LEU A 365 -18.78 5.67 10.19
C LEU A 365 -18.29 6.46 11.40
N ARG A 366 -18.49 5.93 12.61
CA ARG A 366 -17.85 6.54 13.78
C ARG A 366 -16.33 6.48 13.66
N VAL A 367 -15.81 5.33 13.21
CA VAL A 367 -14.37 5.20 13.00
C VAL A 367 -13.89 6.19 11.95
N LEU A 368 -14.67 6.37 10.89
CA LEU A 368 -14.31 7.34 9.85
C LEU A 368 -14.28 8.75 10.42
N GLY A 369 -15.27 9.10 11.23
CA GLY A 369 -15.27 10.41 11.85
C GLY A 369 -14.05 10.64 12.73
N HIS A 370 -13.70 9.64 13.54
CA HIS A 370 -12.51 9.75 14.37
C HIS A 370 -11.26 9.91 13.51
N THR A 371 -11.15 9.13 12.43
CA THR A 371 -9.99 9.23 11.56
C THR A 371 -9.89 10.62 10.94
N LEU A 372 -11.01 11.17 10.47
CA LEU A 372 -10.99 12.51 9.91
C LEU A 372 -10.59 13.54 10.95
N ARG A 373 -11.13 13.42 12.16
CA ARG A 373 -10.79 14.35 13.23
C ARG A 373 -9.36 14.22 13.69
N ALA A 374 -8.71 13.09 13.42
CA ALA A 374 -7.34 12.84 13.87
C ALA A 374 -6.29 13.04 12.78
N SER A 375 -6.68 13.39 11.56
CA SER A 375 -5.75 13.48 10.44
C SER A 375 -6.01 14.75 9.63
N THR A 376 -6.18 15.88 10.33
CA THR A 376 -6.39 17.15 9.63
C THR A 376 -5.10 17.67 9.00
N ASN A 377 -3.96 17.47 9.67
CA ASN A 377 -2.70 17.95 9.12
C ASN A 377 -2.38 17.27 7.80
N GLU A 378 -2.70 15.98 7.68
CA GLU A 378 -2.44 15.28 6.43
C GLU A 378 -3.31 15.82 5.30
N PHE A 379 -4.57 16.14 5.60
CA PHE A 379 -5.42 16.75 4.58
C PHE A 379 -4.88 18.11 4.16
N LEU A 380 -4.43 18.91 5.12
CA LEU A 380 -3.84 20.20 4.79
C LEU A 380 -2.61 20.03 3.90
N LEU A 381 -1.76 19.06 4.24
CA LEU A 381 -0.56 18.80 3.45
C LEU A 381 -0.92 18.37 2.04
N LEU A 382 -1.92 17.49 1.91
CA LEU A 382 -2.37 17.07 0.58
C LEU A 382 -2.88 18.25 -0.23
N ILE A 383 -3.68 19.11 0.39
CA ILE A 383 -4.19 20.28 -0.32
C ILE A 383 -3.06 21.18 -0.79
N ILE A 384 -2.08 21.41 0.08
CA ILE A 384 -0.96 22.30 -0.29
C ILE A 384 -0.16 21.70 -1.43
N PHE A 385 0.15 20.41 -1.36
CA PHE A 385 0.88 19.75 -2.43
C PHE A 385 0.12 19.86 -3.75
N LEU A 386 -1.17 19.57 -3.72
CA LEU A 386 -1.97 19.62 -4.94
C LEU A 386 -2.00 21.04 -5.51
N ALA A 387 -2.14 22.05 -4.64
CA ALA A 387 -2.18 23.42 -5.12
C ALA A 387 -0.87 23.80 -5.80
N LEU A 388 0.26 23.50 -5.16
CA LEU A 388 1.54 23.85 -5.76
C LEU A 388 1.74 23.14 -7.09
N GLY A 389 1.47 21.83 -7.13
CA GLY A 389 1.64 21.10 -8.37
C GLY A 389 0.74 21.61 -9.47
N VAL A 390 -0.52 21.90 -9.14
CA VAL A 390 -1.47 22.41 -10.12
C VAL A 390 -0.97 23.73 -10.70
N LEU A 391 -0.55 24.65 -9.84
CA LEU A 391 -0.05 25.93 -10.32
C LEU A 391 1.15 25.75 -11.24
N ILE A 392 2.14 24.97 -10.80
CA ILE A 392 3.36 24.81 -11.57
C ILE A 392 3.06 24.19 -12.93
N PHE A 393 2.27 23.11 -12.94
CA PHE A 393 2.02 22.40 -14.19
C PHE A 393 1.12 23.19 -15.12
N ALA A 394 0.17 23.96 -14.59
CA ALA A 394 -0.62 24.83 -15.44
C ALA A 394 0.25 25.85 -16.15
N THR A 395 1.15 26.50 -15.40
CA THR A 395 2.06 27.47 -16.01
C THR A 395 2.93 26.79 -17.07
N MET A 396 3.49 25.63 -16.73
CA MET A 396 4.41 24.96 -17.64
C MET A 396 3.72 24.50 -18.91
N ILE A 397 2.49 23.98 -18.81
CA ILE A 397 1.78 23.55 -20.00
C ILE A 397 1.37 24.76 -20.85
N TYR A 398 0.94 25.85 -20.20
CA TYR A 398 0.61 27.05 -20.95
C TYR A 398 1.80 27.52 -21.77
N TYR A 399 3.00 27.50 -21.18
CA TYR A 399 4.17 27.96 -21.94
C TYR A 399 4.63 26.92 -22.95
N ALA A 400 4.48 25.64 -22.63
CA ALA A 400 4.95 24.58 -23.52
C ALA A 400 4.13 24.54 -24.82
N GLU A 401 2.82 24.72 -24.71
CA GLU A 401 1.96 24.65 -25.89
C GLU A 401 2.13 25.84 -26.83
N ARG A 402 3.13 26.70 -26.61
CA ARG A 402 3.30 27.90 -27.42
C ARG A 402 4.73 28.07 -27.92
N ILE A 403 5.59 27.07 -27.77
CA ILE A 403 6.94 27.18 -28.30
C ILE A 403 6.89 27.41 -29.79
N GLY A 404 7.75 28.29 -30.28
CA GLY A 404 7.75 28.64 -31.69
C GLY A 404 6.50 29.36 -32.15
N ALA A 405 6.04 30.34 -31.37
CA ALA A 405 4.84 31.09 -31.70
C ALA A 405 5.09 32.58 -31.46
N GLN A 406 4.31 33.39 -32.15
CA GLN A 406 4.37 34.83 -31.95
C GLN A 406 3.81 35.18 -30.57
N PRO A 407 4.54 35.94 -29.74
CA PRO A 407 4.08 36.15 -28.36
C PRO A 407 2.67 36.71 -28.26
N ASN A 408 2.43 37.85 -28.89
CA ASN A 408 1.12 38.49 -28.88
C ASN A 408 0.41 38.28 -30.22
N ASP A 409 0.13 37.01 -30.52
CA ASP A 409 -0.54 36.63 -31.75
C ASP A 409 -1.82 35.88 -31.43
N PRO A 410 -2.96 36.26 -32.00
CA PRO A 410 -4.21 35.51 -31.72
C PRO A 410 -4.16 34.07 -32.20
N SER A 411 -3.30 33.76 -33.17
CA SER A 411 -3.22 32.40 -33.69
C SER A 411 -2.60 31.42 -32.71
N ALA A 412 -1.77 31.91 -31.78
CA ALA A 412 -1.13 31.01 -30.82
C ALA A 412 -2.17 30.29 -29.97
N SER A 413 -3.17 31.02 -29.48
CA SER A 413 -4.24 30.44 -28.68
C SER A 413 -5.43 30.05 -29.53
N GLU A 414 -5.18 29.26 -30.58
CA GLU A 414 -6.23 28.81 -31.47
C GLU A 414 -6.19 27.29 -31.63
N HIS A 415 -4.99 26.72 -31.61
CA HIS A 415 -4.79 25.29 -31.79
C HIS A 415 -4.35 24.62 -30.50
N THR A 416 -4.87 25.08 -29.37
CA THR A 416 -4.56 24.50 -28.07
C THR A 416 -5.74 24.71 -27.14
N HIS A 417 -5.99 23.73 -26.27
CA HIS A 417 -7.07 23.84 -25.30
C HIS A 417 -6.71 24.78 -24.15
N PHE A 418 -5.43 25.06 -23.96
CA PHE A 418 -4.98 25.88 -22.83
C PHE A 418 -4.90 27.33 -23.26
N LYS A 419 -6.09 27.95 -23.36
CA LYS A 419 -6.15 29.37 -23.70
C LYS A 419 -5.51 30.23 -22.63
N ASN A 420 -5.39 29.73 -21.41
CA ASN A 420 -4.87 30.51 -20.30
C ASN A 420 -4.40 29.56 -19.20
N ILE A 421 -3.84 30.14 -18.15
CA ILE A 421 -3.31 29.37 -17.02
C ILE A 421 -4.44 28.94 -16.10
N PRO A 422 -5.41 29.81 -15.77
CA PRO A 422 -6.47 29.38 -14.85
C PRO A 422 -7.21 28.14 -15.29
N ILE A 423 -7.48 28.00 -16.60
CA ILE A 423 -8.16 26.80 -17.08
C ILE A 423 -7.23 25.59 -17.01
N GLY A 424 -5.92 25.82 -16.89
CA GLY A 424 -4.99 24.72 -16.76
C GLY A 424 -5.03 24.05 -15.40
N PHE A 425 -5.58 24.72 -14.39
CA PHE A 425 -5.73 24.10 -13.08
C PHE A 425 -6.63 22.86 -13.18
N TRP A 426 -7.71 22.96 -13.94
CA TRP A 426 -8.61 21.82 -14.12
C TRP A 426 -7.89 20.65 -14.77
N TRP A 427 -7.12 20.92 -15.83
CA TRP A 427 -6.37 19.85 -16.50
C TRP A 427 -5.37 19.23 -15.55
N ALA A 428 -4.66 20.05 -14.78
CA ALA A 428 -3.67 19.53 -13.84
C ALA A 428 -4.32 18.65 -12.79
N VAL A 429 -5.45 19.09 -12.24
CA VAL A 429 -6.14 18.30 -11.22
C VAL A 429 -6.59 16.97 -11.81
N VAL A 430 -7.14 16.99 -13.03
CA VAL A 430 -7.61 15.76 -13.65
C VAL A 430 -6.44 14.81 -13.95
N THR A 431 -5.30 15.37 -14.36
CA THR A 431 -4.17 14.52 -14.75
C THR A 431 -3.45 13.94 -13.55
N MET A 432 -3.33 14.71 -12.46
CA MET A 432 -2.59 14.23 -11.29
C MET A 432 -3.31 13.10 -10.59
N THR A 433 -4.63 13.01 -10.73
CA THR A 433 -5.42 11.98 -10.09
C THR A 433 -5.60 10.73 -10.95
N THR A 434 -5.01 10.70 -12.14
CA THR A 434 -5.19 9.60 -13.09
C THR A 434 -6.65 9.47 -13.51
N LEU A 435 -7.40 10.56 -13.44
CA LEU A 435 -8.81 10.53 -13.81
C LEU A 435 -8.98 10.52 -15.33
N GLY A 436 -8.52 11.58 -16.00
CA GLY A 436 -8.51 11.62 -17.45
C GLY A 436 -9.88 11.68 -18.09
N TYR A 437 -10.59 12.79 -17.89
CA TYR A 437 -11.87 12.98 -18.57
C TYR A 437 -11.68 13.04 -20.08
N GLY A 438 -10.67 13.77 -20.53
CA GLY A 438 -10.41 13.96 -21.94
C GLY A 438 -10.96 15.23 -22.53
N ASP A 439 -11.61 16.08 -21.72
CA ASP A 439 -12.14 17.34 -22.24
C ASP A 439 -11.03 18.27 -22.71
N MET A 440 -9.81 18.09 -22.23
CA MET A 440 -8.69 18.95 -22.61
C MET A 440 -7.41 18.17 -22.41
N TYR A 441 -6.64 18.04 -23.48
CA TYR A 441 -5.40 17.28 -23.47
C TYR A 441 -4.37 18.02 -24.31
N PRO A 442 -3.08 17.81 -24.05
CA PRO A 442 -2.05 18.44 -24.87
C PRO A 442 -2.02 17.90 -26.29
N GLN A 443 -1.58 18.75 -27.21
CA GLN A 443 -1.48 18.40 -28.63
C GLN A 443 -0.09 18.69 -29.19
N THR A 444 0.91 18.83 -28.32
CA THR A 444 2.27 19.15 -28.73
C THR A 444 3.25 18.34 -27.88
N TRP A 445 4.40 18.01 -28.48
CA TRP A 445 5.33 17.07 -27.84
C TRP A 445 5.80 17.59 -26.49
N SER A 446 6.13 18.88 -26.40
CA SER A 446 6.48 19.46 -25.11
C SER A 446 5.30 19.37 -24.14
N GLY A 447 4.09 19.62 -24.64
CA GLY A 447 2.91 19.41 -23.82
C GLY A 447 2.77 17.97 -23.36
N MET A 448 3.12 17.01 -24.22
CA MET A 448 3.06 15.61 -23.83
C MET A 448 4.05 15.31 -22.72
N LEU A 449 5.28 15.83 -22.82
CA LEU A 449 6.25 15.64 -21.76
C LEU A 449 5.75 16.25 -20.45
N VAL A 450 5.19 17.45 -20.52
CA VAL A 450 4.66 18.10 -19.33
C VAL A 450 3.54 17.25 -18.73
N GLY A 451 2.68 16.69 -19.57
CA GLY A 451 1.60 15.86 -19.07
C GLY A 451 2.09 14.60 -18.39
N ALA A 452 3.11 13.96 -18.97
CA ALA A 452 3.70 12.78 -18.33
C ALA A 452 4.28 13.13 -16.97
N LEU A 453 5.05 14.23 -16.91
CA LEU A 453 5.59 14.68 -15.63
C LEU A 453 4.47 14.96 -14.64
N CYS A 454 3.40 15.61 -15.09
CA CYS A 454 2.28 15.93 -14.21
C CYS A 454 1.65 14.67 -13.64
N ALA A 455 1.40 13.68 -14.50
CA ALA A 455 0.79 12.44 -14.02
C ALA A 455 1.67 11.75 -12.99
N LEU A 456 2.97 11.63 -13.28
CA LEU A 456 3.88 10.96 -12.35
C LEU A 456 3.95 11.70 -11.02
N ALA A 457 4.16 13.02 -11.08
CA ALA A 457 4.25 13.80 -9.85
C ALA A 457 2.95 13.76 -9.07
N GLY A 458 1.81 13.73 -9.77
CA GLY A 458 0.55 13.62 -9.07
C GLY A 458 0.40 12.31 -8.34
N VAL A 459 0.75 11.20 -8.99
CA VAL A 459 0.74 9.91 -8.31
C VAL A 459 1.61 9.98 -7.06
N LEU A 460 2.83 10.49 -7.22
CA LEU A 460 3.75 10.56 -6.08
C LEU A 460 3.17 11.39 -4.94
N THR A 461 2.72 12.60 -5.24
CA THR A 461 2.22 13.49 -4.19
C THR A 461 0.98 12.91 -3.51
N ILE A 462 0.05 12.36 -4.28
CA ILE A 462 -1.16 11.79 -3.69
C ILE A 462 -0.81 10.62 -2.80
N ALA A 463 0.18 9.81 -3.19
CA ALA A 463 0.48 8.60 -2.45
C ALA A 463 1.31 8.86 -1.19
N MET A 464 1.77 10.09 -0.96
CA MET A 464 2.65 10.34 0.17
C MET A 464 1.88 10.39 1.49
N PRO A 465 0.91 11.29 1.68
CA PRO A 465 0.25 11.38 2.99
C PRO A 465 -0.89 10.39 3.20
N VAL A 466 -1.52 9.95 2.11
CA VAL A 466 -2.71 9.09 2.22
C VAL A 466 -2.42 7.87 3.08
N PRO A 467 -1.26 7.21 2.94
CA PRO A 467 -0.99 6.04 3.80
C PRO A 467 -1.09 6.32 5.28
N VAL A 468 -0.78 7.54 5.72
CA VAL A 468 -0.90 7.86 7.14
C VAL A 468 -2.36 7.77 7.57
N ILE A 469 -3.26 8.37 6.78
CA ILE A 469 -4.69 8.31 7.08
C ILE A 469 -5.18 6.87 7.03
N VAL A 470 -4.70 6.10 6.06
CA VAL A 470 -5.11 4.70 5.94
C VAL A 470 -4.68 3.91 7.17
N ASN A 471 -3.45 4.12 7.65
CA ASN A 471 -2.98 3.42 8.82
C ASN A 471 -3.78 3.82 10.06
N ASN A 472 -4.09 5.11 10.20
CA ASN A 472 -4.91 5.55 11.31
C ASN A 472 -6.28 4.86 11.28
N PHE A 473 -6.91 4.83 10.11
CA PHE A 473 -8.21 4.19 9.99
C PHE A 473 -8.12 2.70 10.32
N GLY A 474 -7.07 2.03 9.84
CA GLY A 474 -6.93 0.62 10.15
C GLY A 474 -6.77 0.37 11.64
N MET A 475 -5.96 1.19 12.30
CA MET A 475 -5.80 1.07 13.74
C MET A 475 -7.14 1.22 14.45
N TYR A 476 -7.87 2.30 14.14
CA TYR A 476 -9.14 2.55 14.82
C TYR A 476 -10.14 1.42 14.55
N TYR A 477 -10.22 0.97 13.29
CA TYR A 477 -11.19 -0.06 12.94
C TYR A 477 -10.86 -1.38 13.63
N SER A 478 -9.60 -1.78 13.63
CA SER A 478 -9.22 -3.02 14.31
C SER A 478 -9.51 -2.92 15.79
N LEU A 479 -9.18 -1.78 16.41
CA LEU A 479 -9.43 -1.61 17.83
C LEU A 479 -10.92 -1.71 18.15
N ALA A 480 -11.77 -1.06 17.35
CA ALA A 480 -13.21 -1.10 17.61
C ALA A 480 -13.79 -2.48 17.39
N MET A 481 -13.39 -3.16 16.30
CA MET A 481 -13.93 -4.48 16.04
C MET A 481 -13.48 -5.49 17.10
N ALA A 482 -12.23 -5.39 17.55
CA ALA A 482 -11.79 -6.24 18.65
C ALA A 482 -12.53 -5.91 19.94
N LYS A 483 -12.80 -4.63 20.19
CA LYS A 483 -13.52 -4.23 21.38
C LYS A 483 -14.94 -4.79 21.40
N GLN A 484 -15.58 -4.90 20.23
CA GLN A 484 -16.92 -5.47 20.18
C GLN A 484 -16.90 -6.98 20.07
N LYS A 485 -15.77 -7.57 19.65
CA LYS A 485 -15.65 -9.02 19.67
C LYS A 485 -15.75 -9.56 21.09
N LEU A 486 -15.04 -8.93 22.02
CA LEU A 486 -15.10 -9.34 23.41
C LEU A 486 -16.41 -8.88 24.03
N PRO A 487 -17.29 -9.78 24.48
CA PRO A 487 -18.57 -9.33 25.04
C PRO A 487 -18.42 -8.53 26.32
N LYS A 488 -17.70 -9.11 27.29
CA LYS A 488 -17.47 -8.49 28.57
C LYS A 488 -16.59 -9.40 29.39
N LYS A 489 -16.11 -8.90 30.54
CA LYS A 489 -15.27 -9.70 31.42
C LYS A 489 -15.18 -9.01 32.76
N LYS A 490 -15.45 -9.76 33.83
CA LYS A 490 -15.29 -9.24 35.18
C LYS A 490 -13.82 -9.10 35.50
N LYS A 491 -13.52 -8.28 36.52
CA LYS A 491 -12.13 -8.08 36.92
C LYS A 491 -11.43 -9.41 37.13
N LYS A 492 -12.04 -10.29 37.91
CA LYS A 492 -11.50 -11.63 38.15
C LYS A 492 -10.04 -11.56 38.58
N HIS A 493 -9.73 -10.58 39.44
CA HIS A 493 -8.38 -10.40 39.94
C HIS A 493 -8.30 -10.15 41.44
N ILE A 494 -9.38 -9.72 42.09
CA ILE A 494 -9.41 -9.42 43.52
C ILE A 494 -8.11 -8.74 43.93
N PRO A 495 -7.87 -7.50 43.50
CA PRO A 495 -6.59 -6.84 43.79
C PRO A 495 -6.41 -6.53 45.26
N ARG A 496 -5.33 -5.82 45.60
CA ARG A 496 -4.99 -5.49 46.98
C ARG A 496 -4.69 -6.78 47.75
N PRO A 497 -3.61 -7.49 47.42
CA PRO A 497 -3.22 -8.73 48.10
C PRO A 497 -2.77 -8.48 49.54
N SER B 41 4.33 -17.49 55.58
CA SER B 41 5.48 -17.52 54.69
C SER B 41 5.16 -16.86 53.35
N GLU B 42 6.00 -15.92 52.93
CA GLU B 42 5.82 -15.21 51.68
C GLU B 42 6.83 -15.61 50.61
N ARG B 43 7.91 -16.28 50.97
CA ARG B 43 8.93 -16.69 50.01
C ARG B 43 8.46 -17.96 49.30
N ILE B 44 7.86 -17.78 48.14
CA ILE B 44 7.46 -18.91 47.30
C ILE B 44 8.24 -18.84 45.99
N VAL B 45 9.38 -19.52 45.95
CA VAL B 45 10.25 -19.49 44.78
C VAL B 45 9.80 -20.59 43.81
N ILE B 46 9.73 -20.25 42.53
CA ILE B 46 9.28 -21.16 41.49
C ILE B 46 10.42 -21.38 40.52
N ASN B 47 10.79 -22.63 40.31
CA ASN B 47 11.87 -23.00 39.37
C ASN B 47 11.21 -23.49 38.09
N VAL B 48 11.16 -22.61 37.10
CA VAL B 48 10.53 -22.90 35.82
C VAL B 48 11.65 -23.10 34.81
N GLY B 49 12.03 -24.36 34.60
CA GLY B 49 13.02 -24.70 33.60
C GLY B 49 14.43 -24.26 33.93
N GLY B 50 14.68 -23.78 35.14
CA GLY B 50 16.00 -23.33 35.52
C GLY B 50 16.01 -21.94 36.14
N THR B 51 15.15 -21.06 35.62
CA THR B 51 15.04 -19.72 36.16
C THR B 51 14.24 -19.76 37.46
N ARG B 52 14.75 -19.09 38.49
CA ARG B 52 14.16 -19.14 39.82
C ARG B 52 13.31 -17.89 40.02
N HIS B 53 12.06 -17.95 39.55
CA HIS B 53 11.13 -16.86 39.78
C HIS B 53 10.70 -16.84 41.24
N GLN B 54 10.54 -15.63 41.78
CA GLN B 54 10.18 -15.46 43.18
C GLN B 54 9.14 -14.36 43.32
N THR B 55 8.17 -14.57 44.20
CA THR B 55 7.11 -13.60 44.43
C THR B 55 6.47 -13.90 45.78
N TYR B 56 5.64 -12.97 46.23
CA TYR B 56 4.96 -13.13 47.50
C TYR B 56 3.85 -14.17 47.39
N ARG B 57 3.54 -14.80 48.53
CA ARG B 57 2.51 -15.84 48.55
C ARG B 57 1.14 -15.25 48.25
N SER B 58 0.87 -14.04 48.75
CA SER B 58 -0.44 -13.43 48.56
C SER B 58 -0.73 -13.16 47.09
N THR B 59 0.31 -12.93 46.28
CA THR B 59 0.09 -12.59 44.88
C THR B 59 -0.56 -13.75 44.12
N LEU B 60 -0.15 -14.98 44.41
CA LEU B 60 -0.65 -16.13 43.66
C LEU B 60 -2.14 -16.37 43.87
N ARG B 61 -2.71 -15.86 44.95
CA ARG B 61 -4.13 -16.09 45.25
C ARG B 61 -5.05 -15.11 44.54
N THR B 62 -4.50 -14.13 43.82
CA THR B 62 -5.34 -13.14 43.14
C THR B 62 -6.23 -13.76 42.07
N LEU B 63 -5.90 -14.95 41.59
CA LEU B 63 -6.66 -15.64 40.55
C LEU B 63 -7.01 -17.03 41.07
N PRO B 64 -8.04 -17.15 41.89
CA PRO B 64 -8.39 -18.47 42.44
C PRO B 64 -8.78 -19.45 41.34
N GLY B 65 -8.44 -20.72 41.55
CA GLY B 65 -8.74 -21.78 40.62
C GLY B 65 -7.61 -22.12 39.66
N THR B 66 -6.64 -21.22 39.51
CA THR B 66 -5.53 -21.46 38.61
C THR B 66 -4.47 -22.31 39.29
N ARG B 67 -3.57 -22.87 38.47
CA ARG B 67 -2.56 -23.79 38.99
C ARG B 67 -1.68 -23.13 40.04
N LEU B 68 -1.26 -21.88 39.79
CA LEU B 68 -0.44 -21.18 40.76
C LEU B 68 -1.19 -20.94 42.06
N ALA B 69 -2.49 -20.63 41.97
CA ALA B 69 -3.28 -20.45 43.18
C ALA B 69 -3.33 -21.73 44.00
N TRP B 70 -3.52 -22.88 43.34
CA TRP B 70 -3.50 -24.14 44.07
C TRP B 70 -2.13 -24.40 44.69
N LEU B 71 -1.06 -24.07 43.94
CA LEU B 71 0.29 -24.27 44.47
C LEU B 71 0.53 -23.44 45.72
N ALA B 72 0.07 -22.19 45.72
CA ALA B 72 0.32 -21.30 46.85
C ALA B 72 -0.32 -21.80 48.13
N GLU B 73 -1.30 -22.69 48.05
CA GLU B 73 -1.96 -23.19 49.25
C GLU B 73 -0.98 -24.03 50.07
N PRO B 74 -1.11 -24.01 51.40
CA PRO B 74 -0.20 -24.80 52.23
C PRO B 74 -0.25 -26.29 51.95
N ASP B 75 -1.43 -26.82 51.59
CA ASP B 75 -1.59 -28.24 51.30
C ASP B 75 -1.38 -28.52 49.81
N ALA B 76 -0.18 -28.21 49.35
CA ALA B 76 0.20 -28.42 47.95
C ALA B 76 1.57 -29.06 47.80
N HIS B 77 2.21 -29.46 48.90
CA HIS B 77 3.53 -30.08 48.79
C HIS B 77 3.45 -31.40 48.02
N SER B 78 2.46 -32.23 48.33
CA SER B 78 2.32 -33.51 47.66
C SER B 78 1.79 -33.36 46.24
N HIS B 79 0.95 -32.35 46.00
CA HIS B 79 0.38 -32.17 44.66
C HIS B 79 1.46 -31.91 43.62
N PHE B 80 2.43 -31.07 43.96
CA PHE B 80 3.52 -30.72 43.05
C PHE B 80 4.84 -31.12 43.69
N ASP B 81 5.59 -31.97 42.99
CA ASP B 81 6.86 -32.44 43.52
C ASP B 81 7.87 -31.30 43.58
N TYR B 82 8.59 -31.22 44.70
CA TYR B 82 9.62 -30.19 44.87
C TYR B 82 10.69 -30.72 45.81
N ASP B 83 11.88 -30.12 45.71
CA ASP B 83 13.00 -30.50 46.56
C ASP B 83 12.91 -29.76 47.89
N PRO B 84 12.79 -30.46 49.01
CA PRO B 84 12.72 -29.74 50.30
C PRO B 84 13.96 -28.91 50.59
N ARG B 85 15.14 -29.36 50.15
CA ARG B 85 16.36 -28.59 50.38
C ARG B 85 16.29 -27.22 49.72
N ALA B 86 16.17 -27.20 48.39
CA ALA B 86 16.09 -25.94 47.67
C ALA B 86 14.81 -25.18 47.98
N ASP B 87 13.77 -25.86 48.46
CA ASP B 87 12.50 -25.23 48.79
C ASP B 87 11.92 -24.52 47.56
N GLU B 88 12.10 -25.13 46.39
CA GLU B 88 11.64 -24.55 45.13
C GLU B 88 10.82 -25.59 44.39
N PHE B 89 9.64 -25.18 43.92
CA PHE B 89 8.79 -26.06 43.14
C PHE B 89 9.25 -26.06 41.68
N PHE B 90 9.46 -27.25 41.14
CA PHE B 90 10.02 -27.40 39.80
C PHE B 90 8.91 -27.54 38.76
N PHE B 91 9.15 -26.95 37.60
CA PHE B 91 8.29 -27.11 36.43
C PHE B 91 9.17 -27.32 35.21
N ASP B 92 8.56 -27.84 34.15
CA ASP B 92 9.29 -28.17 32.93
C ASP B 92 8.67 -27.47 31.74
N ARG B 93 8.43 -26.17 31.87
CA ARG B 93 7.81 -25.36 30.82
C ARG B 93 8.78 -24.27 30.38
N HIS B 94 8.28 -23.39 29.52
CA HIS B 94 9.11 -22.32 28.96
C HIS B 94 9.30 -21.22 29.99
N PRO B 95 10.54 -20.88 30.37
CA PRO B 95 10.74 -19.83 31.37
C PRO B 95 10.46 -18.42 30.86
N GLY B 96 10.59 -18.19 29.55
CA GLY B 96 10.47 -16.84 29.04
C GLY B 96 9.07 -16.25 29.25
N VAL B 97 8.04 -17.02 28.94
CA VAL B 97 6.68 -16.51 29.02
C VAL B 97 6.12 -16.59 30.44
N PHE B 98 6.73 -17.37 31.32
CA PHE B 98 6.28 -17.43 32.70
C PHE B 98 6.36 -16.05 33.36
N ALA B 99 7.30 -15.21 32.91
CA ALA B 99 7.38 -13.86 33.45
C ALA B 99 6.09 -13.09 33.20
N HIS B 100 5.58 -13.16 31.97
CA HIS B 100 4.31 -12.48 31.66
C HIS B 100 3.14 -13.15 32.37
N ILE B 101 3.15 -14.49 32.42
CA ILE B 101 2.07 -15.22 33.08
C ILE B 101 1.97 -14.77 34.54
N LEU B 102 3.12 -14.58 35.20
CA LEU B 102 3.11 -14.13 36.58
C LEU B 102 2.83 -12.63 36.69
N ASN B 103 3.28 -11.84 35.73
CA ASN B 103 2.96 -10.42 35.74
C ASN B 103 1.46 -10.20 35.65
N TYR B 104 0.74 -11.14 35.03
CA TYR B 104 -0.72 -11.08 35.08
C TYR B 104 -1.19 -11.04 36.53
N TYR B 105 -0.65 -11.91 37.37
CA TYR B 105 -0.98 -11.88 38.79
C TYR B 105 -0.49 -10.60 39.44
N ARG B 106 0.72 -10.16 39.10
CA ARG B 106 1.31 -8.99 39.75
C ARG B 106 0.48 -7.74 39.50
N THR B 107 0.37 -7.32 38.23
CA THR B 107 -0.29 -6.08 37.89
C THR B 107 -1.80 -6.24 37.67
N GLY B 108 -2.25 -7.44 37.31
CA GLY B 108 -3.66 -7.68 37.08
C GLY B 108 -4.09 -7.59 35.64
N LYS B 109 -3.16 -7.51 34.70
CA LYS B 109 -3.48 -7.43 33.27
C LYS B 109 -2.68 -8.48 32.52
N LEU B 110 -3.30 -9.12 31.54
CA LEU B 110 -2.69 -10.18 30.77
C LEU B 110 -2.29 -9.67 29.40
N HIS B 111 -1.04 -9.90 29.02
CA HIS B 111 -0.53 -9.53 27.72
C HIS B 111 0.25 -10.70 27.13
N CYS B 112 0.29 -10.76 25.80
CA CYS B 112 1.06 -11.80 25.13
C CYS B 112 2.38 -11.22 24.61
N PRO B 113 3.50 -11.88 24.87
CA PRO B 113 4.79 -11.35 24.41
C PRO B 113 4.88 -11.33 22.89
N ALA B 114 5.63 -10.36 22.38
CA ALA B 114 5.78 -10.15 20.95
C ALA B 114 7.03 -10.80 20.38
N ASP B 115 7.81 -11.51 21.20
CA ASP B 115 9.02 -12.18 20.75
C ASP B 115 8.82 -13.68 20.53
N VAL B 116 7.57 -14.16 20.63
CA VAL B 116 7.27 -15.57 20.43
C VAL B 116 5.99 -15.67 19.60
N CYS B 117 5.78 -16.85 19.03
CA CYS B 117 4.58 -17.10 18.23
C CYS B 117 3.36 -17.21 19.15
N GLY B 118 2.22 -16.78 18.62
CA GLY B 118 0.99 -16.79 19.37
C GLY B 118 0.59 -18.17 19.87
N PRO B 119 0.66 -19.17 19.00
CA PRO B 119 0.30 -20.53 19.43
C PRO B 119 1.11 -21.04 20.60
N LEU B 120 2.40 -20.69 20.68
CA LEU B 120 3.21 -21.12 21.80
C LEU B 120 2.69 -20.52 23.11
N TYR B 121 2.38 -19.23 23.10
CA TYR B 121 1.83 -18.59 24.30
C TYR B 121 0.47 -19.18 24.64
N GLU B 122 -0.33 -19.51 23.63
CA GLU B 122 -1.63 -20.14 23.87
C GLU B 122 -1.45 -21.48 24.57
N GLU B 123 -0.53 -22.30 24.08
CA GLU B 123 -0.27 -23.59 24.71
C GLU B 123 0.21 -23.42 26.14
N GLU B 124 1.11 -22.46 26.37
CA GLU B 124 1.65 -22.25 27.71
C GLU B 124 0.55 -21.81 28.68
N LEU B 125 -0.28 -20.85 28.29
CA LEU B 125 -1.33 -20.38 29.17
C LEU B 125 -2.45 -21.41 29.32
N ALA B 126 -2.59 -22.32 28.36
CA ALA B 126 -3.51 -23.44 28.55
C ALA B 126 -2.96 -24.42 29.57
N PHE B 127 -1.64 -24.66 29.54
CA PHE B 127 -1.02 -25.49 30.56
C PHE B 127 -1.16 -24.86 31.95
N TRP B 128 -0.98 -23.55 32.04
CA TRP B 128 -1.09 -22.87 33.32
C TRP B 128 -2.52 -22.60 33.74
N GLY B 129 -3.51 -23.07 32.99
CA GLY B 129 -4.90 -22.93 33.39
C GLY B 129 -5.38 -21.50 33.44
N ILE B 130 -5.07 -20.70 32.42
CA ILE B 130 -5.51 -19.31 32.32
C ILE B 130 -6.28 -19.15 31.02
N ASP B 131 -7.44 -18.51 31.11
CA ASP B 131 -8.27 -18.30 29.93
C ASP B 131 -7.66 -17.25 29.02
N GLU B 132 -7.73 -17.50 27.71
CA GLU B 132 -7.18 -16.59 26.72
C GLU B 132 -8.09 -15.41 26.42
N THR B 133 -9.30 -15.39 26.98
CA THR B 133 -10.22 -14.28 26.75
C THR B 133 -9.88 -13.05 27.59
N ASP B 134 -8.98 -13.17 28.56
CA ASP B 134 -8.62 -12.07 29.42
C ASP B 134 -7.52 -11.18 28.85
N VAL B 135 -6.91 -11.57 27.71
CA VAL B 135 -5.87 -10.76 27.12
C VAL B 135 -6.44 -9.40 26.73
N GLU B 136 -5.70 -8.35 27.05
CA GLU B 136 -6.16 -7.01 26.76
C GLU B 136 -6.25 -6.79 25.25
N PRO B 137 -7.07 -5.84 24.80
CA PRO B 137 -7.23 -5.63 23.35
C PRO B 137 -6.02 -4.99 22.70
N CYS B 138 -5.06 -4.50 23.48
CA CYS B 138 -3.84 -3.94 22.90
C CYS B 138 -3.03 -4.99 22.14
N CYS B 139 -3.19 -6.27 22.49
CA CYS B 139 -2.41 -7.33 21.89
C CYS B 139 -3.26 -8.56 21.61
N TRP B 140 -4.55 -8.38 21.38
CA TRP B 140 -5.44 -9.48 21.05
C TRP B 140 -5.50 -9.75 19.55
N MET B 141 -5.44 -8.71 18.73
CA MET B 141 -5.59 -8.90 17.28
C MET B 141 -4.47 -9.76 16.71
N THR B 142 -3.23 -9.50 17.13
CA THR B 142 -2.11 -10.30 16.66
C THR B 142 -2.10 -11.68 17.30
N TYR B 143 -2.52 -11.78 18.56
CA TYR B 143 -2.60 -13.08 19.21
C TYR B 143 -3.58 -14.01 18.50
N ARG B 144 -4.73 -13.49 18.11
CA ARG B 144 -5.71 -14.25 17.35
C ARG B 144 -5.58 -13.93 15.86
N GLN B 145 -4.41 -14.30 15.31
CA GLN B 145 -4.07 -13.99 13.93
C GLN B 145 -3.86 -15.25 13.09
N HIS B 146 -3.13 -16.23 13.62
CA HIS B 146 -2.85 -17.44 12.85
C HIS B 146 -3.98 -18.45 12.97
N ARG B 147 -4.59 -18.57 14.16
CA ARG B 147 -5.59 -19.60 14.38
C ARG B 147 -6.85 -19.33 13.57
N ASP B 148 -7.30 -18.08 13.49
CA ASP B 148 -8.49 -17.78 12.72
C ASP B 148 -8.28 -18.11 11.24
N ALA B 149 -7.12 -17.76 10.70
CA ALA B 149 -6.84 -18.08 9.30
C ALA B 149 -6.74 -19.59 9.09
N GLU B 150 -6.11 -20.30 10.03
CA GLU B 150 -6.03 -21.76 9.92
C GLU B 150 -7.41 -22.38 9.91
N GLU B 151 -8.28 -21.93 10.81
CA GLU B 151 -9.65 -22.47 10.85
C GLU B 151 -10.41 -22.15 9.57
N ALA B 152 -10.27 -20.92 9.07
CA ALA B 152 -10.94 -20.55 7.83
C ALA B 152 -10.47 -21.41 6.67
N LEU B 153 -9.16 -21.67 6.58
CA LEU B 153 -8.67 -22.56 5.54
C LEU B 153 -9.21 -23.97 5.72
N ASP B 154 -9.29 -24.44 6.97
CA ASP B 154 -9.80 -25.78 7.24
C ASP B 154 -11.26 -25.93 6.88
N SER B 155 -11.99 -24.84 6.69
CA SER B 155 -13.41 -24.91 6.33
C SER B 155 -13.60 -25.65 5.00
N ARG B 204 -23.88 -53.83 -6.14
CA ARG B 204 -23.26 -52.59 -6.57
C ARG B 204 -21.82 -52.49 -6.09
N ARG B 205 -20.93 -53.19 -6.79
CA ARG B 205 -19.51 -53.20 -6.46
C ARG B 205 -18.70 -52.25 -7.33
N TRP B 206 -19.37 -51.43 -8.15
CA TRP B 206 -18.70 -50.47 -9.00
C TRP B 206 -18.98 -49.02 -8.63
N GLN B 207 -19.87 -48.77 -7.67
CA GLN B 207 -20.18 -47.41 -7.26
C GLN B 207 -18.94 -46.61 -6.88
N PRO B 208 -18.04 -47.12 -6.03
CA PRO B 208 -16.87 -46.31 -5.67
C PRO B 208 -15.99 -45.94 -6.86
N ARG B 209 -15.63 -46.92 -7.68
CA ARG B 209 -14.76 -46.64 -8.82
C ARG B 209 -15.44 -45.69 -9.80
N ILE B 210 -16.72 -45.91 -10.09
CA ILE B 210 -17.43 -45.07 -11.04
C ILE B 210 -17.48 -43.63 -10.53
N TRP B 211 -17.81 -43.46 -9.25
CA TRP B 211 -17.86 -42.10 -8.69
C TRP B 211 -16.46 -41.48 -8.65
N ALA B 212 -15.42 -42.30 -8.47
CA ALA B 212 -14.06 -41.78 -8.47
C ALA B 212 -13.55 -41.48 -9.87
N LEU B 213 -14.22 -41.97 -10.90
CA LEU B 213 -13.85 -41.58 -12.26
C LEU B 213 -14.04 -40.09 -12.46
N PHE B 214 -15.08 -39.52 -11.86
CA PHE B 214 -15.34 -38.09 -11.85
C PHE B 214 -15.07 -37.53 -10.45
N GLU B 215 -15.23 -36.21 -10.33
CA GLU B 215 -15.21 -35.52 -9.04
C GLU B 215 -13.80 -35.40 -8.46
N ASP B 216 -12.80 -35.99 -9.12
CA ASP B 216 -11.42 -35.93 -8.63
C ASP B 216 -10.48 -36.04 -9.82
N PRO B 217 -9.89 -34.94 -10.28
CA PRO B 217 -8.96 -35.03 -11.41
C PRO B 217 -7.77 -35.94 -11.14
N TYR B 218 -7.05 -35.71 -10.05
CA TYR B 218 -5.83 -36.46 -9.74
C TYR B 218 -6.14 -37.58 -8.75
N SER B 219 -6.75 -38.64 -9.28
CA SER B 219 -7.00 -39.84 -8.50
C SER B 219 -6.83 -41.12 -9.30
N SER B 220 -6.44 -41.05 -10.57
CA SER B 220 -6.26 -42.23 -11.41
C SER B 220 -5.70 -41.78 -12.76
N ARG B 221 -5.44 -42.76 -13.63
CA ARG B 221 -4.92 -42.47 -14.95
C ARG B 221 -6.01 -42.10 -15.95
N TYR B 222 -7.28 -42.27 -15.59
CA TYR B 222 -8.40 -41.94 -16.47
C TYR B 222 -9.15 -40.69 -16.07
N ALA B 223 -9.17 -40.33 -14.78
CA ALA B 223 -9.90 -39.14 -14.37
C ALA B 223 -9.31 -37.88 -14.98
N ARG B 224 -7.99 -37.85 -15.16
CA ARG B 224 -7.36 -36.68 -15.76
C ARG B 224 -7.87 -36.44 -17.18
N TYR B 225 -7.99 -37.49 -17.97
CA TYR B 225 -8.50 -37.35 -19.33
C TYR B 225 -9.94 -36.87 -19.33
N VAL B 226 -10.76 -37.39 -18.42
CA VAL B 226 -12.14 -36.95 -18.32
C VAL B 226 -12.21 -35.47 -17.97
N ALA B 227 -11.37 -35.03 -17.04
CA ALA B 227 -11.35 -33.62 -16.68
C ALA B 227 -10.92 -32.75 -17.85
N PHE B 228 -9.92 -33.21 -18.61
CA PHE B 228 -9.48 -32.44 -19.77
C PHE B 228 -10.58 -32.34 -20.81
N ALA B 229 -11.30 -33.44 -21.05
CA ALA B 229 -12.41 -33.41 -22.01
C ALA B 229 -13.50 -32.46 -21.53
N SER B 230 -13.82 -32.50 -20.24
CA SER B 230 -14.83 -31.59 -19.70
C SER B 230 -14.40 -30.15 -19.88
N LEU B 231 -13.13 -29.84 -19.62
CA LEU B 231 -12.63 -28.49 -19.83
C LEU B 231 -12.76 -28.07 -21.29
N PHE B 232 -12.40 -28.97 -22.21
CA PHE B 232 -12.46 -28.65 -23.63
C PHE B 232 -13.90 -28.32 -24.04
N PHE B 233 -14.85 -29.17 -23.62
CA PHE B 233 -16.24 -28.92 -23.99
C PHE B 233 -16.81 -27.69 -23.31
N ILE B 234 -16.40 -27.40 -22.08
CA ILE B 234 -16.84 -26.18 -21.42
C ILE B 234 -16.37 -24.96 -22.18
N LEU B 235 -15.09 -24.95 -22.57
CA LEU B 235 -14.56 -23.81 -23.31
C LEU B 235 -15.22 -23.67 -24.67
N VAL B 236 -15.50 -24.80 -25.34
CA VAL B 236 -16.20 -24.75 -26.61
C VAL B 236 -17.59 -24.15 -26.43
N SER B 237 -18.31 -24.57 -25.38
CA SER B 237 -19.64 -24.03 -25.14
C SER B 237 -19.59 -22.53 -24.85
N ILE B 238 -18.63 -22.09 -24.05
CA ILE B 238 -18.51 -20.67 -23.76
C ILE B 238 -18.21 -19.88 -25.03
N THR B 239 -17.30 -20.39 -25.86
CA THR B 239 -16.98 -19.70 -27.10
C THR B 239 -18.19 -19.61 -28.02
N THR B 240 -18.93 -20.71 -28.16
CA THR B 240 -20.12 -20.68 -29.00
C THR B 240 -21.18 -19.73 -28.45
N PHE B 241 -21.35 -19.71 -27.13
CA PHE B 241 -22.30 -18.78 -26.54
C PHE B 241 -21.91 -17.33 -26.82
N CYS B 242 -20.63 -17.01 -26.73
CA CYS B 242 -20.18 -15.66 -27.04
C CYS B 242 -20.37 -15.34 -28.53
N LEU B 243 -20.11 -16.32 -29.39
CA LEU B 243 -20.26 -16.08 -30.82
C LEU B 243 -21.72 -15.86 -31.21
N GLU B 244 -22.64 -16.55 -30.54
CA GLU B 244 -24.05 -16.46 -30.91
C GLU B 244 -24.57 -15.03 -30.84
N THR B 245 -23.92 -14.17 -30.06
CA THR B 245 -24.36 -12.79 -29.91
C THR B 245 -23.77 -11.86 -30.96
N HIS B 246 -22.94 -12.37 -31.87
CA HIS B 246 -22.31 -11.54 -32.87
C HIS B 246 -23.25 -11.36 -34.07
N GLU B 247 -22.93 -10.34 -34.89
CA GLU B 247 -23.75 -10.03 -36.05
C GLU B 247 -23.33 -10.81 -37.29
N ARG B 248 -22.14 -11.39 -37.30
CA ARG B 248 -21.71 -12.16 -38.45
C ARG B 248 -22.41 -13.51 -38.51
N PHE B 249 -22.74 -14.09 -37.36
CA PHE B 249 -23.39 -15.39 -37.28
C PHE B 249 -24.90 -15.28 -37.07
N ASN B 250 -25.46 -14.08 -37.16
CA ASN B 250 -26.90 -13.86 -37.06
C ASN B 250 -27.37 -13.02 -38.24
N PRO B 251 -27.27 -13.55 -39.46
CA PRO B 251 -27.73 -12.79 -40.63
C PRO B 251 -29.24 -12.67 -40.66
N ILE B 252 -29.71 -11.62 -41.32
CA ILE B 252 -31.14 -11.36 -41.48
C ILE B 252 -31.60 -11.98 -42.80
N VAL B 253 -32.69 -12.74 -42.73
CA VAL B 253 -33.23 -13.41 -43.90
C VAL B 253 -34.28 -12.52 -44.56
N TYR B 269 -42.79 -13.86 -39.46
CA TYR B 269 -41.35 -13.88 -39.70
C TYR B 269 -41.02 -13.35 -41.08
N TYR B 270 -40.93 -12.02 -41.19
CA TYR B 270 -40.61 -11.40 -42.48
C TYR B 270 -39.11 -11.44 -42.73
N ARG B 271 -38.32 -10.79 -41.90
CA ARG B 271 -36.86 -10.82 -42.00
C ARG B 271 -36.22 -11.47 -40.78
N GLU B 272 -36.48 -10.96 -39.58
CA GLU B 272 -35.93 -11.54 -38.36
C GLU B 272 -34.42 -11.69 -38.44
N ALA B 273 -33.83 -12.43 -37.51
CA ALA B 273 -32.40 -12.73 -37.52
C ALA B 273 -32.22 -14.19 -37.13
N GLU B 274 -31.68 -14.99 -38.04
CA GLU B 274 -31.58 -16.43 -37.87
C GLU B 274 -30.12 -16.82 -37.69
N THR B 275 -29.81 -17.46 -36.58
CA THR B 275 -28.44 -17.85 -36.27
C THR B 275 -28.00 -19.03 -37.14
N GLU B 276 -26.69 -19.12 -37.36
CA GLU B 276 -26.13 -20.19 -38.17
C GLU B 276 -26.42 -21.55 -37.52
N ALA B 277 -26.15 -22.61 -38.28
CA ALA B 277 -26.50 -23.96 -37.83
C ALA B 277 -25.34 -24.65 -37.12
N PHE B 278 -24.11 -24.46 -37.61
CA PHE B 278 -22.97 -25.13 -36.99
C PHE B 278 -22.82 -24.73 -35.52
N LEU B 279 -23.15 -23.49 -35.19
CA LEU B 279 -23.15 -23.08 -33.79
C LEU B 279 -24.15 -23.90 -32.97
N THR B 280 -25.16 -24.47 -33.62
CA THR B 280 -26.10 -25.35 -32.93
C THR B 280 -25.59 -26.79 -32.85
N TYR B 281 -24.92 -27.25 -33.91
CA TYR B 281 -24.39 -28.61 -33.88
C TYR B 281 -23.29 -28.75 -32.84
N ILE B 282 -22.41 -27.74 -32.73
CA ILE B 282 -21.35 -27.78 -31.72
C ILE B 282 -21.97 -27.88 -30.33
N GLU B 283 -22.96 -27.03 -30.05
CA GLU B 283 -23.61 -27.08 -28.76
C GLU B 283 -24.35 -28.40 -28.56
N GLY B 284 -24.86 -29.01 -29.62
CA GLY B 284 -25.47 -30.32 -29.49
C GLY B 284 -24.48 -31.37 -29.04
N VAL B 285 -23.29 -31.38 -29.63
CA VAL B 285 -22.26 -32.33 -29.21
C VAL B 285 -21.89 -32.08 -27.75
N CYS B 286 -21.67 -30.81 -27.40
CA CYS B 286 -21.29 -30.49 -26.03
C CYS B 286 -22.39 -30.91 -25.06
N VAL B 287 -23.65 -30.71 -25.42
CA VAL B 287 -24.75 -31.07 -24.55
C VAL B 287 -24.86 -32.58 -24.41
N VAL B 288 -24.58 -33.32 -25.49
CA VAL B 288 -24.55 -34.79 -25.38
C VAL B 288 -23.53 -35.22 -24.35
N TRP B 289 -22.32 -34.67 -24.44
CA TRP B 289 -21.29 -35.02 -23.46
C TRP B 289 -21.73 -34.63 -22.05
N PHE B 290 -22.28 -33.43 -21.90
CA PHE B 290 -22.64 -32.96 -20.56
C PHE B 290 -23.77 -33.77 -19.96
N THR B 291 -24.75 -34.18 -20.75
CA THR B 291 -25.84 -34.99 -20.22
C THR B 291 -25.35 -36.39 -19.86
N PHE B 292 -24.44 -36.95 -20.67
CA PHE B 292 -23.84 -38.23 -20.29
C PHE B 292 -23.13 -38.11 -18.95
N GLU B 293 -22.32 -37.07 -18.79
CA GLU B 293 -21.59 -36.89 -17.54
C GLU B 293 -22.54 -36.69 -16.37
N PHE B 294 -23.59 -35.89 -16.56
CA PHE B 294 -24.53 -35.62 -15.47
C PHE B 294 -25.26 -36.88 -15.05
N LEU B 295 -25.70 -37.69 -16.03
CA LEU B 295 -26.37 -38.94 -15.69
C LEU B 295 -25.42 -39.87 -14.94
N MET B 296 -24.18 -39.99 -15.42
CA MET B 296 -23.22 -40.88 -14.76
C MET B 296 -22.94 -40.43 -13.34
N ARG B 297 -22.84 -39.11 -13.12
CA ARG B 297 -22.59 -38.61 -11.78
C ARG B 297 -23.79 -38.83 -10.86
N VAL B 298 -24.99 -38.49 -11.33
CA VAL B 298 -26.16 -38.54 -10.46
C VAL B 298 -26.52 -39.99 -10.13
N ILE B 299 -26.42 -40.89 -11.09
CA ILE B 299 -26.79 -42.29 -10.85
C ILE B 299 -25.84 -42.90 -9.82
N PHE B 300 -24.54 -42.76 -10.03
CA PHE B 300 -23.53 -43.40 -9.18
C PHE B 300 -22.98 -42.38 -8.18
N CYS B 301 -23.85 -41.96 -7.27
CA CYS B 301 -23.45 -41.07 -6.19
C CYS B 301 -24.27 -41.39 -4.95
N PRO B 302 -23.72 -41.16 -3.75
CA PRO B 302 -24.49 -41.34 -2.52
C PRO B 302 -25.26 -40.08 -2.15
N ASN B 303 -26.15 -40.23 -1.17
CA ASN B 303 -26.90 -39.13 -0.57
C ASN B 303 -27.36 -38.12 -1.63
N LYS B 304 -28.21 -38.61 -2.53
CA LYS B 304 -28.69 -37.80 -3.65
C LYS B 304 -29.11 -36.40 -3.23
N VAL B 305 -29.59 -36.24 -1.99
CA VAL B 305 -30.01 -34.93 -1.53
C VAL B 305 -28.82 -33.99 -1.49
N GLU B 306 -27.67 -34.46 -0.98
CA GLU B 306 -26.47 -33.63 -0.99
C GLU B 306 -26.04 -33.32 -2.41
N PHE B 307 -26.17 -34.28 -3.32
CA PHE B 307 -25.84 -34.04 -4.71
C PHE B 307 -26.69 -32.90 -5.28
N ILE B 308 -27.98 -32.90 -5.00
CA ILE B 308 -28.85 -31.83 -5.46
C ILE B 308 -28.49 -30.51 -4.80
N LYS B 309 -28.10 -30.56 -3.52
CA LYS B 309 -27.77 -29.35 -2.78
C LYS B 309 -26.37 -28.83 -3.07
N ASN B 310 -25.56 -29.54 -3.85
CA ASN B 310 -24.19 -29.13 -4.08
C ASN B 310 -24.09 -27.75 -4.70
N SER B 311 -25.17 -27.29 -5.35
CA SER B 311 -25.25 -25.95 -5.92
C SER B 311 -24.41 -25.81 -7.19
N LEU B 312 -23.65 -26.84 -7.55
CA LEU B 312 -22.92 -26.86 -8.80
C LEU B 312 -23.53 -27.82 -9.82
N ASN B 313 -24.29 -28.82 -9.37
CA ASN B 313 -25.02 -29.68 -10.30
C ASN B 313 -26.24 -28.97 -10.85
N ILE B 314 -26.82 -28.05 -10.08
CA ILE B 314 -27.94 -27.25 -10.59
C ILE B 314 -27.51 -26.47 -11.82
N ILE B 315 -26.28 -25.92 -11.79
CA ILE B 315 -25.76 -25.19 -12.93
C ILE B 315 -25.64 -26.13 -14.14
N ASP B 316 -25.09 -27.33 -13.92
CA ASP B 316 -24.92 -28.27 -15.02
C ASP B 316 -26.26 -28.71 -15.60
N PHE B 317 -27.30 -28.75 -14.77
CA PHE B 317 -28.62 -29.13 -15.24
C PHE B 317 -29.29 -28.01 -16.02
N VAL B 318 -29.24 -26.79 -15.48
CA VAL B 318 -29.86 -25.64 -16.13
C VAL B 318 -29.10 -25.21 -17.37
N ALA B 319 -27.84 -25.61 -17.51
CA ALA B 319 -27.08 -25.28 -18.70
C ALA B 319 -27.39 -26.21 -19.87
N ILE B 320 -28.02 -27.35 -19.63
CA ILE B 320 -28.44 -28.25 -20.69
C ILE B 320 -29.95 -28.22 -20.89
N LEU B 321 -30.72 -27.80 -19.89
CA LEU B 321 -32.18 -27.74 -20.06
C LEU B 321 -32.59 -26.87 -21.24
N PRO B 322 -32.07 -25.65 -21.43
CA PRO B 322 -32.57 -24.81 -22.53
C PRO B 322 -32.39 -25.42 -23.90
N PHE B 323 -31.30 -26.17 -24.14
CA PHE B 323 -31.12 -26.79 -25.46
C PHE B 323 -32.24 -27.77 -25.77
N TYR B 324 -32.56 -28.64 -24.81
CA TYR B 324 -33.64 -29.60 -25.01
C TYR B 324 -34.98 -28.90 -25.14
N LEU B 325 -35.22 -27.86 -24.33
CA LEU B 325 -36.47 -27.12 -24.46
C LEU B 325 -36.60 -26.50 -25.84
N GLU B 326 -35.51 -25.92 -26.36
CA GLU B 326 -35.54 -25.31 -27.67
C GLU B 326 -35.80 -26.35 -28.75
N VAL B 327 -35.10 -27.48 -28.70
CA VAL B 327 -35.23 -28.47 -29.75
C VAL B 327 -36.62 -29.11 -29.73
N GLY B 328 -37.17 -29.32 -28.54
CA GLY B 328 -38.48 -29.91 -28.39
C GLY B 328 -39.63 -28.92 -28.31
N LEU B 329 -39.38 -27.63 -28.52
CA LEU B 329 -40.43 -26.61 -28.44
C LEU B 329 -40.32 -25.66 -29.62
N SER B 330 -40.08 -26.21 -30.80
CA SER B 330 -39.95 -25.44 -32.04
C SER B 330 -41.06 -25.81 -33.02
N GLY B 331 -42.27 -25.94 -32.53
CA GLY B 331 -43.43 -26.31 -33.32
C GLY B 331 -44.27 -25.12 -33.73
N LEU B 332 -45.57 -25.37 -33.87
CA LEU B 332 -46.51 -24.33 -34.28
C LEU B 332 -46.83 -23.43 -33.08
N SER B 333 -47.89 -22.64 -33.20
CA SER B 333 -48.30 -21.70 -32.15
C SER B 333 -47.19 -20.68 -31.87
N SER B 334 -46.83 -19.94 -32.92
CA SER B 334 -45.74 -18.98 -32.82
C SER B 334 -46.05 -17.86 -31.85
N LYS B 335 -47.33 -17.49 -31.70
CA LYS B 335 -47.68 -16.32 -30.91
C LYS B 335 -47.04 -16.36 -29.53
N ALA B 336 -47.08 -17.52 -28.88
CA ALA B 336 -46.45 -17.70 -27.58
C ALA B 336 -45.12 -18.44 -27.66
N ALA B 337 -44.98 -19.35 -28.62
CA ALA B 337 -43.74 -20.11 -28.73
C ALA B 337 -42.55 -19.21 -29.01
N LYS B 338 -42.71 -18.27 -29.94
CA LYS B 338 -41.60 -17.38 -30.27
C LYS B 338 -41.19 -16.54 -29.06
N ASP B 339 -42.16 -16.00 -28.34
CA ASP B 339 -41.85 -15.17 -27.17
C ASP B 339 -41.17 -15.98 -26.08
N VAL B 340 -41.69 -17.17 -25.79
CA VAL B 340 -41.09 -17.98 -24.73
C VAL B 340 -39.69 -18.41 -25.12
N LEU B 341 -39.48 -18.76 -26.39
CA LEU B 341 -38.13 -19.10 -26.84
C LEU B 341 -37.20 -17.91 -26.72
N GLY B 342 -37.67 -16.72 -27.10
CA GLY B 342 -36.83 -15.54 -27.02
C GLY B 342 -36.42 -15.20 -25.60
N PHE B 343 -37.35 -15.35 -24.66
CA PHE B 343 -37.04 -15.05 -23.26
C PHE B 343 -36.39 -16.21 -22.53
N LEU B 344 -36.39 -17.41 -23.10
CA LEU B 344 -35.62 -18.53 -22.57
C LEU B 344 -34.20 -18.55 -23.12
N ARG B 345 -33.97 -17.91 -24.26
CA ARG B 345 -32.62 -17.80 -24.79
C ARG B 345 -31.70 -17.01 -23.87
N VAL B 346 -32.26 -16.29 -22.91
CA VAL B 346 -31.45 -15.56 -21.94
C VAL B 346 -30.84 -16.49 -20.91
N VAL B 347 -31.44 -17.67 -20.69
CA VAL B 347 -30.91 -18.61 -19.71
C VAL B 347 -29.56 -19.17 -20.10
N ARG B 348 -29.14 -18.97 -21.35
CA ARG B 348 -27.86 -19.49 -21.81
C ARG B 348 -26.68 -18.85 -21.10
N PHE B 349 -26.88 -17.74 -20.38
CA PHE B 349 -25.79 -17.15 -19.62
C PHE B 349 -25.25 -18.10 -18.56
N VAL B 350 -26.03 -19.11 -18.17
CA VAL B 350 -25.58 -20.08 -17.18
C VAL B 350 -24.54 -21.03 -17.73
N ARG B 351 -24.23 -20.94 -19.03
CA ARG B 351 -23.18 -21.78 -19.60
C ARG B 351 -21.79 -21.32 -19.17
N ILE B 352 -21.64 -20.04 -18.86
CA ILE B 352 -20.34 -19.52 -18.43
C ILE B 352 -20.06 -19.79 -16.96
N LEU B 353 -21.08 -20.20 -16.20
CA LEU B 353 -20.88 -20.50 -14.78
C LEU B 353 -20.36 -21.90 -14.53
N ARG B 354 -20.35 -22.77 -15.54
CA ARG B 354 -19.75 -24.08 -15.38
C ARG B 354 -18.25 -24.00 -15.17
N ILE B 355 -17.64 -22.85 -15.48
CA ILE B 355 -16.19 -22.72 -15.32
C ILE B 355 -15.81 -22.74 -13.85
N PHE B 356 -16.76 -22.44 -12.96
CA PHE B 356 -16.49 -22.51 -11.53
C PHE B 356 -16.47 -23.96 -11.05
N LYS B 357 -17.14 -24.86 -11.76
CA LYS B 357 -17.04 -26.29 -11.46
C LYS B 357 -15.64 -26.81 -11.67
N LEU B 358 -14.80 -26.07 -12.41
CA LEU B 358 -13.46 -26.51 -12.77
C LEU B 358 -12.35 -25.78 -12.05
N THR B 359 -12.63 -24.58 -11.53
CA THR B 359 -11.62 -23.77 -10.87
C THR B 359 -11.53 -24.02 -9.37
N ARG B 360 -12.41 -24.86 -8.83
CA ARG B 360 -12.36 -25.17 -7.40
C ARG B 360 -11.04 -25.81 -6.99
N HIS B 361 -10.32 -26.42 -7.92
CA HIS B 361 -9.04 -27.05 -7.62
C HIS B 361 -7.91 -26.03 -7.51
N PHE B 362 -7.98 -24.95 -8.28
CA PHE B 362 -6.95 -23.93 -8.23
C PHE B 362 -6.90 -23.30 -6.84
N VAL B 363 -5.69 -23.17 -6.30
CA VAL B 363 -5.54 -22.74 -4.91
C VAL B 363 -5.90 -21.28 -4.76
N GLY B 364 -5.45 -20.43 -5.69
CA GLY B 364 -5.65 -19.00 -5.55
C GLY B 364 -7.12 -18.64 -5.48
N LEU B 365 -7.97 -19.34 -6.24
CA LEU B 365 -9.40 -19.02 -6.23
C LEU B 365 -10.07 -19.50 -4.95
N ARG B 366 -9.61 -20.61 -4.37
CA ARG B 366 -10.07 -20.99 -3.04
C ARG B 366 -9.70 -19.93 -2.01
N VAL B 367 -8.47 -19.41 -2.09
CA VAL B 367 -8.06 -18.33 -1.19
C VAL B 367 -8.93 -17.10 -1.39
N LEU B 368 -9.25 -16.78 -2.65
CA LEU B 368 -10.12 -15.64 -2.91
C LEU B 368 -11.50 -15.85 -2.32
N GLY B 369 -12.05 -17.05 -2.46
CA GLY B 369 -13.33 -17.34 -1.85
C GLY B 369 -13.32 -17.18 -0.34
N HIS B 370 -12.27 -17.69 0.30
CA HIS B 370 -12.14 -17.53 1.75
C HIS B 370 -12.04 -16.06 2.13
N THR B 371 -11.25 -15.29 1.38
CA THR B 371 -11.12 -13.86 1.66
C THR B 371 -12.45 -13.14 1.53
N LEU B 372 -13.21 -13.45 0.48
CA LEU B 372 -14.52 -12.82 0.32
C LEU B 372 -15.45 -13.21 1.45
N ARG B 373 -15.45 -14.48 1.84
CA ARG B 373 -16.31 -14.93 2.92
C ARG B 373 -15.89 -14.37 4.28
N ALA B 374 -14.65 -13.89 4.40
CA ALA B 374 -14.13 -13.38 5.66
C ALA B 374 -14.11 -11.87 5.75
N SER B 375 -14.52 -11.16 4.70
CA SER B 375 -14.42 -9.70 4.66
C SER B 375 -15.71 -9.09 4.11
N THR B 376 -16.86 -9.56 4.63
CA THR B 376 -18.13 -9.00 4.19
C THR B 376 -18.38 -7.63 4.80
N ASN B 377 -17.97 -7.41 6.05
CA ASN B 377 -18.18 -6.12 6.69
C ASN B 377 -17.45 -5.01 5.94
N GLU B 378 -16.24 -5.31 5.45
CA GLU B 378 -15.48 -4.31 4.70
C GLU B 378 -16.19 -3.94 3.40
N PHE B 379 -16.75 -4.93 2.71
CA PHE B 379 -17.51 -4.64 1.50
C PHE B 379 -18.74 -3.79 1.81
N LEU B 380 -19.44 -4.11 2.90
CA LEU B 380 -20.59 -3.30 3.30
C LEU B 380 -20.16 -1.86 3.60
N LEU B 381 -19.05 -1.69 4.31
CA LEU B 381 -18.54 -0.37 4.63
C LEU B 381 -18.19 0.41 3.36
N LEU B 382 -17.53 -0.26 2.41
CA LEU B 382 -17.19 0.37 1.15
C LEU B 382 -18.44 0.83 0.41
N ILE B 383 -19.45 -0.04 0.35
CA ILE B 383 -20.70 0.31 -0.33
C ILE B 383 -21.34 1.53 0.34
N ILE B 384 -21.39 1.55 1.66
CA ILE B 384 -22.03 2.66 2.36
C ILE B 384 -21.28 3.96 2.11
N PHE B 385 -19.95 3.91 2.20
CA PHE B 385 -19.15 5.10 1.94
C PHE B 385 -19.40 5.62 0.53
N LEU B 386 -19.37 4.72 -0.46
CA LEU B 386 -19.58 5.14 -1.84
C LEU B 386 -20.98 5.73 -2.03
N ALA B 387 -21.99 5.12 -1.42
CA ALA B 387 -23.34 5.65 -1.55
C ALA B 387 -23.45 7.06 -1.00
N LEU B 388 -22.93 7.27 0.22
CA LEU B 388 -23.01 8.60 0.82
C LEU B 388 -22.26 9.63 -0.02
N GLY B 389 -21.04 9.30 -0.43
CA GLY B 389 -20.28 10.23 -1.24
C GLY B 389 -20.95 10.55 -2.55
N VAL B 390 -21.49 9.52 -3.22
CA VAL B 390 -22.18 9.72 -4.49
C VAL B 390 -23.36 10.66 -4.32
N LEU B 391 -24.18 10.41 -3.31
CA LEU B 391 -25.34 11.26 -3.07
C LEU B 391 -24.91 12.71 -2.83
N ILE B 392 -23.95 12.91 -1.93
CA ILE B 392 -23.55 14.26 -1.56
C ILE B 392 -22.98 15.00 -2.76
N PHE B 393 -22.09 14.35 -3.51
CA PHE B 393 -21.44 15.03 -4.61
C PHE B 393 -22.38 15.26 -5.79
N ALA B 394 -23.33 14.34 -6.03
CA ALA B 394 -24.34 14.59 -7.04
C ALA B 394 -25.16 15.82 -6.71
N THR B 395 -25.62 15.93 -5.46
CA THR B 395 -26.38 17.12 -5.06
C THR B 395 -25.55 18.38 -5.22
N MET B 396 -24.29 18.32 -4.76
CA MET B 396 -23.45 19.51 -4.78
C MET B 396 -23.13 19.95 -6.20
N ILE B 397 -22.86 19.00 -7.10
CA ILE B 397 -22.58 19.38 -8.49
C ILE B 397 -23.83 19.91 -9.16
N TYR B 398 -25.00 19.30 -8.90
CA TYR B 398 -26.24 19.82 -9.46
C TYR B 398 -26.45 21.27 -9.06
N TYR B 399 -26.20 21.60 -7.79
CA TYR B 399 -26.41 22.98 -7.36
C TYR B 399 -25.29 23.90 -7.85
N ALA B 400 -24.07 23.39 -7.93
CA ALA B 400 -22.93 24.21 -8.34
C ALA B 400 -23.04 24.64 -9.79
N GLU B 401 -23.49 23.74 -10.67
CA GLU B 401 -23.58 24.06 -12.08
C GLU B 401 -24.71 25.04 -12.41
N ARG B 402 -25.36 25.64 -11.41
CA ARG B 402 -26.48 26.53 -11.63
C ARG B 402 -26.37 27.86 -10.89
N ILE B 403 -25.21 28.15 -10.30
CA ILE B 403 -25.04 29.44 -9.64
C ILE B 403 -25.26 30.56 -10.64
N GLY B 404 -25.96 31.61 -10.21
CA GLY B 404 -26.29 32.71 -11.09
C GLY B 404 -27.25 32.34 -12.20
N ALA B 405 -28.30 31.60 -11.89
CA ALA B 405 -29.28 31.16 -12.87
C ALA B 405 -30.69 31.35 -12.32
N GLN B 406 -31.63 31.48 -13.23
CA GLN B 406 -33.03 31.58 -12.83
C GLN B 406 -33.49 30.22 -12.29
N PRO B 407 -34.08 30.18 -11.09
CA PRO B 407 -34.40 28.87 -10.47
C PRO B 407 -35.24 27.97 -11.37
N ASN B 408 -36.40 28.44 -11.79
CA ASN B 408 -37.29 27.66 -12.66
C ASN B 408 -37.22 28.18 -14.09
N ASP B 409 -36.03 28.05 -14.69
CA ASP B 409 -35.79 28.48 -16.05
C ASP B 409 -35.31 27.31 -16.89
N PRO B 410 -35.91 27.05 -18.06
CA PRO B 410 -35.42 25.94 -18.88
C PRO B 410 -34.00 26.12 -19.37
N SER B 411 -33.52 27.36 -19.44
CA SER B 411 -32.17 27.63 -19.93
C SER B 411 -31.10 27.15 -18.96
N ALA B 412 -31.41 27.06 -17.67
CA ALA B 412 -30.40 26.63 -16.69
C ALA B 412 -29.91 25.22 -17.01
N SER B 413 -30.83 24.31 -17.30
CA SER B 413 -30.48 22.93 -17.64
C SER B 413 -30.33 22.75 -19.14
N GLU B 414 -29.50 23.59 -19.76
CA GLU B 414 -29.26 23.51 -21.19
C GLU B 414 -27.77 23.46 -21.49
N HIS B 415 -26.96 24.13 -20.68
CA HIS B 415 -25.52 24.20 -20.85
C HIS B 415 -24.79 23.42 -19.77
N THR B 416 -25.35 22.30 -19.35
CA THR B 416 -24.73 21.45 -18.34
C THR B 416 -25.19 20.02 -18.56
N HIS B 417 -24.27 19.07 -18.32
CA HIS B 417 -24.61 17.66 -18.45
C HIS B 417 -25.46 17.16 -17.30
N PHE B 418 -25.48 17.89 -16.17
CA PHE B 418 -26.19 17.45 -14.97
C PHE B 418 -27.61 18.02 -15.00
N LYS B 419 -28.45 17.42 -15.84
CA LYS B 419 -29.85 17.82 -15.92
C LYS B 419 -30.57 17.55 -14.60
N ASN B 420 -30.06 16.64 -13.78
CA ASN B 420 -30.73 16.25 -12.54
C ASN B 420 -29.71 15.61 -11.61
N ILE B 421 -30.17 15.26 -10.41
CA ILE B 421 -29.32 14.65 -9.39
C ILE B 421 -29.13 13.17 -9.68
N PRO B 422 -30.18 12.42 -10.04
CA PRO B 422 -29.99 10.98 -10.28
C PRO B 422 -28.90 10.67 -11.30
N ILE B 423 -28.82 11.44 -12.39
CA ILE B 423 -27.77 11.20 -13.37
C ILE B 423 -26.41 11.59 -12.82
N GLY B 424 -26.36 12.38 -11.75
CA GLY B 424 -25.09 12.73 -11.14
C GLY B 424 -24.46 11.60 -10.36
N PHE B 425 -25.24 10.57 -10.01
CA PHE B 425 -24.67 9.41 -9.35
C PHE B 425 -23.64 8.72 -10.24
N TRP B 426 -23.95 8.62 -11.53
CA TRP B 426 -23.01 8.01 -12.47
C TRP B 426 -21.71 8.81 -12.54
N TRP B 427 -21.81 10.13 -12.66
CA TRP B 427 -20.62 10.96 -12.70
C TRP B 427 -19.81 10.82 -11.41
N ALA B 428 -20.48 10.81 -10.27
CA ALA B 428 -19.77 10.69 -9.00
C ALA B 428 -19.05 9.35 -8.91
N VAL B 429 -19.71 8.27 -9.31
CA VAL B 429 -19.08 6.96 -9.27
C VAL B 429 -17.86 6.92 -10.18
N VAL B 430 -17.98 7.48 -11.39
CA VAL B 430 -16.87 7.47 -12.32
C VAL B 430 -15.72 8.32 -11.80
N THR B 431 -16.02 9.45 -11.16
CA THR B 431 -14.96 10.35 -10.71
C THR B 431 -14.25 9.83 -9.46
N MET B 432 -14.99 9.21 -8.54
CA MET B 432 -14.39 8.74 -7.29
C MET B 432 -13.41 7.60 -7.52
N THR B 433 -13.60 6.83 -8.60
CA THR B 433 -12.75 5.69 -8.90
C THR B 433 -11.57 6.05 -9.78
N THR B 434 -11.40 7.32 -10.15
CA THR B 434 -10.35 7.77 -11.07
C THR B 434 -10.51 7.12 -12.45
N LEU B 435 -11.74 6.74 -12.79
CA LEU B 435 -11.98 6.09 -14.08
C LEU B 435 -12.01 7.13 -15.21
N GLY B 436 -12.95 8.05 -15.15
CA GLY B 436 -12.97 9.15 -16.10
C GLY B 436 -13.31 8.77 -17.52
N TYR B 437 -14.54 8.31 -17.75
CA TYR B 437 -14.97 8.01 -19.11
C TYR B 437 -14.98 9.27 -19.97
N GLY B 438 -15.50 10.37 -19.42
CA GLY B 438 -15.62 11.62 -20.13
C GLY B 438 -16.98 11.89 -20.74
N ASP B 439 -17.94 10.98 -20.56
CA ASP B 439 -19.28 11.19 -21.09
C ASP B 439 -19.96 12.39 -20.46
N MET B 440 -19.54 12.79 -19.27
CA MET B 440 -20.16 13.92 -18.58
C MET B 440 -19.14 14.51 -17.61
N TYR B 441 -18.85 15.78 -17.78
CA TYR B 441 -17.86 16.47 -16.97
C TYR B 441 -18.37 17.86 -16.66
N PRO B 442 -17.90 18.48 -15.58
CA PRO B 442 -18.32 19.85 -15.27
C PRO B 442 -17.76 20.85 -16.26
N GLN B 443 -18.51 21.95 -16.43
CA GLN B 443 -18.13 23.03 -17.34
C GLN B 443 -18.13 24.39 -16.64
N THR B 444 -18.07 24.40 -15.32
CA THR B 444 -18.11 25.63 -14.54
C THR B 444 -17.13 25.53 -13.38
N TRP B 445 -16.57 26.67 -12.98
CA TRP B 445 -15.47 26.67 -12.02
C TRP B 445 -15.90 26.03 -10.70
N SER B 446 -17.10 26.35 -10.21
CA SER B 446 -17.60 25.69 -9.01
C SER B 446 -17.75 24.19 -9.25
N GLY B 447 -18.24 23.81 -10.43
CA GLY B 447 -18.27 22.41 -10.78
C GLY B 447 -16.89 21.77 -10.80
N MET B 448 -15.88 22.51 -11.25
CA MET B 448 -14.52 21.99 -11.24
C MET B 448 -14.03 21.75 -9.82
N LEU B 449 -14.30 22.70 -8.91
CA LEU B 449 -13.92 22.50 -7.52
C LEU B 449 -14.62 21.29 -6.93
N VAL B 450 -15.92 21.14 -7.21
CA VAL B 450 -16.66 19.99 -6.71
C VAL B 450 -16.07 18.70 -7.27
N GLY B 451 -15.68 18.69 -8.54
CA GLY B 451 -15.09 17.50 -9.13
C GLY B 451 -13.75 17.15 -8.50
N ALA B 452 -12.91 18.14 -8.23
CA ALA B 452 -11.65 17.89 -7.55
C ALA B 452 -11.90 17.29 -6.16
N LEU B 453 -12.81 17.90 -5.40
CA LEU B 453 -13.15 17.35 -4.10
C LEU B 453 -13.66 15.92 -4.21
N CYS B 454 -14.50 15.65 -5.21
CA CYS B 454 -15.05 14.32 -5.39
C CYS B 454 -13.95 13.30 -5.67
N ALA B 455 -13.01 13.65 -6.56
CA ALA B 455 -11.93 12.73 -6.87
C ALA B 455 -11.08 12.43 -5.64
N LEU B 456 -10.71 13.48 -4.90
CA LEU B 456 -9.87 13.28 -3.72
C LEU B 456 -10.59 12.43 -2.68
N ALA B 457 -11.84 12.78 -2.37
CA ALA B 457 -12.60 12.04 -1.38
C ALA B 457 -12.82 10.60 -1.82
N GLY B 458 -13.01 10.38 -3.12
CA GLY B 458 -13.17 9.03 -3.61
C GLY B 458 -11.91 8.20 -3.42
N VAL B 459 -10.75 8.76 -3.76
CA VAL B 459 -9.50 8.06 -3.50
C VAL B 459 -9.39 7.70 -2.03
N LEU B 460 -9.66 8.68 -1.15
CA LEU B 460 -9.54 8.43 0.28
C LEU B 460 -10.47 7.32 0.73
N THR B 461 -11.77 7.42 0.38
CA THR B 461 -12.73 6.43 0.84
C THR B 461 -12.42 5.04 0.29
N ILE B 462 -12.06 4.94 -0.99
CA ILE B 462 -11.76 3.64 -1.57
C ILE B 462 -10.53 3.03 -0.89
N ALA B 463 -9.54 3.86 -0.55
CA ALA B 463 -8.30 3.33 0.00
C ALA B 463 -8.40 2.96 1.47
N MET B 464 -9.52 3.26 2.13
CA MET B 464 -9.60 3.01 3.58
C MET B 464 -9.81 1.53 3.89
N PRO B 465 -10.88 0.88 3.44
CA PRO B 465 -11.11 -0.52 3.83
C PRO B 465 -10.36 -1.54 2.99
N VAL B 466 -10.06 -1.20 1.74
CA VAL B 466 -9.46 -2.17 0.82
C VAL B 466 -8.21 -2.79 1.42
N PRO B 467 -7.32 -2.03 2.08
CA PRO B 467 -6.13 -2.66 2.66
C PRO B 467 -6.44 -3.80 3.62
N VAL B 468 -7.57 -3.76 4.32
CA VAL B 468 -7.93 -4.85 5.21
C VAL B 468 -8.13 -6.13 4.40
N ILE B 469 -8.89 -6.04 3.32
CA ILE B 469 -9.12 -7.20 2.46
C ILE B 469 -7.80 -7.68 1.86
N VAL B 470 -6.95 -6.75 1.46
CA VAL B 470 -5.66 -7.11 0.87
C VAL B 470 -4.81 -7.87 1.89
N ASN B 471 -4.78 -7.40 3.13
CA ASN B 471 -4.00 -8.08 4.16
C ASN B 471 -4.56 -9.46 4.44
N ASN B 472 -5.89 -9.59 4.50
CA ASN B 472 -6.49 -10.90 4.69
C ASN B 472 -6.08 -11.86 3.57
N PHE B 473 -6.18 -11.39 2.32
CA PHE B 473 -5.81 -12.23 1.20
C PHE B 473 -4.34 -12.62 1.25
N GLY B 474 -3.47 -11.68 1.61
CA GLY B 474 -2.06 -12.01 1.72
C GLY B 474 -1.79 -13.06 2.77
N MET B 475 -2.44 -12.91 3.94
CA MET B 475 -2.30 -13.91 4.99
C MET B 475 -2.72 -15.29 4.50
N TYR B 476 -3.92 -15.38 3.92
CA TYR B 476 -4.43 -16.68 3.46
C TYR B 476 -3.51 -17.28 2.39
N TYR B 477 -3.08 -16.45 1.43
CA TYR B 477 -2.26 -16.96 0.34
C TYR B 477 -0.92 -17.45 0.84
N SER B 478 -0.26 -16.68 1.71
CA SER B 478 1.02 -17.11 2.25
C SER B 478 0.86 -18.41 3.03
N LEU B 479 -0.20 -18.49 3.85
CA LEU B 479 -0.42 -19.70 4.64
C LEU B 479 -0.63 -20.91 3.73
N ALA B 480 -1.43 -20.77 2.68
CA ALA B 480 -1.69 -21.90 1.79
C ALA B 480 -0.44 -22.30 1.02
N MET B 481 0.31 -21.33 0.48
CA MET B 481 1.50 -21.66 -0.28
C MET B 481 2.55 -22.30 0.61
N ALA B 482 2.72 -21.82 1.84
CA ALA B 482 3.63 -22.47 2.76
C ALA B 482 3.15 -23.88 3.11
N LYS B 483 1.84 -24.05 3.28
CA LYS B 483 1.30 -25.37 3.60
C LYS B 483 1.56 -26.37 2.48
N GLN B 484 1.54 -25.93 1.23
CA GLN B 484 1.83 -26.84 0.13
C GLN B 484 3.33 -26.95 -0.15
N LYS B 485 4.13 -25.99 0.31
CA LYS B 485 5.58 -26.12 0.19
C LYS B 485 6.08 -27.33 0.99
N LEU B 486 5.60 -27.48 2.21
CA LEU B 486 5.98 -28.62 3.04
C LEU B 486 5.25 -29.86 2.54
N PRO B 487 5.95 -30.90 2.07
CA PRO B 487 5.25 -32.08 1.55
C PRO B 487 4.51 -32.83 2.64
N LYS B 488 5.20 -33.17 3.71
CA LYS B 488 4.62 -33.91 4.83
C LYS B 488 5.70 -34.07 5.89
N LYS B 489 5.30 -34.55 7.06
CA LYS B 489 6.25 -34.77 8.15
C LYS B 489 5.58 -35.63 9.22
N LYS B 490 6.25 -36.71 9.61
CA LYS B 490 5.76 -37.55 10.69
C LYS B 490 5.92 -36.82 12.02
N LYS B 491 5.17 -37.27 13.02
CA LYS B 491 5.24 -36.64 14.34
C LYS B 491 6.69 -36.53 14.81
N LYS B 492 7.43 -37.64 14.75
CA LYS B 492 8.85 -37.64 15.09
C LYS B 492 9.07 -37.02 16.47
N HIS B 493 8.17 -37.32 17.41
CA HIS B 493 8.26 -36.80 18.76
C HIS B 493 8.02 -37.83 19.85
N ILE B 494 7.38 -38.96 19.54
CA ILE B 494 7.07 -40.01 20.52
C ILE B 494 6.66 -39.38 21.85
N PRO B 495 5.50 -38.73 21.91
CA PRO B 495 5.10 -38.03 23.15
C PRO B 495 4.83 -38.98 24.31
N ARG B 496 4.34 -38.43 25.42
CA ARG B 496 4.09 -39.20 26.62
C ARG B 496 5.39 -39.76 27.17
N PRO B 497 6.32 -38.91 27.63
CA PRO B 497 7.60 -39.34 28.19
C PRO B 497 7.45 -40.09 29.52
N SER C 41 17.65 -41.26 37.42
CA SER C 41 17.92 -39.85 37.67
C SER C 41 17.22 -38.98 36.63
N GLU C 42 16.48 -37.98 37.12
CA GLU C 42 15.75 -37.06 36.26
C GLU C 42 16.35 -35.67 36.22
N ARG C 43 17.22 -35.32 37.17
CA ARG C 43 17.84 -34.00 37.22
C ARG C 43 18.98 -33.95 36.22
N ILE C 44 18.70 -33.43 35.04
CA ILE C 44 19.72 -33.22 34.02
C ILE C 44 19.82 -31.73 33.74
N VAL C 45 20.71 -31.05 34.45
CA VAL C 45 20.88 -29.61 34.32
C VAL C 45 21.87 -29.33 33.19
N ILE C 46 21.53 -28.36 32.34
CA ILE C 46 22.33 -28.00 31.19
C ILE C 46 22.78 -26.56 31.35
N ASN C 47 24.09 -26.33 31.30
CA ASN C 47 24.67 -25.00 31.42
C ASN C 47 25.03 -24.52 30.01
N VAL C 48 24.16 -23.69 29.45
CA VAL C 48 24.33 -23.18 28.09
C VAL C 48 24.76 -21.72 28.22
N GLY C 49 26.07 -21.49 28.17
CA GLY C 49 26.60 -20.15 28.20
C GLY C 49 26.46 -19.42 29.52
N GLY C 50 26.01 -20.10 30.57
CA GLY C 50 25.85 -19.47 31.86
C GLY C 50 24.49 -19.74 32.47
N THR C 51 23.45 -19.78 31.63
CA THR C 51 22.11 -20.08 32.10
C THR C 51 21.98 -21.58 32.36
N ARG C 52 21.42 -21.93 33.52
CA ARG C 52 21.34 -23.31 33.97
C ARG C 52 19.95 -23.84 33.66
N HIS C 53 19.76 -24.30 32.42
CA HIS C 53 18.51 -24.93 32.04
C HIS C 53 18.39 -26.30 32.69
N GLN C 54 17.17 -26.65 33.11
CA GLN C 54 16.92 -27.91 33.80
C GLN C 54 15.63 -28.52 33.29
N THR C 55 15.64 -29.84 33.13
CA THR C 55 14.48 -30.57 32.65
C THR C 55 14.63 -32.03 33.02
N TYR C 56 13.54 -32.78 32.84
CA TYR C 56 13.56 -34.20 33.17
C TYR C 56 14.36 -34.98 32.12
N ARG C 57 14.91 -36.12 32.56
CA ARG C 57 15.72 -36.94 31.66
C ARG C 57 14.86 -37.52 30.54
N SER C 58 13.62 -37.91 30.85
CA SER C 58 12.77 -38.53 29.85
C SER C 58 12.46 -37.58 28.70
N THR C 59 12.44 -36.27 28.97
CA THR C 59 12.08 -35.31 27.92
C THR C 59 13.08 -35.32 26.77
N LEU C 60 14.37 -35.45 27.09
CA LEU C 60 15.40 -35.36 26.06
C LEU C 60 15.34 -36.52 25.07
N ARG C 61 14.72 -37.63 25.44
CA ARG C 61 14.65 -38.80 24.56
C ARG C 61 13.50 -38.73 23.56
N THR C 62 12.66 -37.70 23.62
CA THR C 62 11.53 -37.61 22.70
C THR C 62 11.97 -37.46 21.25
N LEU C 63 13.20 -37.05 21.00
CA LEU C 63 13.73 -36.87 19.65
C LEU C 63 15.03 -37.66 19.53
N PRO C 64 14.93 -38.97 19.30
CA PRO C 64 16.15 -39.79 19.21
C PRO C 64 17.04 -39.34 18.06
N GLY C 65 18.35 -39.46 18.26
CA GLY C 65 19.33 -39.10 17.27
C GLY C 65 19.88 -37.70 17.42
N THR C 66 19.21 -36.84 18.16
CA THR C 66 19.67 -35.47 18.35
C THR C 66 20.72 -35.41 19.46
N ARG C 67 21.45 -34.29 19.50
CA ARG C 67 22.55 -34.15 20.44
C ARG C 67 22.07 -34.28 21.88
N LEU C 68 20.94 -33.65 22.20
CA LEU C 68 20.40 -33.74 23.56
C LEU C 68 20.01 -35.18 23.90
N ALA C 69 19.45 -35.90 22.93
CA ALA C 69 19.11 -37.30 23.17
C ALA C 69 20.35 -38.12 23.49
N TRP C 70 21.44 -37.92 22.75
CA TRP C 70 22.68 -38.62 23.06
C TRP C 70 23.20 -38.23 24.44
N LEU C 71 23.10 -36.93 24.78
CA LEU C 71 23.56 -36.48 26.09
C LEU C 71 22.79 -37.16 27.22
N ALA C 72 21.47 -37.28 27.07
CA ALA C 72 20.64 -37.84 28.13
C ALA C 72 20.99 -39.29 28.43
N GLU C 73 21.67 -39.97 27.52
CA GLU C 73 22.02 -41.37 27.76
C GLU C 73 23.03 -41.47 28.91
N PRO C 74 22.98 -42.55 29.68
CA PRO C 74 23.94 -42.68 30.79
C PRO C 74 25.38 -42.71 30.35
N ASP C 75 25.66 -43.28 29.17
CA ASP C 75 27.03 -43.37 28.65
C ASP C 75 27.35 -42.15 27.78
N ALA C 76 27.28 -40.98 28.41
CA ALA C 76 27.58 -39.72 27.72
C ALA C 76 28.49 -38.81 28.54
N HIS C 77 29.00 -39.27 29.68
CA HIS C 77 29.88 -38.42 30.48
C HIS C 77 31.15 -38.07 29.73
N SER C 78 31.77 -39.06 29.07
CA SER C 78 33.00 -38.82 28.34
C SER C 78 32.75 -38.09 27.03
N HIS C 79 31.59 -38.31 26.40
CA HIS C 79 31.32 -37.66 25.13
C HIS C 79 31.29 -36.14 25.28
N PHE C 80 30.64 -35.65 26.33
CA PHE C 80 30.52 -34.21 26.59
C PHE C 80 31.18 -33.89 27.92
N ASP C 81 32.17 -33.00 27.89
CA ASP C 81 32.89 -32.63 29.10
C ASP C 81 31.97 -31.88 30.06
N TYR C 82 32.03 -32.23 31.33
CA TYR C 82 31.23 -31.56 32.35
C TYR C 82 31.94 -31.64 33.69
N ASP C 83 31.61 -30.71 34.58
CA ASP C 83 32.20 -30.67 35.91
C ASP C 83 31.45 -31.63 36.83
N PRO C 84 32.09 -32.65 37.39
CA PRO C 84 31.38 -33.55 38.29
C PRO C 84 30.81 -32.85 39.51
N ARG C 85 31.49 -31.82 40.03
CA ARG C 85 30.99 -31.10 41.19
C ARG C 85 29.63 -30.46 40.89
N ALA C 86 29.60 -29.54 39.93
CA ALA C 86 28.35 -28.88 39.58
C ALA C 86 27.34 -29.83 38.96
N ASP C 87 27.80 -30.97 38.41
CA ASP C 87 26.92 -31.94 37.79
C ASP C 87 26.11 -31.30 36.66
N GLU C 88 26.75 -30.39 35.92
CA GLU C 88 26.11 -29.67 34.83
C GLU C 88 26.97 -29.78 33.59
N PHE C 89 26.33 -30.14 32.47
CA PHE C 89 27.02 -30.24 31.20
C PHE C 89 27.13 -28.84 30.57
N PHE C 90 28.34 -28.45 30.19
CA PHE C 90 28.60 -27.12 29.70
C PHE C 90 28.52 -27.07 28.18
N PHE C 91 28.00 -25.97 27.66
CA PHE C 91 28.00 -25.67 26.24
C PHE C 91 28.37 -24.21 26.05
N ASP C 92 28.77 -23.88 24.82
CA ASP C 92 29.26 -22.54 24.50
C ASP C 92 28.45 -21.95 23.36
N ARG C 93 27.13 -22.02 23.46
CA ARG C 93 26.22 -21.53 22.43
C ARG C 93 25.35 -20.43 23.01
N HIS C 94 24.39 -19.99 22.20
CA HIS C 94 23.51 -18.88 22.60
C HIS C 94 22.46 -19.38 23.59
N PRO C 95 22.38 -18.81 24.79
CA PRO C 95 21.38 -19.29 25.76
C PRO C 95 19.96 -18.89 25.42
N GLY C 96 19.76 -17.79 24.68
CA GLY C 96 18.41 -17.30 24.45
C GLY C 96 17.56 -18.28 23.65
N VAL C 97 18.11 -18.82 22.57
CA VAL C 97 17.34 -19.70 21.70
C VAL C 97 17.28 -21.13 22.22
N PHE C 98 18.18 -21.50 23.14
CA PHE C 98 18.12 -22.84 23.71
C PHE C 98 16.80 -23.09 24.40
N ALA C 99 16.16 -22.04 24.92
CA ALA C 99 14.85 -22.20 25.54
C ALA C 99 13.84 -22.74 24.53
N HIS C 100 13.81 -22.17 23.33
CA HIS C 100 12.89 -22.65 22.30
C HIS C 100 13.32 -24.03 21.81
N ILE C 101 14.63 -24.25 21.65
CA ILE C 101 15.11 -25.55 21.20
C ILE C 101 14.65 -26.64 22.15
N LEU C 102 14.69 -26.38 23.45
CA LEU C 102 14.24 -27.35 24.43
C LEU C 102 12.72 -27.42 24.52
N ASN C 103 12.03 -26.28 24.33
CA ASN C 103 10.58 -26.31 24.31
C ASN C 103 10.06 -27.18 23.17
N TYR C 104 10.83 -27.31 22.10
CA TYR C 104 10.49 -28.28 21.07
C TYR C 104 10.34 -29.68 21.69
N TYR C 105 11.31 -30.07 22.51
CA TYR C 105 11.20 -31.35 23.22
C TYR C 105 10.04 -31.34 24.19
N ARG C 106 9.86 -30.23 24.92
CA ARG C 106 8.82 -30.18 25.96
C ARG C 106 7.43 -30.36 25.36
N THR C 107 7.01 -29.42 24.51
CA THR C 107 5.66 -29.43 23.97
C THR C 107 5.52 -30.26 22.70
N GLY C 108 6.60 -30.45 21.95
CA GLY C 108 6.56 -31.23 20.73
C GLY C 108 6.38 -30.42 19.46
N LYS C 109 6.51 -29.09 19.54
CA LYS C 109 6.38 -28.23 18.37
C LYS C 109 7.56 -27.28 18.32
N LEU C 110 8.07 -27.03 17.11
CA LEU C 110 9.25 -26.21 16.90
C LEU C 110 8.82 -24.85 16.36
N HIS C 111 9.31 -23.79 16.99
CA HIS C 111 9.06 -22.43 16.56
C HIS C 111 10.37 -21.65 16.58
N CYS C 112 10.44 -20.63 15.71
CA CYS C 112 11.61 -19.77 15.69
C CYS C 112 11.32 -18.45 16.39
N PRO C 113 12.19 -18.00 17.29
CA PRO C 113 11.92 -16.76 18.02
C PRO C 113 11.94 -15.55 17.08
N ALA C 114 11.14 -14.55 17.43
CA ALA C 114 10.98 -13.36 16.63
C ALA C 114 11.87 -12.21 17.08
N ASP C 115 12.71 -12.42 18.09
CA ASP C 115 13.61 -11.39 18.58
C ASP C 115 15.04 -11.56 18.07
N VAL C 116 15.26 -12.50 17.15
CA VAL C 116 16.58 -12.75 16.59
C VAL C 116 16.43 -12.96 15.08
N CYS C 117 17.55 -12.83 14.38
CA CYS C 117 17.55 -13.05 12.94
C CYS C 117 17.42 -14.54 12.63
N GLY C 118 16.77 -14.83 11.50
CA GLY C 118 16.53 -16.19 11.09
C GLY C 118 17.79 -17.01 10.93
N PRO C 119 18.79 -16.44 10.25
CA PRO C 119 20.05 -17.19 10.08
C PRO C 119 20.70 -17.62 11.37
N LEU C 120 20.62 -16.79 12.42
CA LEU C 120 21.20 -17.17 13.70
C LEU C 120 20.50 -18.40 14.27
N TYR C 121 19.17 -18.42 14.23
CA TYR C 121 18.43 -19.58 14.70
C TYR C 121 18.73 -20.80 13.84
N GLU C 122 18.90 -20.61 12.54
CA GLU C 122 19.25 -21.71 11.66
C GLU C 122 20.60 -22.31 12.06
N GLU C 123 21.59 -21.45 12.28
CA GLU C 123 22.91 -21.93 12.70
C GLU C 123 22.82 -22.68 14.03
N GLU C 124 22.06 -22.13 14.98
CA GLU C 124 21.95 -22.76 16.29
C GLU C 124 21.30 -24.14 16.19
N LEU C 125 20.19 -24.25 15.47
CA LEU C 125 19.52 -25.53 15.35
C LEU C 125 20.30 -26.51 14.47
N ALA C 126 21.18 -26.00 13.60
CA ALA C 126 22.09 -26.89 12.89
C ALA C 126 23.15 -27.44 13.83
N PHE C 127 23.65 -26.59 14.73
CA PHE C 127 24.58 -27.07 15.75
C PHE C 127 23.93 -28.12 16.65
N TRP C 128 22.67 -27.89 17.04
CA TRP C 128 21.97 -28.82 17.91
C TRP C 128 21.42 -30.03 17.17
N GLY C 129 21.69 -30.17 15.88
CA GLY C 129 21.27 -31.35 15.14
C GLY C 129 19.77 -31.50 15.03
N ILE C 130 19.06 -30.42 14.70
CA ILE C 130 17.61 -30.45 14.51
C ILE C 130 17.31 -29.96 13.11
N ASP C 131 16.45 -30.68 12.41
CA ASP C 131 16.08 -30.31 11.05
C ASP C 131 15.19 -29.08 11.05
N GLU C 132 15.42 -28.18 10.09
CA GLU C 132 14.65 -26.96 9.98
C GLU C 132 13.31 -27.16 9.29
N THR C 133 13.05 -28.36 8.76
CA THR C 133 11.77 -28.63 8.10
C THR C 133 10.63 -28.87 9.09
N ASP C 134 10.93 -29.03 10.37
CA ASP C 134 9.91 -29.29 11.37
C ASP C 134 9.27 -28.03 11.93
N VAL C 135 9.78 -26.84 11.56
CA VAL C 135 9.19 -25.61 12.06
C VAL C 135 7.75 -25.50 11.58
N GLU C 136 6.87 -25.12 12.49
CA GLU C 136 5.46 -25.00 12.16
C GLU C 136 5.24 -23.91 11.12
N PRO C 137 4.15 -23.97 10.36
CA PRO C 137 3.92 -22.96 9.32
C PRO C 137 3.54 -21.60 9.86
N CYS C 138 3.25 -21.49 11.16
CA CYS C 138 2.95 -20.19 11.75
C CYS C 138 4.14 -19.25 11.70
N CYS C 139 5.36 -19.79 11.63
CA CYS C 139 6.56 -18.97 11.64
C CYS C 139 7.60 -19.48 10.65
N TRP C 140 7.15 -20.12 9.58
CA TRP C 140 8.06 -20.61 8.54
C TRP C 140 8.33 -19.56 7.46
N MET C 141 7.33 -18.76 7.12
CA MET C 141 7.49 -17.81 6.02
C MET C 141 8.56 -16.77 6.35
N THR C 142 8.55 -16.24 7.58
CA THR C 142 9.57 -15.27 7.97
C THR C 142 10.92 -15.94 8.20
N TYR C 143 10.92 -17.18 8.70
CA TYR C 143 12.18 -17.89 8.89
C TYR C 143 12.89 -18.11 7.57
N ARG C 144 12.15 -18.50 6.54
CA ARG C 144 12.71 -18.66 5.19
C ARG C 144 12.43 -17.41 4.36
N GLN C 145 13.02 -16.30 4.80
CA GLN C 145 12.80 -15.00 4.18
C GLN C 145 14.08 -14.41 3.60
N HIS C 146 15.19 -14.46 4.34
CA HIS C 146 16.43 -13.87 3.85
C HIS C 146 17.20 -14.84 2.95
N ARG C 147 17.17 -16.14 3.28
CA ARG C 147 17.99 -17.09 2.53
C ARG C 147 17.48 -17.27 1.11
N ASP C 148 16.16 -17.32 0.92
CA ASP C 148 15.64 -17.47 -0.43
C ASP C 148 16.01 -16.28 -1.30
N ALA C 149 15.90 -15.07 -0.76
CA ALA C 149 16.28 -13.88 -1.52
C ALA C 149 17.78 -13.87 -1.81
N GLU C 150 18.60 -14.27 -0.83
CA GLU C 150 20.04 -14.33 -1.05
C GLU C 150 20.38 -15.30 -2.17
N GLU C 151 19.76 -16.48 -2.14
CA GLU C 151 20.01 -17.47 -3.20
C GLU C 151 19.55 -16.96 -4.56
N ALA C 152 18.38 -16.32 -4.61
CA ALA C 152 17.89 -15.78 -5.87
C ALA C 152 18.83 -14.72 -6.42
N LEU C 153 19.35 -13.84 -5.56
CA LEU C 153 20.32 -12.86 -6.01
C LEU C 153 21.60 -13.54 -6.49
N ASP C 154 22.03 -14.59 -5.79
CA ASP C 154 23.24 -15.31 -6.19
C ASP C 154 23.10 -16.02 -7.52
N SER C 155 21.89 -16.19 -8.03
CA SER C 155 21.68 -16.84 -9.31
C SER C 155 22.37 -16.08 -10.44
N ARG C 204 47.98 -18.25 -29.51
CA ARG C 204 46.89 -17.37 -29.15
C ARG C 204 47.09 -16.78 -27.76
N ARG C 205 47.95 -15.77 -27.67
CA ARG C 205 48.24 -15.10 -26.41
C ARG C 205 47.48 -13.79 -26.25
N TRP C 206 46.55 -13.49 -27.16
CA TRP C 206 45.75 -12.28 -27.09
C TRP C 206 44.26 -12.55 -26.84
N GLN C 207 43.84 -13.82 -26.83
CA GLN C 207 42.44 -14.14 -26.58
C GLN C 207 41.90 -13.52 -25.30
N PRO C 208 42.58 -13.63 -24.16
CA PRO C 208 42.01 -13.04 -22.92
C PRO C 208 41.85 -11.53 -23.02
N ARG C 209 42.88 -10.81 -23.44
CA ARG C 209 42.78 -9.35 -23.52
C ARG C 209 41.73 -8.92 -24.53
N ILE C 210 41.69 -9.57 -25.69
CA ILE C 210 40.72 -9.20 -26.72
C ILE C 210 39.30 -9.42 -26.21
N TRP C 211 39.05 -10.57 -25.58
CA TRP C 211 37.72 -10.82 -25.04
C TRP C 211 37.39 -9.88 -23.90
N ALA C 212 38.39 -9.45 -23.14
CA ALA C 212 38.15 -8.50 -22.06
C ALA C 212 37.98 -7.08 -22.56
N LEU C 213 38.33 -6.80 -23.82
CA LEU C 213 38.03 -5.49 -24.39
C LEU C 213 36.52 -5.26 -24.43
N PHE C 214 35.77 -6.31 -24.71
CA PHE C 214 34.31 -6.28 -24.70
C PHE C 214 33.81 -7.08 -23.49
N GLU C 215 32.49 -7.10 -23.33
CA GLU C 215 31.80 -7.95 -22.37
C GLU C 215 31.97 -7.46 -20.93
N ASP C 216 32.74 -6.40 -20.72
CA ASP C 216 32.96 -5.87 -19.37
C ASP C 216 33.27 -4.38 -19.47
N PRO C 217 32.30 -3.50 -19.19
CA PRO C 217 32.59 -2.06 -19.27
C PRO C 217 33.72 -1.61 -18.35
N TYR C 218 33.63 -1.94 -17.06
CA TYR C 218 34.61 -1.48 -16.08
C TYR C 218 35.64 -2.58 -15.80
N SER C 219 36.56 -2.72 -16.77
CA SER C 219 37.68 -3.64 -16.61
C SER C 219 38.98 -3.09 -17.20
N SER C 220 38.98 -1.89 -17.75
CA SER C 220 40.18 -1.31 -18.34
C SER C 220 39.87 0.13 -18.75
N ARG C 221 40.88 0.82 -19.28
CA ARG C 221 40.71 2.19 -19.73
C ARG C 221 40.13 2.28 -21.14
N TYR C 222 40.04 1.16 -21.86
CA TYR C 222 39.51 1.15 -23.22
C TYR C 222 38.12 0.53 -23.33
N ALA C 223 37.76 -0.40 -22.43
CA ALA C 223 36.45 -1.03 -22.51
C ALA C 223 35.33 -0.01 -22.30
N ARG C 224 35.57 0.99 -21.45
CA ARG C 224 34.56 2.01 -21.22
C ARG C 224 34.22 2.77 -22.49
N TYR C 225 35.24 3.15 -23.26
CA TYR C 225 35.00 3.87 -24.51
C TYR C 225 34.24 2.99 -25.50
N VAL C 226 34.58 1.71 -25.57
CA VAL C 226 33.88 0.79 -26.46
C VAL C 226 32.41 0.69 -26.07
N ALA C 227 32.14 0.59 -24.76
CA ALA C 227 30.76 0.53 -24.30
C ALA C 227 30.00 1.81 -24.64
N PHE C 228 30.65 2.97 -24.47
CA PHE C 228 30.00 4.22 -24.81
C PHE C 228 29.69 4.30 -26.29
N ALA C 229 30.62 3.87 -27.14
CA ALA C 229 30.37 3.88 -28.58
C ALA C 229 29.23 2.94 -28.93
N SER C 230 29.19 1.76 -28.32
CA SER C 230 28.10 0.82 -28.56
C SER C 230 26.76 1.44 -28.16
N LEU C 231 26.72 2.11 -27.01
CA LEU C 231 25.49 2.77 -26.59
C LEU C 231 25.08 3.84 -27.58
N PHE C 232 26.04 4.64 -28.05
CA PHE C 232 25.71 5.70 -29.00
C PHE C 232 25.11 5.12 -30.27
N PHE C 233 25.74 4.08 -30.82
CA PHE C 233 25.24 3.50 -32.06
C PHE C 233 23.90 2.80 -31.84
N ILE C 234 23.69 2.17 -30.68
CA ILE C 234 22.40 1.55 -30.39
C ILE C 234 21.29 2.61 -30.36
N LEU C 235 21.55 3.72 -29.68
CA LEU C 235 20.55 4.78 -29.61
C LEU C 235 20.29 5.38 -30.98
N VAL C 236 21.34 5.55 -31.79
CA VAL C 236 21.16 6.06 -33.15
C VAL C 236 20.29 5.11 -33.96
N SER C 237 20.55 3.80 -33.86
CA SER C 237 19.76 2.83 -34.60
C SER C 237 18.30 2.85 -34.15
N ILE C 238 18.05 2.93 -32.85
CA ILE C 238 16.68 2.99 -32.36
C ILE C 238 15.98 4.24 -32.87
N THR C 239 16.66 5.38 -32.82
CA THR C 239 16.05 6.62 -33.30
C THR C 239 15.73 6.53 -34.79
N THR C 240 16.66 6.00 -35.59
CA THR C 240 16.40 5.87 -37.02
C THR C 240 15.25 4.92 -37.29
N PHE C 241 15.19 3.80 -36.54
CA PHE C 241 14.07 2.87 -36.71
C PHE C 241 12.75 3.54 -36.40
N CYS C 242 12.70 4.35 -35.34
CA CYS C 242 11.46 5.05 -35.03
C CYS C 242 11.12 6.09 -36.10
N LEU C 243 12.14 6.77 -36.63
CA LEU C 243 11.87 7.78 -37.65
C LEU C 243 11.37 7.16 -38.95
N GLU C 244 11.86 5.96 -39.27
CA GLU C 244 11.50 5.33 -40.55
C GLU C 244 9.99 5.14 -40.68
N THR C 245 9.27 5.10 -39.55
CA THR C 245 7.83 4.89 -39.58
C THR C 245 7.04 6.20 -39.71
N HIS C 246 7.72 7.33 -39.77
CA HIS C 246 7.03 8.61 -39.85
C HIS C 246 6.67 8.93 -41.30
N GLU C 247 5.74 9.88 -41.47
CA GLU C 247 5.28 10.27 -42.79
C GLU C 247 6.14 11.36 -43.42
N ARG C 248 6.94 12.06 -42.63
CA ARG C 248 7.81 13.09 -43.20
C ARG C 248 8.99 12.50 -43.95
N PHE C 249 9.47 11.35 -43.51
CA PHE C 249 10.61 10.68 -44.12
C PHE C 249 10.20 9.57 -45.08
N ASN C 250 8.92 9.45 -45.38
CA ASN C 250 8.41 8.46 -46.34
C ASN C 250 7.49 9.15 -47.34
N PRO C 251 8.04 10.06 -48.14
CA PRO C 251 7.22 10.75 -49.15
C PRO C 251 6.80 9.81 -50.27
N ILE C 252 5.67 10.14 -50.90
CA ILE C 252 5.14 9.37 -52.01
C ILE C 252 5.67 9.97 -53.31
N VAL C 253 6.20 9.11 -54.18
CA VAL C 253 6.75 9.55 -55.45
C VAL C 253 5.66 9.48 -56.52
N TYR C 269 5.25 -0.03 -59.61
CA TYR C 269 5.56 1.08 -58.71
C TYR C 269 5.10 2.41 -59.30
N TYR C 270 3.82 2.73 -59.12
CA TYR C 270 3.29 3.97 -59.63
C TYR C 270 3.64 5.14 -58.71
N ARG C 271 3.14 5.11 -57.48
CA ARG C 271 3.46 6.13 -56.48
C ARG C 271 4.23 5.54 -55.31
N GLU C 272 3.66 4.54 -54.62
CA GLU C 272 4.34 3.90 -53.49
C GLU C 272 4.78 4.93 -52.46
N ALA C 273 5.62 4.50 -51.52
CA ALA C 273 6.20 5.40 -50.52
C ALA C 273 7.67 5.02 -50.35
N GLU C 274 8.57 5.94 -50.67
CA GLU C 274 9.99 5.68 -50.69
C GLU C 274 10.67 6.44 -49.56
N THR C 275 11.35 5.72 -48.68
CA THR C 275 12.00 6.32 -47.53
C THR C 275 13.25 7.09 -47.95
N GLU C 276 13.60 8.09 -47.15
CA GLU C 276 14.77 8.92 -47.43
C GLU C 276 16.04 8.06 -47.41
N ALA C 277 17.14 8.66 -47.87
CA ALA C 277 18.39 7.90 -48.03
C ALA C 277 19.30 8.03 -46.81
N PHE C 278 19.36 9.22 -46.20
CA PHE C 278 20.24 9.40 -45.05
C PHE C 278 19.87 8.46 -43.91
N LEU C 279 18.58 8.16 -43.74
CA LEU C 279 18.17 7.16 -42.76
C LEU C 279 18.77 5.79 -43.08
N THR C 280 19.14 5.55 -44.33
CA THR C 280 19.80 4.30 -44.68
C THR C 280 21.31 4.38 -44.48
N TYR C 281 21.92 5.54 -44.75
CA TYR C 281 23.35 5.68 -44.54
C TYR C 281 23.71 5.59 -43.06
N ILE C 282 22.88 6.21 -42.20
CA ILE C 282 23.13 6.14 -40.76
C ILE C 282 23.10 4.67 -40.30
N GLU C 283 22.06 3.94 -40.73
CA GLU C 283 21.97 2.54 -40.36
C GLU C 283 23.12 1.74 -40.96
N GLY C 284 23.62 2.12 -42.13
CA GLY C 284 24.77 1.45 -42.68
C GLY C 284 26.00 1.60 -41.80
N VAL C 285 26.25 2.82 -41.34
CA VAL C 285 27.38 3.04 -40.43
C VAL C 285 27.20 2.22 -39.16
N CYS C 286 26.01 2.28 -38.57
CA CYS C 286 25.76 1.53 -37.35
C CYS C 286 25.95 0.04 -37.57
N VAL C 287 25.50 -0.48 -38.71
CA VAL C 287 25.62 -1.90 -39.00
C VAL C 287 27.08 -2.28 -39.21
N VAL C 288 27.87 -1.39 -39.82
CA VAL C 288 29.31 -1.65 -39.94
C VAL C 288 29.93 -1.82 -38.57
N TRP C 289 29.64 -0.88 -37.66
CA TRP C 289 30.17 -1.01 -36.31
C TRP C 289 29.71 -2.29 -35.64
N PHE C 290 28.42 -2.61 -35.76
CA PHE C 290 27.87 -3.78 -35.08
C PHE C 290 28.44 -5.07 -35.62
N THR C 291 28.64 -5.17 -36.94
CA THR C 291 29.21 -6.38 -37.50
C THR C 291 30.68 -6.53 -37.11
N PHE C 292 31.42 -5.41 -37.06
CA PHE C 292 32.79 -5.48 -36.55
C PHE C 292 32.82 -6.01 -35.12
N GLU C 293 31.96 -5.45 -34.27
CA GLU C 293 31.91 -5.90 -32.88
C GLU C 293 31.52 -7.37 -32.78
N PHE C 294 30.53 -7.80 -33.56
CA PHE C 294 30.07 -9.18 -33.49
C PHE C 294 31.16 -10.14 -33.94
N LEU C 295 31.86 -9.81 -35.02
CA LEU C 295 32.96 -10.66 -35.47
C LEU C 295 34.05 -10.73 -34.41
N MET C 296 34.42 -9.58 -33.83
CA MET C 296 35.48 -9.59 -32.84
C MET C 296 35.08 -10.41 -31.61
N ARG C 297 33.81 -10.33 -31.21
CA ARG C 297 33.36 -11.10 -30.06
C ARG C 297 33.33 -12.59 -30.37
N VAL C 298 32.76 -12.98 -31.51
CA VAL C 298 32.58 -14.39 -31.79
C VAL C 298 33.92 -15.07 -32.05
N ILE C 299 34.83 -14.40 -32.75
CA ILE C 299 36.12 -15.01 -33.06
C ILE C 299 36.90 -15.27 -31.78
N PHE C 300 37.03 -14.24 -30.94
CA PHE C 300 37.85 -14.32 -29.73
C PHE C 300 36.95 -14.56 -28.51
N CYS C 301 36.37 -15.75 -28.49
CA CYS C 301 35.57 -16.19 -27.35
C CYS C 301 35.71 -17.70 -27.18
N PRO C 302 35.58 -18.20 -25.95
CA PRO C 302 35.59 -19.65 -25.73
C PRO C 302 34.21 -20.25 -25.87
N ASN C 303 34.17 -21.58 -25.89
CA ASN C 303 32.94 -22.36 -25.89
C ASN C 303 31.86 -21.73 -26.76
N LYS C 304 32.17 -21.68 -28.06
CA LYS C 304 31.30 -21.03 -29.05
C LYS C 304 29.84 -21.43 -28.87
N VAL C 305 29.58 -22.65 -28.38
CA VAL C 305 28.21 -23.08 -28.19
C VAL C 305 27.51 -22.21 -27.14
N GLU C 306 28.21 -21.91 -26.04
CA GLU C 306 27.64 -21.02 -25.04
C GLU C 306 27.43 -19.63 -25.62
N PHE C 307 28.36 -19.17 -26.46
CA PHE C 307 28.19 -17.88 -27.10
C PHE C 307 26.91 -17.83 -27.93
N ILE C 308 26.65 -18.90 -28.69
CA ILE C 308 25.44 -18.96 -29.49
C ILE C 308 24.21 -19.05 -28.59
N LYS C 309 24.32 -19.75 -27.46
CA LYS C 309 23.19 -19.93 -26.55
C LYS C 309 22.96 -18.73 -25.63
N ASN C 310 23.84 -17.72 -25.67
CA ASN C 310 23.71 -16.61 -24.74
C ASN C 310 22.38 -15.89 -24.89
N SER C 311 21.72 -16.03 -26.04
CA SER C 311 20.40 -15.47 -26.27
C SER C 311 20.43 -13.96 -26.49
N LEU C 312 21.60 -13.34 -26.31
CA LEU C 312 21.77 -11.93 -26.61
C LEU C 312 22.60 -11.69 -27.87
N ASN C 313 23.42 -12.66 -28.27
CA ASN C 313 24.12 -12.55 -29.55
C ASN C 313 23.18 -12.84 -30.72
N ILE C 314 22.16 -13.66 -30.50
CA ILE C 314 21.16 -13.89 -31.54
C ILE C 314 20.48 -12.59 -31.92
N ILE C 315 20.19 -11.74 -30.92
CA ILE C 315 19.59 -10.45 -31.19
C ILE C 315 20.54 -9.59 -32.02
N ASP C 316 21.83 -9.57 -31.66
CA ASP C 316 22.79 -8.75 -32.40
C ASP C 316 22.95 -9.25 -33.83
N PHE C 317 22.77 -10.56 -34.06
CA PHE C 317 22.89 -11.11 -35.40
C PHE C 317 21.66 -10.81 -36.24
N VAL C 318 20.47 -11.01 -35.67
CA VAL C 318 19.23 -10.77 -36.38
C VAL C 318 18.96 -9.29 -36.58
N ALA C 319 19.61 -8.42 -35.80
CA ALA C 319 19.45 -6.99 -35.99
C ALA C 319 20.30 -6.44 -37.13
N ILE C 320 21.30 -7.19 -37.59
CA ILE C 320 22.09 -6.79 -38.74
C ILE C 320 21.77 -7.61 -39.98
N LEU C 321 21.19 -8.80 -39.83
CA LEU C 321 20.84 -9.60 -40.99
C LEU C 321 19.91 -8.87 -41.96
N PRO C 322 18.82 -8.23 -41.52
CA PRO C 322 17.91 -7.61 -42.49
C PRO C 322 18.55 -6.55 -43.36
N PHE C 323 19.50 -5.77 -42.82
CA PHE C 323 20.16 -4.75 -43.64
C PHE C 323 20.89 -5.38 -44.81
N TYR C 324 21.68 -6.43 -44.54
CA TYR C 324 22.40 -7.10 -45.62
C TYR C 324 21.45 -7.78 -46.59
N LEU C 325 20.38 -8.39 -46.07
CA LEU C 325 19.40 -9.01 -46.97
C LEU C 325 18.77 -7.96 -47.88
N GLU C 326 18.43 -6.80 -47.34
CA GLU C 326 17.83 -5.74 -48.15
C GLU C 326 18.81 -5.25 -49.21
N VAL C 327 20.06 -4.99 -48.81
CA VAL C 327 21.01 -4.42 -49.76
C VAL C 327 21.35 -5.42 -50.86
N GLY C 328 21.44 -6.71 -50.51
CA GLY C 328 21.75 -7.74 -51.46
C GLY C 328 20.56 -8.41 -52.11
N LEU C 329 19.34 -7.92 -51.88
CA LEU C 329 18.13 -8.51 -52.44
C LEU C 329 17.23 -7.43 -53.01
N SER C 330 17.82 -6.45 -53.69
CA SER C 330 17.10 -5.35 -54.30
C SER C 330 17.25 -5.37 -55.82
N GLY C 331 17.13 -6.55 -56.40
CA GLY C 331 17.27 -6.75 -57.84
C GLY C 331 15.94 -6.83 -58.55
N LEU C 332 15.91 -7.60 -59.63
CA LEU C 332 14.71 -7.76 -60.44
C LEU C 332 13.76 -8.75 -59.75
N SER C 333 12.77 -9.23 -60.50
CA SER C 333 11.77 -10.16 -59.97
C SER C 333 10.99 -9.51 -58.82
N SER C 334 10.34 -8.39 -59.14
CA SER C 334 9.63 -7.62 -58.13
C SER C 334 8.45 -8.39 -57.55
N LYS C 335 7.83 -9.28 -58.34
CA LYS C 335 6.60 -9.94 -57.90
C LYS C 335 6.77 -10.57 -56.52
N ALA C 336 7.89 -11.24 -56.29
CA ALA C 336 8.18 -11.84 -54.99
C ALA C 336 9.18 -11.02 -54.17
N ALA C 337 10.10 -10.33 -54.84
CA ALA C 337 11.10 -9.55 -54.12
C ALA C 337 10.47 -8.45 -53.30
N LYS C 338 9.51 -7.72 -53.88
CA LYS C 338 8.87 -6.63 -53.16
C LYS C 338 8.12 -7.16 -51.94
N ASP C 339 7.38 -8.26 -52.10
CA ASP C 339 6.63 -8.81 -50.98
C ASP C 339 7.56 -9.31 -49.87
N VAL C 340 8.62 -10.03 -50.23
CA VAL C 340 9.52 -10.54 -49.21
C VAL C 340 10.24 -9.41 -48.50
N LEU C 341 10.63 -8.35 -49.24
CA LEU C 341 11.23 -7.20 -48.59
C LEU C 341 10.24 -6.52 -47.65
N GLY C 342 8.99 -6.37 -48.08
CA GLY C 342 8.00 -5.71 -47.23
C GLY C 342 7.74 -6.48 -45.94
N PHE C 343 7.70 -7.81 -46.02
CA PHE C 343 7.45 -8.61 -44.83
C PHE C 343 8.72 -8.91 -44.03
N LEU C 344 9.90 -8.64 -44.60
CA LEU C 344 11.14 -8.69 -43.84
C LEU C 344 11.45 -7.37 -43.15
N ARG C 345 10.88 -6.27 -43.65
CA ARG C 345 11.05 -4.99 -43.00
C ARG C 345 10.45 -4.97 -41.59
N VAL C 346 9.62 -5.96 -41.27
CA VAL C 346 9.07 -6.05 -39.92
C VAL C 346 10.10 -6.56 -38.93
N VAL C 347 11.13 -7.28 -39.39
CA VAL C 347 12.15 -7.80 -38.49
C VAL C 347 12.98 -6.71 -37.85
N ARG C 348 12.87 -5.47 -38.33
CA ARG C 348 13.63 -4.36 -37.77
C ARG C 348 13.24 -4.04 -36.34
N PHE C 349 12.11 -4.57 -35.85
CA PHE C 349 11.75 -4.35 -34.45
C PHE C 349 12.78 -4.92 -33.50
N VAL C 350 13.61 -5.86 -33.97
CA VAL C 350 14.65 -6.44 -33.12
C VAL C 350 15.78 -5.48 -32.85
N ARG C 351 15.77 -4.30 -33.48
CA ARG C 351 16.81 -3.31 -33.20
C ARG C 351 16.63 -2.67 -31.83
N ILE C 352 15.40 -2.62 -31.33
CA ILE C 352 15.16 -2.03 -30.01
C ILE C 352 15.46 -2.99 -28.87
N LEU C 353 15.67 -4.28 -29.17
CA LEU C 353 15.98 -5.26 -28.14
C LEU C 353 17.46 -5.30 -27.79
N ARG C 354 18.32 -4.66 -28.59
CA ARG C 354 19.72 -4.56 -28.22
C ARG C 354 19.94 -3.74 -26.97
N ILE C 355 18.94 -2.96 -26.56
CA ILE C 355 19.11 -2.12 -25.37
C ILE C 355 19.19 -2.98 -24.12
N PHE C 356 18.70 -4.22 -24.19
CA PHE C 356 18.82 -5.13 -23.05
C PHE C 356 20.24 -5.68 -22.93
N LYS C 357 20.99 -5.70 -24.03
CA LYS C 357 22.39 -6.06 -23.96
C LYS C 357 23.20 -5.05 -23.14
N LEU C 358 22.65 -3.86 -22.91
CA LEU C 358 23.35 -2.79 -22.23
C LEU C 358 22.85 -2.51 -20.83
N THR C 359 21.62 -2.91 -20.51
CA THR C 359 21.02 -2.64 -19.21
C THR C 359 21.27 -3.75 -18.20
N ARG C 360 21.92 -4.84 -18.61
CA ARG C 360 22.23 -5.92 -17.67
C ARG C 360 23.11 -5.46 -16.52
N HIS C 361 23.86 -4.38 -16.70
CA HIS C 361 24.73 -3.86 -15.65
C HIS C 361 23.96 -3.07 -14.60
N PHE C 362 22.89 -2.38 -15.00
CA PHE C 362 22.10 -1.61 -14.06
C PHE C 362 21.48 -2.54 -13.01
N VAL C 363 21.59 -2.15 -11.75
CA VAL C 363 21.20 -3.03 -10.65
C VAL C 363 19.68 -3.18 -10.59
N GLY C 364 18.96 -2.07 -10.76
CA GLY C 364 17.52 -2.11 -10.61
C GLY C 364 16.86 -3.06 -11.60
N LEU C 365 17.38 -3.14 -12.81
CA LEU C 365 16.79 -4.03 -13.81
C LEU C 365 17.11 -5.49 -13.52
N ARG C 366 18.29 -5.78 -12.97
CA ARG C 366 18.56 -7.13 -12.49
C ARG C 366 17.59 -7.51 -11.38
N VAL C 367 17.32 -6.58 -10.46
CA VAL C 367 16.35 -6.84 -9.40
C VAL C 367 14.97 -7.09 -9.99
N LEU C 368 14.60 -6.31 -11.01
CA LEU C 368 13.31 -6.51 -11.66
C LEU C 368 13.23 -7.88 -12.31
N GLY C 369 14.30 -8.30 -12.98
CA GLY C 369 14.32 -9.63 -13.57
C GLY C 369 14.16 -10.73 -12.53
N HIS C 370 14.87 -10.60 -11.41
CA HIS C 370 14.72 -11.58 -10.34
C HIS C 370 13.30 -11.60 -9.80
N THR C 371 12.71 -10.42 -9.60
CA THR C 371 11.34 -10.35 -9.10
C THR C 371 10.36 -11.02 -10.07
N LEU C 372 10.52 -10.76 -11.37
CA LEU C 372 9.64 -11.40 -12.34
C LEU C 372 9.83 -12.91 -12.33
N ARG C 373 11.08 -13.37 -12.26
CA ARG C 373 11.34 -14.80 -12.24
C ARG C 373 10.86 -15.47 -10.96
N ALA C 374 10.64 -14.69 -9.89
CA ALA C 374 10.24 -15.24 -8.60
C ALA C 374 8.76 -15.08 -8.31
N SER C 375 7.99 -14.47 -9.20
CA SER C 375 6.58 -14.17 -8.94
C SER C 375 5.72 -14.51 -10.16
N THR C 376 5.95 -15.70 -10.73
CA THR C 376 5.16 -16.12 -11.87
C THR C 376 3.75 -16.55 -11.45
N ASN C 377 3.62 -17.19 -10.30
CA ASN C 377 2.31 -17.62 -9.83
C ASN C 377 1.37 -16.44 -9.63
N GLU C 378 1.90 -15.33 -9.11
CA GLU C 378 1.07 -14.14 -8.90
C GLU C 378 0.59 -13.57 -10.23
N PHE C 379 1.45 -13.56 -11.25
CA PHE C 379 1.02 -13.11 -12.56
C PHE C 379 -0.06 -14.01 -13.13
N LEU C 380 0.11 -15.33 -12.97
CA LEU C 380 -0.91 -16.26 -13.42
C LEU C 380 -2.24 -16.01 -12.71
N LEU C 381 -2.19 -15.80 -11.40
CA LEU C 381 -3.38 -15.52 -10.62
C LEU C 381 -4.07 -14.24 -11.09
N LEU C 382 -3.28 -13.20 -11.33
CA LEU C 382 -3.82 -11.94 -11.82
C LEU C 382 -4.51 -12.13 -13.16
N ILE C 383 -3.87 -12.88 -14.08
CA ILE C 383 -4.45 -13.12 -15.39
C ILE C 383 -5.78 -13.86 -15.24
N ILE C 384 -5.82 -14.88 -14.40
CA ILE C 384 -7.04 -15.67 -14.25
C ILE C 384 -8.16 -14.82 -13.67
N PHE C 385 -7.85 -14.03 -12.63
CA PHE C 385 -8.85 -13.15 -12.05
C PHE C 385 -9.40 -12.19 -13.09
N LEU C 386 -8.51 -11.55 -13.86
CA LEU C 386 -8.95 -10.60 -14.86
C LEU C 386 -9.81 -11.27 -15.93
N ALA C 387 -9.42 -12.47 -16.35
CA ALA C 387 -10.21 -13.18 -17.36
C ALA C 387 -11.61 -13.46 -16.87
N LEU C 388 -11.73 -14.01 -15.65
CA LEU C 388 -13.05 -14.33 -15.11
C LEU C 388 -13.90 -13.09 -14.97
N GLY C 389 -13.33 -12.03 -14.39
CA GLY C 389 -14.08 -10.80 -14.23
C GLY C 389 -14.53 -10.20 -15.56
N VAL C 390 -13.62 -10.21 -16.54
CA VAL C 390 -13.95 -9.66 -17.85
C VAL C 390 -15.10 -10.42 -18.47
N LEU C 391 -15.03 -11.76 -18.45
CA LEU C 391 -16.10 -12.56 -19.01
C LEU C 391 -17.43 -12.26 -18.33
N ILE C 392 -17.44 -12.29 -17.00
CA ILE C 392 -18.69 -12.12 -16.26
C ILE C 392 -19.29 -10.75 -16.53
N PHE C 393 -18.47 -9.70 -16.47
CA PHE C 393 -19.00 -8.36 -16.62
C PHE C 393 -19.39 -8.06 -18.06
N ALA C 394 -18.70 -8.62 -19.04
CA ALA C 394 -19.13 -8.48 -20.43
C ALA C 394 -20.51 -9.10 -20.62
N THR C 395 -20.71 -10.31 -20.12
CA THR C 395 -22.02 -10.94 -20.25
C THR C 395 -23.10 -10.10 -19.54
N MET C 396 -22.79 -9.65 -18.33
CA MET C 396 -23.79 -8.93 -17.54
C MET C 396 -24.15 -7.59 -18.19
N ILE C 397 -23.16 -6.87 -18.73
CA ILE C 397 -23.46 -5.60 -19.38
C ILE C 397 -24.23 -5.83 -20.67
N TYR C 398 -23.87 -6.86 -21.44
CA TYR C 398 -24.62 -7.18 -22.65
C TYR C 398 -26.09 -7.41 -22.33
N TYR C 399 -26.37 -8.16 -21.25
CA TYR C 399 -27.77 -8.43 -20.92
C TYR C 399 -28.44 -7.21 -20.29
N ALA C 400 -27.70 -6.42 -19.52
CA ALA C 400 -28.27 -5.27 -18.83
C ALA C 400 -28.71 -4.20 -19.82
N GLU C 401 -27.90 -3.95 -20.85
CA GLU C 401 -28.23 -2.91 -21.82
C GLU C 401 -29.41 -3.26 -22.71
N ARG C 402 -30.14 -4.35 -22.44
CA ARG C 402 -31.23 -4.78 -23.29
C ARG C 402 -32.51 -5.08 -22.52
N ILE C 403 -32.58 -4.73 -21.23
CA ILE C 403 -33.80 -4.94 -20.48
C ILE C 403 -34.94 -4.18 -21.14
N GLY C 404 -36.11 -4.81 -21.22
CA GLY C 404 -37.25 -4.22 -21.88
C GLY C 404 -37.08 -4.05 -23.37
N ALA C 405 -36.56 -5.07 -24.05
CA ALA C 405 -36.32 -5.03 -25.48
C ALA C 405 -36.80 -6.33 -26.12
N GLN C 406 -37.10 -6.25 -27.41
CA GLN C 406 -37.47 -7.43 -28.16
C GLN C 406 -36.25 -8.33 -28.33
N PRO C 407 -36.33 -9.62 -27.98
CA PRO C 407 -35.13 -10.46 -27.99
C PRO C 407 -34.40 -10.45 -29.34
N ASN C 408 -35.09 -10.83 -30.41
CA ASN C 408 -34.50 -10.86 -31.74
C ASN C 408 -34.99 -9.66 -32.57
N ASP C 409 -34.62 -8.46 -32.11
CA ASP C 409 -34.99 -7.23 -32.77
C ASP C 409 -33.73 -6.45 -33.14
N PRO C 410 -33.60 -6.00 -34.39
CA PRO C 410 -32.40 -5.22 -34.74
C PRO C 410 -32.29 -3.91 -33.99
N SER C 411 -33.41 -3.37 -33.50
CA SER C 411 -33.39 -2.10 -32.80
C SER C 411 -32.72 -2.19 -31.44
N ALA C 412 -32.70 -3.38 -30.82
CA ALA C 412 -32.09 -3.52 -29.50
C ALA C 412 -30.61 -3.16 -29.56
N SER C 413 -29.90 -3.65 -30.56
CA SER C 413 -28.47 -3.38 -30.73
C SER C 413 -28.25 -2.17 -31.64
N GLU C 414 -28.90 -1.05 -31.31
CA GLU C 414 -28.78 0.17 -32.10
C GLU C 414 -28.42 1.35 -31.21
N HIS C 415 -28.92 1.35 -29.98
CA HIS C 415 -28.70 2.43 -29.02
C HIS C 415 -27.80 1.99 -27.88
N THR C 416 -26.81 1.15 -28.18
CA THR C 416 -25.86 0.68 -27.18
C THR C 416 -24.55 0.36 -27.87
N HIS C 417 -23.44 0.64 -27.18
CA HIS C 417 -22.13 0.32 -27.72
C HIS C 417 -21.82 -1.16 -27.66
N PHE C 418 -22.54 -1.93 -26.82
CA PHE C 418 -22.26 -3.34 -26.61
C PHE C 418 -23.10 -4.15 -27.59
N LYS C 419 -22.66 -4.15 -28.85
CA LYS C 419 -23.34 -4.95 -29.87
C LYS C 419 -23.24 -6.44 -29.57
N ASN C 420 -22.24 -6.85 -28.78
CA ASN C 420 -22.01 -8.26 -28.51
C ASN C 420 -21.19 -8.40 -27.24
N ILE C 421 -20.94 -9.63 -26.84
CA ILE C 421 -20.18 -9.93 -25.62
C ILE C 421 -18.68 -9.80 -25.89
N PRO C 422 -18.16 -10.30 -27.02
CA PRO C 422 -16.71 -10.21 -27.24
C PRO C 422 -16.18 -8.78 -27.16
N ILE C 423 -16.92 -7.80 -27.71
CA ILE C 423 -16.47 -6.43 -27.63
C ILE C 423 -16.58 -5.90 -26.21
N GLY C 424 -17.34 -6.56 -25.34
CA GLY C 424 -17.44 -6.15 -23.96
C GLY C 424 -16.20 -6.48 -23.15
N PHE C 425 -15.36 -7.39 -23.64
CA PHE C 425 -14.11 -7.68 -22.95
C PHE C 425 -13.23 -6.44 -22.88
N TRP C 426 -13.17 -5.68 -23.98
CA TRP C 426 -12.38 -4.45 -24.00
C TRP C 426 -12.91 -3.45 -22.97
N TRP C 427 -14.22 -3.25 -22.93
CA TRP C 427 -14.80 -2.33 -21.96
C TRP C 427 -14.51 -2.79 -20.54
N ALA C 428 -14.64 -4.09 -20.27
CA ALA C 428 -14.38 -4.58 -18.93
C ALA C 428 -12.92 -4.37 -18.53
N VAL C 429 -12.00 -4.65 -19.45
CA VAL C 429 -10.58 -4.45 -19.14
C VAL C 429 -10.30 -2.98 -18.85
N VAL C 430 -10.87 -2.08 -19.66
CA VAL C 430 -10.62 -0.66 -19.46
C VAL C 430 -11.23 -0.19 -18.15
N THR C 431 -12.40 -0.71 -17.78
CA THR C 431 -13.08 -0.25 -16.58
C THR C 431 -12.43 -0.80 -15.30
N MET C 432 -11.97 -2.04 -15.32
CA MET C 432 -11.41 -2.65 -14.13
C MET C 432 -10.09 -2.00 -13.73
N THR C 433 -9.37 -1.43 -14.70
CA THR C 433 -8.08 -0.80 -14.43
C THR C 433 -8.19 0.68 -14.09
N THR C 434 -9.40 1.22 -14.03
CA THR C 434 -9.62 2.65 -13.81
C THR C 434 -9.01 3.50 -14.92
N LEU C 435 -8.88 2.92 -16.11
CA LEU C 435 -8.29 3.63 -17.24
C LEU C 435 -9.30 4.61 -17.85
N GLY C 436 -10.39 4.08 -18.37
CA GLY C 436 -11.47 4.93 -18.85
C GLY C 436 -11.15 5.72 -20.10
N TYR C 437 -10.95 5.03 -21.22
CA TYR C 437 -10.73 5.73 -22.48
C TYR C 437 -11.97 6.53 -22.88
N GLY C 438 -13.15 5.94 -22.73
CA GLY C 438 -14.39 6.58 -23.11
C GLY C 438 -14.92 6.18 -24.47
N ASP C 439 -14.23 5.31 -25.19
CA ASP C 439 -14.70 4.87 -26.49
C ASP C 439 -16.02 4.12 -26.40
N MET C 440 -16.33 3.55 -25.25
CA MET C 440 -17.56 2.79 -25.08
C MET C 440 -17.93 2.80 -23.61
N TYR C 441 -19.13 3.29 -23.32
CA TYR C 441 -19.61 3.42 -21.95
C TYR C 441 -21.09 3.05 -21.93
N PRO C 442 -21.60 2.62 -20.77
CA PRO C 442 -23.02 2.31 -20.66
C PRO C 442 -23.89 3.55 -20.77
N GLN C 443 -25.11 3.35 -21.27
CA GLN C 443 -26.09 4.42 -21.43
C GLN C 443 -27.43 4.08 -20.78
N THR C 444 -27.44 3.13 -19.85
CA THR C 444 -28.65 2.69 -19.18
C THR C 444 -28.36 2.44 -17.72
N TRP C 445 -29.36 2.67 -16.87
CA TRP C 445 -29.16 2.64 -15.43
C TRP C 445 -28.62 1.30 -14.96
N SER C 446 -29.18 0.21 -15.47
CA SER C 446 -28.64 -1.11 -15.14
C SER C 446 -27.20 -1.24 -15.63
N GLY C 447 -26.92 -0.71 -16.83
CA GLY C 447 -25.55 -0.67 -17.29
C GLY C 447 -24.65 0.15 -16.38
N MET C 448 -25.17 1.24 -15.83
CA MET C 448 -24.39 2.05 -14.90
C MET C 448 -24.06 1.27 -13.62
N LEU C 449 -25.05 0.54 -13.09
CA LEU C 449 -24.79 -0.30 -11.92
C LEU C 449 -23.75 -1.35 -12.22
N VAL C 450 -23.86 -1.99 -13.38
CA VAL C 450 -22.88 -3.01 -13.77
C VAL C 450 -21.50 -2.39 -13.89
N GLY C 451 -21.40 -1.18 -14.44
CA GLY C 451 -20.12 -0.52 -14.57
C GLY C 451 -19.50 -0.18 -13.23
N ALA C 452 -20.32 0.29 -12.28
CA ALA C 452 -19.82 0.56 -10.95
C ALA C 452 -19.29 -0.71 -10.29
N LEU C 453 -20.07 -1.79 -10.37
CA LEU C 453 -19.61 -3.07 -9.84
C LEU C 453 -18.31 -3.50 -10.49
N CYS C 454 -18.21 -3.33 -11.81
CA CYS C 454 -17.01 -3.73 -12.54
C CYS C 454 -15.79 -2.95 -12.06
N ALA C 455 -15.94 -1.63 -11.91
CA ALA C 455 -14.82 -0.82 -11.46
C ALA C 455 -14.37 -1.24 -10.06
N LEU C 456 -15.32 -1.41 -9.15
CA LEU C 456 -14.97 -1.77 -7.78
C LEU C 456 -14.29 -3.14 -7.74
N ALA C 457 -14.88 -4.13 -8.40
CA ALA C 457 -14.31 -5.47 -8.41
C ALA C 457 -12.94 -5.48 -9.08
N GLY C 458 -12.76 -4.66 -10.11
CA GLY C 458 -11.46 -4.58 -10.75
C GLY C 458 -10.40 -4.03 -9.82
N VAL C 459 -10.72 -2.94 -9.11
CA VAL C 459 -9.78 -2.42 -8.12
C VAL C 459 -9.42 -3.50 -7.12
N LEU C 460 -10.44 -4.20 -6.59
CA LEU C 460 -10.18 -5.23 -5.60
C LEU C 460 -9.27 -6.32 -6.15
N THR C 461 -9.63 -6.88 -7.31
CA THR C 461 -8.86 -7.99 -7.87
C THR C 461 -7.44 -7.57 -8.20
N ILE C 462 -7.25 -6.39 -8.79
CA ILE C 462 -5.92 -5.94 -9.15
C ILE C 462 -5.08 -5.75 -7.89
N ALA C 463 -5.69 -5.24 -6.82
CA ALA C 463 -4.92 -4.91 -5.61
C ALA C 463 -4.59 -6.13 -4.77
N MET C 464 -5.11 -7.31 -5.11
CA MET C 464 -4.90 -8.48 -4.25
C MET C 464 -3.50 -9.06 -4.41
N PRO C 465 -3.06 -9.50 -5.60
CA PRO C 465 -1.75 -10.13 -5.71
C PRO C 465 -0.59 -9.17 -5.86
N VAL C 466 -0.85 -7.99 -6.42
CA VAL C 466 0.23 -7.04 -6.73
C VAL C 466 1.08 -6.76 -5.50
N PRO C 467 0.51 -6.58 -4.30
CA PRO C 467 1.36 -6.33 -3.13
C PRO C 467 2.41 -7.40 -2.89
N VAL C 468 2.14 -8.66 -3.26
CA VAL C 468 3.13 -9.71 -3.09
C VAL C 468 4.36 -9.41 -3.95
N ILE C 469 4.12 -9.08 -5.23
CA ILE C 469 5.21 -8.74 -6.13
C ILE C 469 5.95 -7.50 -5.63
N VAL C 470 5.21 -6.52 -5.13
CA VAL C 470 5.83 -5.29 -4.63
C VAL C 470 6.73 -5.61 -3.44
N ASN C 471 6.27 -6.45 -2.53
CA ASN C 471 7.08 -6.81 -1.37
C ASN C 471 8.33 -7.58 -1.80
N ASN C 472 8.18 -8.50 -2.75
CA ASN C 472 9.35 -9.21 -3.26
C ASN C 472 10.37 -8.24 -3.84
N PHE C 473 9.91 -7.31 -4.67
CA PHE C 473 10.81 -6.34 -5.27
C PHE C 473 11.49 -5.49 -4.20
N GLY C 474 10.74 -5.06 -3.20
CA GLY C 474 11.34 -4.27 -2.13
C GLY C 474 12.41 -5.04 -1.39
N MET C 475 12.14 -6.31 -1.07
CA MET C 475 13.14 -7.14 -0.42
C MET C 475 14.41 -7.23 -1.27
N TYR C 476 14.26 -7.59 -2.54
CA TYR C 476 15.43 -7.76 -3.40
C TYR C 476 16.21 -6.44 -3.53
N TYR C 477 15.49 -5.33 -3.73
CA TYR C 477 16.16 -4.05 -3.92
C TYR C 477 16.90 -3.62 -2.68
N SER C 478 16.27 -3.74 -1.50
CA SER C 478 16.96 -3.38 -0.26
C SER C 478 18.18 -4.25 -0.05
N LEU C 479 18.05 -5.56 -0.31
CA LEU C 479 19.18 -6.45 -0.12
C LEU C 479 20.34 -6.08 -1.04
N ALA C 480 20.04 -5.79 -2.32
CA ALA C 480 21.10 -5.45 -3.27
C ALA C 480 21.76 -4.11 -2.92
N MET C 481 20.95 -3.10 -2.58
CA MET C 481 21.52 -1.80 -2.25
C MET C 481 22.36 -1.87 -0.99
N ALA C 482 21.91 -2.62 0.02
CA ALA C 482 22.73 -2.81 1.21
C ALA C 482 24.01 -3.57 0.88
N LYS C 483 23.91 -4.57 0.00
CA LYS C 483 25.09 -5.34 -0.37
C LYS C 483 26.13 -4.48 -1.07
N GLN C 484 25.70 -3.49 -1.85
CA GLN C 484 26.66 -2.60 -2.50
C GLN C 484 27.07 -1.43 -1.60
N LYS C 485 26.28 -1.13 -0.56
CA LYS C 485 26.71 -0.12 0.41
C LYS C 485 27.98 -0.56 1.12
N LEU C 486 28.03 -1.81 1.56
CA LEU C 486 29.21 -2.34 2.21
C LEU C 486 30.29 -2.61 1.16
N PRO C 487 31.45 -1.94 1.23
CA PRO C 487 32.47 -2.17 0.19
C PRO C 487 33.05 -3.57 0.25
N LYS C 488 33.52 -3.97 1.42
CA LYS C 488 34.10 -5.29 1.63
C LYS C 488 34.48 -5.40 3.10
N LYS C 489 34.86 -6.61 3.52
CA LYS C 489 35.27 -6.84 4.89
C LYS C 489 35.96 -8.20 4.99
N LYS C 490 37.16 -8.20 5.58
CA LYS C 490 37.87 -9.44 5.81
C LYS C 490 37.18 -10.24 6.91
N LYS C 491 37.46 -11.53 6.96
CA LYS C 491 36.85 -12.39 7.98
C LYS C 491 37.03 -11.79 9.37
N LYS C 492 38.27 -11.42 9.71
CA LYS C 492 38.56 -10.75 10.98
C LYS C 492 37.98 -11.55 12.15
N HIS C 493 38.09 -12.88 12.06
CA HIS C 493 37.59 -13.77 13.10
C HIS C 493 38.55 -14.88 13.50
N ILE C 494 39.53 -15.22 12.65
CA ILE C 494 40.48 -16.30 12.91
C ILE C 494 39.78 -17.48 13.59
N PRO C 495 38.91 -18.19 12.87
CA PRO C 495 38.14 -19.26 13.51
C PRO C 495 39.00 -20.45 13.93
N ARG C 496 38.36 -21.52 14.38
CA ARG C 496 39.06 -22.69 14.89
C ARG C 496 39.87 -22.34 16.13
N PRO C 497 39.21 -21.97 17.24
CA PRO C 497 39.89 -21.62 18.49
C PRO C 497 40.59 -22.81 19.14
N SER D 41 43.73 -22.29 31.70
CA SER D 41 42.41 -22.11 32.27
C SER D 41 41.41 -21.67 31.20
N GLU D 42 40.28 -22.38 31.11
CA GLU D 42 39.24 -22.08 30.14
C GLU D 42 38.00 -21.47 30.77
N ARG D 43 37.83 -21.57 32.08
CA ARG D 43 36.65 -21.03 32.77
C ARG D 43 36.84 -19.53 32.95
N ILE D 44 36.29 -18.75 32.03
CA ILE D 44 36.29 -17.30 32.15
C ILE D 44 34.85 -16.82 32.25
N VAL D 45 34.36 -16.68 33.48
CA VAL D 45 32.98 -16.27 33.72
C VAL D 45 32.91 -14.76 33.74
N ILE D 46 31.90 -14.21 33.08
CA ILE D 46 31.72 -12.77 32.96
C ILE D 46 30.39 -12.41 33.61
N ASN D 47 30.44 -11.48 34.57
CA ASN D 47 29.25 -11.01 35.27
C ASN D 47 28.86 -9.67 34.66
N VAL D 48 27.88 -9.69 33.79
CA VAL D 48 27.42 -8.50 33.08
C VAL D 48 26.07 -8.12 33.70
N GLY D 49 26.11 -7.19 34.66
CA GLY D 49 24.90 -6.69 35.27
C GLY D 49 24.16 -7.66 36.14
N GLY D 50 24.73 -8.83 36.41
CA GLY D 50 24.06 -9.83 37.23
C GLY D 50 24.05 -11.20 36.60
N THR D 51 23.89 -11.25 35.28
CA THR D 51 23.92 -12.51 34.56
C THR D 51 25.35 -13.00 34.42
N ARG D 52 25.57 -14.28 34.72
CA ARG D 52 26.91 -14.85 34.76
C ARG D 52 27.16 -15.59 33.44
N HIS D 53 27.57 -14.85 32.42
CA HIS D 53 27.93 -15.47 31.16
C HIS D 53 29.26 -16.22 31.30
N GLN D 54 29.35 -17.36 30.63
CA GLN D 54 30.53 -18.21 30.73
C GLN D 54 30.87 -18.75 29.35
N THR D 55 32.17 -18.81 29.05
CA THR D 55 32.65 -19.31 27.77
C THR D 55 34.11 -19.69 27.92
N TYR D 56 34.63 -20.36 26.89
CA TYR D 56 36.02 -20.78 26.91
C TYR D 56 36.95 -19.60 26.70
N ARG D 57 38.17 -19.71 27.22
CA ARG D 57 39.15 -18.64 27.10
C ARG D 57 39.55 -18.43 25.65
N SER D 58 39.68 -19.52 24.88
CA SER D 58 40.12 -19.41 23.50
C SER D 58 39.14 -18.61 22.65
N THR D 59 37.86 -18.64 23.00
CA THR D 59 36.84 -17.96 22.19
C THR D 59 37.06 -16.46 22.16
N LEU D 60 37.45 -15.87 23.30
CA LEU D 60 37.57 -14.42 23.39
C LEU D 60 38.70 -13.88 22.52
N ARG D 61 39.66 -14.72 22.14
CA ARG D 61 40.79 -14.26 21.34
C ARG D 61 40.51 -14.24 19.85
N THR D 62 39.33 -14.69 19.42
CA THR D 62 39.02 -14.72 17.99
C THR D 62 38.97 -13.34 17.37
N LEU D 63 38.82 -12.28 18.18
CA LEU D 63 38.75 -10.90 17.70
C LEU D 63 39.79 -10.09 18.46
N PRO D 64 41.06 -10.15 18.04
CA PRO D 64 42.10 -9.41 18.76
C PRO D 64 41.86 -7.91 18.71
N GLY D 65 42.23 -7.24 19.79
CA GLY D 65 42.08 -5.80 19.92
C GLY D 65 40.82 -5.36 20.62
N THR D 66 39.83 -6.24 20.75
CA THR D 66 38.58 -5.89 21.41
C THR D 66 38.73 -6.04 22.92
N ARG D 67 37.77 -5.44 23.65
CA ARG D 67 37.86 -5.41 25.11
C ARG D 67 37.87 -6.83 25.69
N LEU D 68 37.03 -7.71 25.16
CA LEU D 68 37.01 -9.09 25.65
C LEU D 68 38.33 -9.78 25.38
N ALA D 69 38.93 -9.52 24.22
CA ALA D 69 40.23 -10.12 23.92
C ALA D 69 41.28 -9.68 24.92
N TRP D 70 41.31 -8.39 25.26
CA TRP D 70 42.24 -7.91 26.28
C TRP D 70 41.95 -8.56 27.63
N LEU D 71 40.66 -8.70 27.97
CA LEU D 71 40.31 -9.32 29.25
C LEU D 71 40.81 -10.75 29.32
N ALA D 72 40.66 -11.52 28.23
CA ALA D 72 41.04 -12.92 28.25
C ALA D 72 42.52 -13.12 28.49
N GLU D 73 43.34 -12.09 28.29
CA GLU D 73 44.77 -12.24 28.50
C GLU D 73 45.07 -12.45 29.99
N PRO D 74 46.11 -13.22 30.31
CA PRO D 74 46.43 -13.46 31.72
C PRO D 74 46.75 -12.18 32.49
N ASP D 75 47.37 -11.20 31.84
CA ASP D 75 47.73 -9.94 32.48
C ASP D 75 46.61 -8.91 32.32
N ALA D 76 45.45 -9.26 32.86
CA ALA D 76 44.28 -8.39 32.81
C ALA D 76 43.56 -8.29 34.15
N HIS D 77 44.11 -8.87 35.21
CA HIS D 77 43.45 -8.79 36.51
C HIS D 77 43.37 -7.35 37.00
N SER D 78 44.46 -6.60 36.87
CA SER D 78 44.48 -5.22 37.33
C SER D 78 43.72 -4.29 36.39
N HIS D 79 43.71 -4.60 35.09
CA HIS D 79 43.02 -3.74 34.14
C HIS D 79 41.53 -3.66 34.43
N PHE D 80 40.91 -4.80 34.74
CA PHE D 80 39.48 -4.87 35.02
C PHE D 80 39.29 -5.39 36.44
N ASP D 81 38.61 -4.61 37.28
CA ASP D 81 38.39 -5.01 38.66
C ASP D 81 37.46 -6.21 38.73
N TYR D 82 37.81 -7.18 39.56
CA TYR D 82 36.99 -8.37 39.74
C TYR D 82 37.20 -8.91 41.15
N ASP D 83 36.21 -9.68 41.62
CA ASP D 83 36.29 -10.28 42.94
C ASP D 83 37.07 -11.60 42.86
N PRO D 84 38.19 -11.73 43.56
CA PRO D 84 38.93 -13.01 43.49
C PRO D 84 38.12 -14.19 43.99
N ARG D 85 37.25 -13.99 44.98
CA ARG D 85 36.44 -15.09 45.48
C ARG D 85 35.54 -15.65 44.39
N ALA D 86 34.63 -14.83 43.86
CA ALA D 86 33.74 -15.28 42.81
C ALA D 86 34.48 -15.61 41.51
N ASP D 87 35.68 -15.06 41.33
CA ASP D 87 36.46 -15.29 40.12
C ASP D 87 35.68 -14.88 38.87
N GLU D 88 34.93 -13.78 38.99
CA GLU D 88 34.10 -13.28 37.90
C GLU D 88 34.38 -11.82 37.69
N PHE D 89 34.61 -11.43 36.44
CA PHE D 89 34.85 -10.04 36.09
C PHE D 89 33.51 -9.32 35.95
N PHE D 90 33.38 -8.19 36.64
CA PHE D 90 32.12 -7.47 36.71
C PHE D 90 32.07 -6.37 35.65
N PHE D 91 30.89 -6.18 35.08
CA PHE D 91 30.61 -5.07 34.19
C PHE D 91 29.25 -4.48 34.55
N ASP D 92 29.01 -3.26 34.08
CA ASP D 92 27.80 -2.52 34.42
C ASP D 92 27.07 -2.10 33.16
N ARG D 93 26.88 -3.04 32.25
CA ARG D 93 26.22 -2.80 30.96
C ARG D 93 24.96 -3.64 30.87
N HIS D 94 24.34 -3.61 29.69
CA HIS D 94 23.08 -4.31 29.47
C HIS D 94 23.34 -5.80 29.29
N PRO D 95 22.76 -6.67 30.11
CA PRO D 95 23.03 -8.12 29.94
C PRO D 95 22.35 -8.73 28.73
N GLY D 96 21.24 -8.15 28.26
CA GLY D 96 20.50 -8.79 27.18
C GLY D 96 21.29 -8.88 25.88
N VAL D 97 21.94 -7.78 25.50
CA VAL D 97 22.64 -7.76 24.22
C VAL D 97 24.04 -8.37 24.32
N PHE D 98 24.57 -8.53 25.53
CA PHE D 98 25.87 -9.18 25.67
C PHE D 98 25.84 -10.59 25.12
N ALA D 99 24.68 -11.25 25.15
CA ALA D 99 24.57 -12.58 24.57
C ALA D 99 24.90 -12.55 23.08
N HIS D 100 24.34 -11.59 22.35
CA HIS D 100 24.64 -11.48 20.92
C HIS D 100 26.08 -11.02 20.70
N ILE D 101 26.56 -10.09 21.53
CA ILE D 101 27.93 -9.62 21.40
C ILE D 101 28.90 -10.78 21.52
N LEU D 102 28.64 -11.69 22.46
CA LEU D 102 29.50 -12.86 22.63
C LEU D 102 29.26 -13.91 21.56
N ASN D 103 28.02 -14.06 21.10
CA ASN D 103 27.74 -14.99 20.00
C ASN D 103 28.50 -14.60 18.75
N TYR D 104 28.79 -13.30 18.59
CA TYR D 104 29.68 -12.88 17.52
C TYR D 104 31.01 -13.64 17.61
N TYR D 105 31.59 -13.68 18.81
CA TYR D 105 32.81 -14.46 19.01
C TYR D 105 32.57 -15.95 18.80
N ARG D 106 31.44 -16.46 19.31
CA ARG D 106 31.18 -17.89 19.25
C ARG D 106 31.08 -18.37 17.80
N THR D 107 30.08 -17.88 17.07
CA THR D 107 29.81 -18.35 15.72
C THR D 107 30.61 -17.60 14.65
N GLY D 108 31.02 -16.36 14.92
CA GLY D 108 31.78 -15.59 13.97
C GLY D 108 30.96 -14.63 13.12
N LYS D 109 29.68 -14.43 13.46
CA LYS D 109 28.82 -13.52 12.71
C LYS D 109 28.13 -12.58 13.69
N LEU D 110 27.99 -11.32 13.30
CA LEU D 110 27.43 -10.28 14.14
C LEU D 110 26.01 -9.97 13.68
N HIS D 111 25.07 -9.98 14.61
CA HIS D 111 23.69 -9.63 14.34
C HIS D 111 23.18 -8.69 15.42
N CYS D 112 22.20 -7.86 15.05
CA CYS D 112 21.60 -6.97 16.02
C CYS D 112 20.24 -7.49 16.47
N PRO D 113 19.98 -7.54 17.77
CA PRO D 113 18.69 -8.09 18.23
C PRO D 113 17.53 -7.22 17.79
N ALA D 114 16.38 -7.86 17.59
CA ALA D 114 15.19 -7.19 17.12
C ALA D 114 14.24 -6.79 18.24
N ASP D 115 14.60 -7.04 19.50
CA ASP D 115 13.77 -6.68 20.64
C ASP D 115 14.23 -5.40 21.32
N VAL D 116 15.21 -4.69 20.74
CA VAL D 116 15.71 -3.45 21.30
C VAL D 116 15.90 -2.45 20.16
N CYS D 117 16.01 -1.18 20.54
CA CYS D 117 16.23 -0.13 19.56
C CYS D 117 17.66 -0.18 19.03
N GLY D 118 17.82 0.20 17.77
CA GLY D 118 19.11 0.16 17.12
C GLY D 118 20.16 0.99 17.82
N PRO D 119 19.82 2.23 18.19
CA PRO D 119 20.81 3.07 18.89
C PRO D 119 21.34 2.45 20.16
N LEU D 120 20.51 1.73 20.92
CA LEU D 120 20.98 1.09 22.13
C LEU D 120 22.06 0.05 21.82
N TYR D 121 21.81 -0.78 20.80
CA TYR D 121 22.79 -1.78 20.41
C TYR D 121 24.05 -1.11 19.89
N GLU D 122 23.91 0.01 19.17
CA GLU D 122 25.06 0.74 18.69
C GLU D 122 25.91 1.23 19.85
N GLU D 123 25.28 1.83 20.86
CA GLU D 123 26.00 2.29 22.03
C GLU D 123 26.71 1.13 22.74
N GLU D 124 26.02 0.00 22.89
CA GLU D 124 26.60 -1.12 23.59
C GLU D 124 27.82 -1.66 22.84
N LEU D 125 27.71 -1.85 21.53
CA LEU D 125 28.84 -2.37 20.77
C LEU D 125 29.95 -1.35 20.62
N ALA D 126 29.65 -0.05 20.75
CA ALA D 126 30.70 0.95 20.83
C ALA D 126 31.44 0.85 22.16
N PHE D 127 30.70 0.60 23.24
CA PHE D 127 31.35 0.39 24.53
C PHE D 127 32.24 -0.85 24.49
N TRP D 128 31.77 -1.92 23.86
CA TRP D 128 32.53 -3.16 23.78
C TRP D 128 33.61 -3.13 22.71
N GLY D 129 33.81 -2.00 22.04
CA GLY D 129 34.88 -1.89 21.06
C GLY D 129 34.74 -2.80 19.87
N ILE D 130 33.54 -2.86 19.29
CA ILE D 130 33.27 -3.66 18.10
C ILE D 130 32.75 -2.74 17.01
N ASP D 131 33.29 -2.88 15.80
CA ASP D 131 32.86 -2.03 14.69
C ASP D 131 31.47 -2.45 14.22
N GLU D 132 30.64 -1.45 13.89
CA GLU D 132 29.29 -1.70 13.43
C GLU D 132 29.22 -2.07 11.96
N THR D 133 30.34 -2.03 11.23
CA THR D 133 30.36 -2.38 9.82
C THR D 133 30.35 -3.89 9.60
N ASP D 134 30.57 -4.69 10.65
CA ASP D 134 30.61 -6.14 10.52
C ASP D 134 29.24 -6.79 10.60
N VAL D 135 28.19 -6.03 10.90
CA VAL D 135 26.86 -6.62 10.99
C VAL D 135 26.47 -7.17 9.62
N GLU D 136 25.91 -8.37 9.63
CA GLU D 136 25.52 -9.02 8.40
C GLU D 136 24.40 -8.23 7.71
N PRO D 137 24.25 -8.38 6.40
CA PRO D 137 23.22 -7.60 5.68
C PRO D 137 21.81 -8.07 5.97
N CYS D 138 21.64 -9.22 6.63
CA CYS D 138 20.30 -9.68 6.99
C CYS D 138 19.61 -8.73 7.97
N CYS D 139 20.39 -7.97 8.74
CA CYS D 139 19.83 -7.09 9.75
C CYS D 139 20.55 -5.74 9.79
N TRP D 140 21.10 -5.31 8.65
CA TRP D 140 21.76 -4.01 8.56
C TRP D 140 20.79 -2.89 8.20
N MET D 141 19.80 -3.17 7.35
CA MET D 141 18.91 -2.11 6.89
C MET D 141 18.11 -1.53 8.04
N THR D 142 17.58 -2.38 8.92
CA THR D 142 16.83 -1.88 10.07
C THR D 142 17.75 -1.26 11.12
N TYR D 143 18.96 -1.81 11.27
CA TYR D 143 19.91 -1.24 12.21
C TYR D 143 20.28 0.18 11.83
N ARG D 144 20.52 0.43 10.55
CA ARG D 144 20.80 1.77 10.05
C ARG D 144 19.52 2.39 9.47
N GLN D 145 18.55 2.59 10.36
CA GLN D 145 17.24 3.10 9.98
C GLN D 145 16.92 4.43 10.62
N HIS D 146 17.19 4.59 11.92
CA HIS D 146 16.87 5.85 12.60
C HIS D 146 17.97 6.88 12.42
N ARG D 147 19.23 6.44 12.43
CA ARG D 147 20.34 7.39 12.40
C ARG D 147 20.42 8.12 11.06
N ASP D 148 20.20 7.39 9.95
CA ASP D 148 20.26 8.05 8.66
C ASP D 148 19.17 9.10 8.52
N ALA D 149 17.96 8.79 8.98
CA ALA D 149 16.88 9.77 8.93
C ALA D 149 17.16 10.96 9.84
N GLU D 150 17.72 10.70 11.03
CA GLU D 150 18.06 11.79 11.94
C GLU D 150 19.10 12.72 11.30
N GLU D 151 20.13 12.14 10.69
CA GLU D 151 21.15 12.96 10.03
C GLU D 151 20.56 13.74 8.87
N ALA D 152 19.71 13.10 8.07
CA ALA D 152 19.08 13.81 6.95
C ALA D 152 18.24 14.98 7.44
N LEU D 153 17.48 14.78 8.51
CA LEU D 153 16.72 15.90 9.08
C LEU D 153 17.64 16.99 9.60
N ASP D 154 18.76 16.60 10.22
CA ASP D 154 19.70 17.58 10.75
C ASP D 154 20.37 18.40 9.66
N SER D 155 20.30 17.96 8.41
CA SER D 155 20.91 18.70 7.30
C SER D 155 20.30 20.09 7.17
N ARG D 204 27.70 50.68 13.07
CA ARG D 204 26.60 49.82 12.63
C ARG D 204 26.06 48.99 13.79
N ARG D 205 25.25 49.61 14.63
CA ARG D 205 24.64 48.96 15.77
C ARG D 205 23.21 48.52 15.51
N TRP D 206 22.73 48.65 14.26
CA TRP D 206 21.39 48.24 13.89
C TRP D 206 21.35 47.05 12.94
N GLN D 207 22.50 46.60 12.45
CA GLN D 207 22.53 45.46 11.53
C GLN D 207 21.81 44.24 12.08
N PRO D 208 22.05 43.80 13.32
CA PRO D 208 21.35 42.59 13.80
C PRO D 208 19.84 42.76 13.84
N ARG D 209 19.34 43.85 14.42
CA ARG D 209 17.90 44.04 14.52
C ARG D 209 17.26 44.18 13.14
N ILE D 210 17.90 44.93 12.24
CA ILE D 210 17.35 45.13 10.90
C ILE D 210 17.28 43.80 10.16
N TRP D 211 18.36 43.01 10.23
CA TRP D 211 18.33 41.71 9.57
C TRP D 211 17.33 40.77 10.22
N ALA D 212 17.10 40.90 11.52
CA ALA D 212 16.13 40.07 12.21
C ALA D 212 14.70 40.53 11.95
N LEU D 213 14.50 41.73 11.41
CA LEU D 213 13.17 42.15 11.02
C LEU D 213 12.64 41.24 9.91
N PHE D 214 13.51 40.82 9.01
CA PHE D 214 13.19 39.86 7.96
C PHE D 214 13.86 38.53 8.27
N GLU D 215 13.62 37.54 7.40
CA GLU D 215 14.32 36.26 7.42
C GLU D 215 13.85 35.36 8.55
N ASP D 216 12.97 35.84 9.43
CA ASP D 216 12.48 35.05 10.55
C ASP D 216 11.09 35.54 10.93
N PRO D 217 10.04 34.82 10.54
CA PRO D 217 8.68 35.27 10.90
C PRO D 217 8.47 35.37 12.40
N TYR D 218 8.76 34.30 13.15
CA TYR D 218 8.50 34.26 14.59
C TYR D 218 9.78 34.57 15.36
N SER D 219 10.11 35.86 15.39
CA SER D 219 11.23 36.35 16.17
C SER D 219 10.97 37.70 16.82
N SER D 220 9.79 38.29 16.63
CA SER D 220 9.46 39.58 17.21
C SER D 220 7.99 39.89 16.91
N ARG D 221 7.52 41.02 17.42
CA ARG D 221 6.15 41.45 17.19
C ARG D 221 5.95 42.14 15.84
N TYR D 222 7.03 42.46 15.14
CA TYR D 222 6.95 43.14 13.84
C TYR D 222 7.28 42.24 12.66
N ALA D 223 8.11 41.20 12.85
CA ALA D 223 8.46 40.33 11.74
C ALA D 223 7.24 39.60 11.21
N ARG D 224 6.30 39.25 12.10
CA ARG D 224 5.10 38.55 11.67
C ARG D 224 4.29 39.40 10.68
N TYR D 225 4.13 40.69 10.97
CA TYR D 225 3.40 41.57 10.07
C TYR D 225 4.10 41.70 8.73
N VAL D 226 5.43 41.80 8.74
CA VAL D 226 6.19 41.88 7.51
C VAL D 226 5.99 40.61 6.67
N ALA D 227 6.02 39.45 7.32
CA ALA D 227 5.81 38.20 6.60
C ALA D 227 4.41 38.15 6.01
N PHE D 228 3.40 38.59 6.77
CA PHE D 228 2.04 38.60 6.26
C PHE D 228 1.91 39.52 5.05
N ALA D 229 2.53 40.70 5.11
CA ALA D 229 2.48 41.61 3.98
C ALA D 229 3.17 41.02 2.77
N SER D 230 4.32 40.36 2.98
CA SER D 230 5.01 39.72 1.87
C SER D 230 4.14 38.63 1.24
N LEU D 231 3.47 37.84 2.07
CA LEU D 231 2.57 36.82 1.55
C LEU D 231 1.44 37.44 0.75
N PHE D 232 0.86 38.52 1.25
CA PHE D 232 -0.24 39.17 0.55
C PHE D 232 0.21 39.65 -0.83
N PHE D 233 1.37 40.33 -0.88
CA PHE D 233 1.85 40.84 -2.16
C PHE D 233 2.26 39.72 -3.10
N ILE D 234 2.82 38.64 -2.57
CA ILE D 234 3.17 37.49 -3.41
C ILE D 234 1.92 36.90 -4.05
N LEU D 235 0.86 36.72 -3.26
CA LEU D 235 -0.37 36.16 -3.79
C LEU D 235 -1.01 37.10 -4.81
N VAL D 236 -0.95 38.41 -4.54
CA VAL D 236 -1.48 39.38 -5.50
C VAL D 236 -0.71 39.30 -6.81
N SER D 237 0.62 39.21 -6.75
CA SER D 237 1.42 39.11 -7.95
C SER D 237 1.09 37.84 -8.74
N ILE D 238 0.96 36.71 -8.03
CA ILE D 238 0.63 35.46 -8.72
C ILE D 238 -0.74 35.56 -9.39
N THR D 239 -1.72 36.13 -8.69
CA THR D 239 -3.05 36.27 -9.27
C THR D 239 -3.02 37.16 -10.50
N THR D 240 -2.31 38.29 -10.43
CA THR D 240 -2.22 39.17 -11.58
C THR D 240 -1.51 38.50 -12.75
N PHE D 241 -0.45 37.75 -12.46
CA PHE D 241 0.24 37.02 -13.52
C PHE D 241 -0.68 36.03 -14.20
N CYS D 242 -1.49 35.31 -13.42
CA CYS D 242 -2.43 34.37 -14.02
C CYS D 242 -3.50 35.09 -14.82
N LEU D 243 -3.97 36.25 -14.33
CA LEU D 243 -5.00 36.99 -15.05
C LEU D 243 -4.49 37.54 -16.37
N GLU D 244 -3.21 37.93 -16.40
CA GLU D 244 -2.67 38.57 -17.61
C GLU D 244 -2.78 37.67 -18.83
N THR D 245 -2.89 36.35 -18.62
CA THR D 245 -2.97 35.41 -19.73
C THR D 245 -4.41 35.17 -20.20
N HIS D 246 -5.39 35.82 -19.57
CA HIS D 246 -6.77 35.61 -19.95
C HIS D 246 -7.15 36.51 -21.13
N GLU D 247 -8.26 36.15 -21.77
CA GLU D 247 -8.73 36.91 -22.94
C GLU D 247 -9.63 38.08 -22.56
N ARG D 248 -10.16 38.11 -21.35
CA ARG D 248 -10.99 39.24 -20.94
C ARG D 248 -10.17 40.48 -20.65
N PHE D 249 -8.94 40.31 -20.18
CA PHE D 249 -8.06 41.42 -19.84
C PHE D 249 -7.04 41.71 -20.93
N ASN D 250 -7.18 41.08 -22.10
CA ASN D 250 -6.31 41.34 -23.25
C ASN D 250 -7.17 41.60 -24.49
N PRO D 251 -7.94 42.68 -24.48
CA PRO D 251 -8.77 42.99 -25.65
C PRO D 251 -7.93 43.43 -26.84
N ILE D 252 -8.48 43.22 -28.03
CA ILE D 252 -7.82 43.60 -29.27
C ILE D 252 -8.29 45.00 -29.66
N VAL D 253 -7.34 45.88 -29.97
CA VAL D 253 -7.66 47.25 -30.35
C VAL D 253 -7.80 47.35 -31.86
N TYR D 269 1.45 48.07 -35.60
CA TYR D 269 0.43 47.76 -34.62
C TYR D 269 -0.96 48.08 -35.16
N TYR D 270 -1.54 47.16 -35.92
CA TYR D 270 -2.86 47.37 -36.47
C TYR D 270 -3.94 47.07 -35.44
N ARG D 271 -4.02 45.82 -34.99
CA ARG D 271 -4.96 45.42 -33.95
C ARG D 271 -4.24 44.96 -32.69
N GLU D 272 -3.37 43.94 -32.79
CA GLU D 272 -2.62 43.44 -31.65
C GLU D 272 -3.54 43.10 -30.49
N ALA D 273 -2.96 42.88 -29.31
CA ALA D 273 -3.73 42.63 -28.09
C ALA D 273 -3.06 43.39 -26.95
N GLU D 274 -3.78 44.34 -26.37
CA GLU D 274 -3.24 45.25 -25.37
C GLU D 274 -3.86 44.94 -24.01
N THR D 275 -3.02 44.62 -23.03
CA THR D 275 -3.49 44.27 -21.71
C THR D 275 -3.99 45.50 -20.96
N GLU D 276 -4.91 45.26 -20.02
CA GLU D 276 -5.47 46.34 -19.22
C GLU D 276 -4.38 47.04 -18.41
N ALA D 277 -4.74 48.17 -17.81
CA ALA D 277 -3.75 49.00 -17.11
C ALA D 277 -3.70 48.69 -15.62
N PHE D 278 -4.86 48.43 -15.00
CA PHE D 278 -4.86 48.16 -13.56
C PHE D 278 -4.02 46.95 -13.21
N LEU D 279 -3.99 45.94 -14.10
CA LEU D 279 -3.10 44.81 -13.89
C LEU D 279 -1.64 45.24 -13.86
N THR D 280 -1.32 46.38 -14.46
CA THR D 280 0.04 46.91 -14.39
C THR D 280 0.26 47.74 -13.13
N TYR D 281 -0.75 48.50 -12.70
CA TYR D 281 -0.60 49.29 -11.49
C TYR D 281 -0.45 48.40 -10.26
N ILE D 282 -1.23 47.31 -10.20
CA ILE D 282 -1.12 46.37 -9.08
C ILE D 282 0.31 45.81 -9.01
N GLU D 283 0.82 45.36 -10.16
CA GLU D 283 2.17 44.83 -10.19
C GLU D 283 3.20 45.91 -9.86
N GLY D 284 2.92 47.16 -10.21
CA GLY D 284 3.82 48.23 -9.83
C GLY D 284 3.91 48.39 -8.32
N VAL D 285 2.77 48.36 -7.64
CA VAL D 285 2.77 48.45 -6.19
C VAL D 285 3.53 47.27 -5.58
N CYS D 286 3.23 46.07 -6.08
CA CYS D 286 3.90 44.89 -5.56
C CYS D 286 5.41 44.96 -5.78
N VAL D 287 5.83 45.46 -6.95
CA VAL D 287 7.24 45.56 -7.25
C VAL D 287 7.91 46.61 -6.37
N VAL D 288 7.21 47.70 -6.06
CA VAL D 288 7.75 48.68 -5.14
C VAL D 288 8.04 48.03 -3.78
N TRP D 289 7.06 47.29 -3.26
CA TRP D 289 7.27 46.61 -2.00
C TRP D 289 8.43 45.63 -2.08
N PHE D 290 8.48 44.85 -3.16
CA PHE D 290 9.51 43.82 -3.28
C PHE D 290 10.90 44.42 -3.41
N THR D 291 11.04 45.52 -4.15
CA THR D 291 12.35 46.14 -4.27
C THR D 291 12.78 46.78 -2.96
N PHE D 292 11.84 47.38 -2.22
CA PHE D 292 12.18 47.88 -0.89
C PHE D 292 12.70 46.75 0.00
N GLU D 293 11.97 45.63 0.02
CA GLU D 293 12.39 44.50 0.83
C GLU D 293 13.75 43.97 0.40
N PHE D 294 13.98 43.85 -0.91
CA PHE D 294 15.23 43.31 -1.41
C PHE D 294 16.40 44.22 -1.04
N LEU D 295 16.22 45.54 -1.19
CA LEU D 295 17.27 46.46 -0.81
C LEU D 295 17.56 46.37 0.68
N MET D 296 16.52 46.33 1.50
CA MET D 296 16.72 46.26 2.94
C MET D 296 17.45 44.98 3.34
N ARG D 297 17.10 43.86 2.69
CA ARG D 297 17.76 42.61 3.00
C ARG D 297 19.22 42.61 2.56
N VAL D 298 19.48 43.05 1.33
CA VAL D 298 20.84 42.95 0.80
C VAL D 298 21.78 43.91 1.52
N ILE D 299 21.31 45.12 1.81
CA ILE D 299 22.17 46.10 2.47
C ILE D 299 22.56 45.62 3.86
N PHE D 300 21.58 45.21 4.66
CA PHE D 300 21.81 44.82 6.05
C PHE D 300 21.87 43.30 6.16
N CYS D 301 22.91 42.73 5.57
CA CYS D 301 23.17 41.30 5.67
C CYS D 301 24.67 41.06 5.67
N PRO D 302 25.14 39.99 6.32
CA PRO D 302 26.55 39.63 6.26
C PRO D 302 26.86 38.75 5.06
N ASN D 303 28.16 38.57 4.82
CA ASN D 303 28.68 37.66 3.81
C ASN D 303 27.85 37.71 2.53
N LYS D 304 27.87 38.89 1.90
CA LYS D 304 27.07 39.15 0.70
C LYS D 304 27.16 38.01 -0.31
N VAL D 305 28.30 37.32 -0.36
CA VAL D 305 28.45 36.21 -1.30
C VAL D 305 27.46 35.11 -1.00
N GLU D 306 27.29 34.77 0.29
CA GLU D 306 26.30 33.78 0.67
C GLU D 306 24.89 34.26 0.33
N PHE D 307 24.63 35.55 0.53
CA PHE D 307 23.34 36.11 0.17
C PHE D 307 23.05 35.90 -1.32
N ILE D 308 24.04 36.17 -2.16
CA ILE D 308 23.86 35.96 -3.60
C ILE D 308 23.69 34.48 -3.92
N LYS D 309 24.40 33.62 -3.19
CA LYS D 309 24.35 32.18 -3.43
C LYS D 309 23.12 31.50 -2.82
N ASN D 310 22.31 32.24 -2.06
CA ASN D 310 21.19 31.61 -1.37
C ASN D 310 20.21 30.96 -2.35
N SER D 311 20.23 31.38 -3.61
CA SER D 311 19.42 30.77 -4.67
C SER D 311 17.94 31.16 -4.56
N LEU D 312 17.57 31.87 -3.49
CA LEU D 312 16.22 32.41 -3.36
C LEU D 312 16.17 33.91 -3.55
N ASN D 313 17.28 34.62 -3.35
CA ASN D 313 17.33 36.04 -3.67
C ASN D 313 17.42 36.27 -5.17
N ILE D 314 18.02 35.34 -5.90
CA ILE D 314 18.06 35.43 -7.35
C ILE D 314 16.64 35.45 -7.91
N ILE D 315 15.75 34.64 -7.34
CA ILE D 315 14.36 34.63 -7.77
C ILE D 315 13.72 35.99 -7.50
N ASP D 316 13.95 36.55 -6.31
CA ASP D 316 13.36 37.84 -5.98
C ASP D 316 13.88 38.95 -6.87
N PHE D 317 15.12 38.82 -7.35
CA PHE D 317 15.70 39.83 -8.23
C PHE D 317 15.16 39.70 -9.65
N VAL D 318 15.12 38.47 -10.16
CA VAL D 318 14.64 38.24 -11.52
C VAL D 318 13.13 38.43 -11.63
N ALA D 319 12.41 38.37 -10.51
CA ALA D 319 10.97 38.61 -10.55
C ALA D 319 10.61 40.09 -10.59
N ILE D 320 11.56 40.98 -10.28
CA ILE D 320 11.32 42.41 -10.39
C ILE D 320 12.08 43.01 -11.57
N LEU D 321 13.12 42.37 -12.07
CA LEU D 321 13.85 42.90 -13.22
C LEU D 321 12.95 43.13 -14.43
N PRO D 322 12.10 42.18 -14.85
CA PRO D 322 11.31 42.40 -16.07
C PRO D 322 10.41 43.61 -16.02
N PHE D 323 9.83 43.94 -14.85
CA PHE D 323 8.97 45.11 -14.76
C PHE D 323 9.74 46.38 -15.09
N TYR D 324 10.92 46.54 -14.49
CA TYR D 324 11.74 47.72 -14.77
C TYR D 324 12.22 47.74 -16.20
N LEU D 325 12.59 46.58 -16.74
CA LEU D 325 13.01 46.53 -18.15
C LEU D 325 11.87 46.96 -19.06
N GLU D 326 10.66 46.49 -18.78
CA GLU D 326 9.50 46.85 -19.60
C GLU D 326 9.22 48.34 -19.51
N VAL D 327 9.22 48.89 -18.29
CA VAL D 327 8.86 50.30 -18.14
C VAL D 327 9.92 51.20 -18.76
N GLY D 328 11.19 50.82 -18.66
CA GLY D 328 12.27 51.59 -19.21
C GLY D 328 12.69 51.21 -20.61
N LEU D 329 11.96 50.32 -21.28
CA LEU D 329 12.31 49.87 -22.62
C LEU D 329 11.07 49.87 -23.50
N SER D 330 10.24 50.90 -23.39
CA SER D 330 9.01 51.04 -24.15
C SER D 330 9.07 52.27 -25.05
N GLY D 331 10.21 52.47 -25.70
CA GLY D 331 10.44 53.61 -26.57
C GLY D 331 10.26 53.27 -28.03
N LEU D 332 11.01 53.96 -28.88
CA LEU D 332 10.94 53.76 -30.32
C LEU D 332 11.71 52.51 -30.70
N SER D 333 11.98 52.35 -32.01
CA SER D 333 12.68 51.18 -32.53
C SER D 333 11.88 49.90 -32.24
N SER D 334 10.66 49.88 -32.77
CA SER D 334 9.76 48.76 -32.52
C SER D 334 10.28 47.45 -33.11
N LYS D 335 11.03 47.53 -34.22
CA LYS D 335 11.43 46.31 -34.93
C LYS D 335 12.07 45.30 -33.98
N ALA D 336 12.94 45.76 -33.10
CA ALA D 336 13.58 44.89 -32.11
C ALA D 336 12.98 45.04 -30.72
N ALA D 337 12.48 46.23 -30.38
CA ALA D 337 11.92 46.44 -29.05
C ALA D 337 10.71 45.57 -28.82
N LYS D 338 9.81 45.49 -29.80
CA LYS D 338 8.61 44.68 -29.64
C LYS D 338 8.96 43.21 -29.46
N ASP D 339 9.90 42.70 -30.26
CA ASP D 339 10.28 41.30 -30.15
C ASP D 339 10.94 40.99 -28.81
N VAL D 340 11.86 41.85 -28.38
CA VAL D 340 12.54 41.61 -27.12
C VAL D 340 11.57 41.69 -25.95
N LEU D 341 10.63 42.64 -26.00
CA LEU D 341 9.60 42.70 -24.96
C LEU D 341 8.74 41.46 -24.96
N GLY D 342 8.35 40.98 -26.15
CA GLY D 342 7.51 39.79 -26.22
C GLY D 342 8.19 38.56 -25.67
N PHE D 343 9.49 38.41 -25.94
CA PHE D 343 10.21 37.25 -25.46
C PHE D 343 10.75 37.43 -24.04
N LEU D 344 10.73 38.65 -23.50
CA LEU D 344 11.03 38.88 -22.10
C LEU D 344 9.79 38.75 -21.22
N ARG D 345 8.60 38.90 -21.81
CA ARG D 345 7.37 38.70 -21.07
C ARG D 345 7.22 37.26 -20.57
N VAL D 346 8.03 36.35 -21.12
CA VAL D 346 8.00 34.97 -20.65
C VAL D 346 8.69 34.82 -19.30
N VAL D 347 9.61 35.73 -18.96
CA VAL D 347 10.32 35.65 -17.69
C VAL D 347 9.41 35.86 -16.49
N ARG D 348 8.18 36.31 -16.72
CA ARG D 348 7.25 36.54 -15.62
C ARG D 348 6.84 35.26 -14.91
N PHE D 349 7.13 34.09 -15.49
CA PHE D 349 6.84 32.83 -14.81
C PHE D 349 7.60 32.71 -13.50
N VAL D 350 8.68 33.47 -13.33
CA VAL D 350 9.46 33.42 -12.10
C VAL D 350 8.75 34.09 -10.95
N ARG D 351 7.59 34.71 -11.18
CA ARG D 351 6.83 35.32 -10.10
C ARG D 351 6.15 34.26 -9.23
N ILE D 352 5.86 33.09 -9.80
CA ILE D 352 5.22 32.03 -9.02
C ILE D 352 6.21 31.25 -8.18
N LEU D 353 7.52 31.42 -8.41
CA LEU D 353 8.54 30.72 -7.65
C LEU D 353 8.87 31.41 -6.34
N ARG D 354 8.42 32.64 -6.13
CA ARG D 354 8.61 33.30 -4.85
C ARG D 354 7.83 32.62 -3.74
N ILE D 355 6.86 31.77 -4.08
CA ILE D 355 6.07 31.10 -3.06
C ILE D 355 6.93 30.09 -2.29
N PHE D 356 8.04 29.66 -2.88
CA PHE D 356 8.95 28.76 -2.17
C PHE D 356 9.77 29.51 -1.13
N LYS D 357 9.95 30.82 -1.31
CA LYS D 357 10.58 31.63 -0.28
C LYS D 357 9.76 31.67 1.00
N LEU D 358 8.47 31.31 0.92
CA LEU D 358 7.56 31.40 2.04
C LEU D 358 7.17 30.07 2.64
N THR D 359 7.32 28.97 1.89
CA THR D 359 6.93 27.65 2.35
C THR D 359 8.06 26.90 3.04
N ARG D 360 9.25 27.48 3.09
CA ARG D 360 10.37 26.82 3.78
C ARG D 360 10.09 26.60 5.25
N HIS D 361 9.18 27.37 5.85
CA HIS D 361 8.84 27.21 7.25
C HIS D 361 7.92 26.03 7.49
N PHE D 362 7.03 25.74 6.55
CA PHE D 362 6.11 24.63 6.70
C PHE D 362 6.88 23.32 6.81
N VAL D 363 6.52 22.49 7.79
CA VAL D 363 7.29 21.30 8.09
C VAL D 363 7.13 20.25 6.99
N GLY D 364 5.90 20.06 6.51
CA GLY D 364 5.65 19.01 5.54
C GLY D 364 6.46 19.18 4.27
N LEU D 365 6.64 20.43 3.84
CA LEU D 365 7.40 20.67 2.61
C LEU D 365 8.90 20.46 2.82
N ARG D 366 9.41 20.77 4.01
CA ARG D 366 10.79 20.40 4.33
C ARG D 366 10.96 18.88 4.30
N VAL D 367 9.99 18.15 4.85
CA VAL D 367 10.04 16.69 4.80
C VAL D 367 10.02 16.20 3.36
N LEU D 368 9.18 16.84 2.52
CA LEU D 368 9.13 16.46 1.12
C LEU D 368 10.46 16.71 0.43
N GLY D 369 11.09 17.85 0.71
CA GLY D 369 12.40 18.12 0.13
C GLY D 369 13.43 17.09 0.55
N HIS D 370 13.44 16.72 1.82
CA HIS D 370 14.36 15.69 2.28
C HIS D 370 14.10 14.37 1.59
N THR D 371 12.82 13.99 1.46
CA THR D 371 12.47 12.74 0.80
C THR D 371 12.94 12.74 -0.66
N LEU D 372 12.73 13.85 -1.37
CA LEU D 372 13.18 13.93 -2.75
C LEU D 372 14.69 13.83 -2.83
N ARG D 373 15.40 14.51 -1.93
CA ARG D 373 16.85 14.48 -1.94
C ARG D 373 17.40 13.11 -1.54
N ALA D 374 16.59 12.29 -0.88
CA ALA D 374 17.03 10.99 -0.40
C ALA D 374 16.59 9.83 -1.27
N SER D 375 15.83 10.08 -2.34
CA SER D 375 15.25 9.01 -3.16
C SER D 375 15.42 9.33 -4.64
N THR D 376 16.64 9.74 -5.03
CA THR D 376 16.90 10.02 -6.43
C THR D 376 17.03 8.74 -7.25
N ASN D 377 17.63 7.70 -6.67
CA ASN D 377 17.79 6.44 -7.40
C ASN D 377 16.44 5.85 -7.77
N GLU D 378 15.45 5.95 -6.87
CA GLU D 378 14.13 5.42 -7.17
C GLU D 378 13.48 6.18 -8.32
N PHE D 379 13.65 7.51 -8.36
CA PHE D 379 13.13 8.28 -9.48
C PHE D 379 13.80 7.88 -10.79
N LEU D 380 15.12 7.69 -10.75
CA LEU D 380 15.82 7.24 -11.95
C LEU D 380 15.31 5.88 -12.42
N LEU D 381 15.11 4.96 -11.47
CA LEU D 381 14.59 3.63 -11.80
C LEU D 381 13.20 3.72 -12.42
N LEU D 382 12.34 4.56 -11.84
CA LEU D 382 11.01 4.75 -12.39
C LEU D 382 11.06 5.28 -13.81
N ILE D 383 11.92 6.28 -14.05
CA ILE D 383 12.05 6.85 -15.38
C ILE D 383 12.51 5.78 -16.37
N ILE D 384 13.50 4.98 -15.99
CA ILE D 384 14.03 3.97 -16.90
C ILE D 384 12.96 2.92 -17.22
N PHE D 385 12.25 2.46 -16.19
CA PHE D 385 11.18 1.50 -16.42
C PHE D 385 10.13 2.05 -17.37
N LEU D 386 9.69 3.29 -17.12
CA LEU D 386 8.68 3.89 -17.97
C LEU D 386 9.17 4.04 -19.40
N ALA D 387 10.44 4.45 -19.58
CA ALA D 387 10.97 4.59 -20.93
C ALA D 387 10.96 3.27 -21.67
N LEU D 388 11.47 2.22 -21.03
CA LEU D 388 11.52 0.91 -21.69
C LEU D 388 10.13 0.42 -22.04
N GLY D 389 9.20 0.50 -21.09
CA GLY D 389 7.84 0.07 -21.36
C GLY D 389 7.18 0.85 -22.47
N VAL D 390 7.36 2.18 -22.46
CA VAL D 390 6.77 3.03 -23.49
C VAL D 390 7.29 2.64 -24.86
N LEU D 391 8.62 2.48 -24.98
CA LEU D 391 9.20 2.10 -26.26
C LEU D 391 8.63 0.77 -26.74
N ILE D 392 8.65 -0.24 -25.87
CA ILE D 392 8.23 -1.58 -26.27
C ILE D 392 6.76 -1.57 -26.69
N PHE D 393 5.90 -0.95 -25.90
CA PHE D 393 4.48 -1.00 -26.19
C PHE D 393 4.11 -0.13 -27.39
N ALA D 394 4.81 0.98 -27.61
CA ALA D 394 4.59 1.75 -28.83
C ALA D 394 4.92 0.93 -30.06
N THR D 395 6.07 0.25 -30.05
CA THR D 395 6.42 -0.59 -31.19
C THR D 395 5.38 -1.69 -31.40
N MET D 396 4.99 -2.35 -30.30
CA MET D 396 4.08 -3.48 -30.41
C MET D 396 2.70 -3.04 -30.90
N ILE D 397 2.19 -1.90 -30.42
CA ILE D 397 0.90 -1.43 -30.90
C ILE D 397 0.97 -1.00 -32.35
N TYR D 398 2.07 -0.32 -32.74
CA TYR D 398 2.23 0.05 -34.14
C TYR D 398 2.16 -1.17 -35.04
N TYR D 399 2.83 -2.27 -34.65
CA TYR D 399 2.81 -3.45 -35.49
C TYR D 399 1.48 -4.19 -35.39
N ALA D 400 0.86 -4.19 -34.22
CA ALA D 400 -0.39 -4.91 -34.02
C ALA D 400 -1.52 -4.31 -34.83
N GLU D 401 -1.61 -2.98 -34.90
CA GLU D 401 -2.68 -2.32 -35.63
C GLU D 401 -2.57 -2.47 -37.13
N ARG D 402 -1.64 -3.29 -37.65
CA ARG D 402 -1.43 -3.42 -39.08
C ARG D 402 -1.41 -4.86 -39.55
N ILE D 403 -1.77 -5.83 -38.70
CA ILE D 403 -1.82 -7.21 -39.13
C ILE D 403 -2.79 -7.35 -40.30
N GLY D 404 -2.40 -8.13 -41.29
CA GLY D 404 -3.21 -8.30 -42.48
C GLY D 404 -3.33 -7.04 -43.32
N ALA D 405 -2.22 -6.35 -43.54
CA ALA D 405 -2.21 -5.11 -44.31
C ALA D 405 -1.03 -5.11 -45.27
N GLN D 406 -1.16 -4.34 -46.33
CA GLN D 406 -0.07 -4.18 -47.28
C GLN D 406 1.06 -3.38 -46.62
N PRO D 407 2.31 -3.87 -46.64
CA PRO D 407 3.36 -3.19 -45.89
C PRO D 407 3.52 -1.72 -46.24
N ASN D 408 3.76 -1.42 -47.51
CA ASN D 408 3.90 -0.03 -47.97
C ASN D 408 2.64 0.43 -48.70
N ASP D 409 1.54 0.49 -47.94
CA ASP D 409 0.26 0.91 -48.47
C ASP D 409 -0.24 2.11 -47.68
N PRO D 410 -0.65 3.20 -48.34
CA PRO D 410 -1.17 4.35 -47.58
C PRO D 410 -2.44 4.04 -46.81
N SER D 411 -3.19 3.01 -47.23
CA SER D 411 -4.44 2.68 -46.56
C SER D 411 -4.22 2.08 -45.19
N ALA D 412 -3.06 1.47 -44.93
CA ALA D 412 -2.81 0.85 -43.63
C ALA D 412 -2.86 1.90 -42.53
N SER D 413 -2.23 3.05 -42.74
CA SER D 413 -2.22 4.14 -41.76
C SER D 413 -3.35 5.12 -42.03
N GLU D 414 -4.58 4.61 -42.13
CA GLU D 414 -5.74 5.45 -42.38
C GLU D 414 -6.84 5.18 -41.35
N HIS D 415 -6.94 3.93 -40.91
CA HIS D 415 -7.96 3.51 -39.96
C HIS D 415 -7.36 3.17 -38.60
N THR D 416 -6.34 3.92 -38.20
CA THR D 416 -5.69 3.72 -36.90
C THR D 416 -5.10 5.04 -36.44
N HIS D 417 -5.16 5.28 -35.13
CA HIS D 417 -4.59 6.50 -34.57
C HIS D 417 -3.07 6.45 -34.52
N PHE D 418 -2.47 5.25 -34.60
CA PHE D 418 -1.03 5.08 -34.47
C PHE D 418 -0.40 5.15 -35.85
N LYS D 419 -0.30 6.38 -36.36
CA LYS D 419 0.35 6.59 -37.66
C LYS D 419 1.83 6.24 -37.60
N ASN D 420 2.43 6.23 -36.41
CA ASN D 420 3.85 5.99 -36.27
C ASN D 420 4.14 5.55 -34.84
N ILE D 421 5.40 5.23 -34.57
CA ILE D 421 5.84 4.78 -33.26
C ILE D 421 6.01 5.97 -32.31
N PRO D 422 6.62 7.07 -32.74
CA PRO D 422 6.81 8.20 -31.82
C PRO D 422 5.53 8.68 -31.18
N ILE D 423 4.42 8.75 -31.92
CA ILE D 423 3.17 9.16 -31.34
C ILE D 423 2.61 8.10 -30.40
N GLY D 424 3.10 6.87 -30.49
CA GLY D 424 2.67 5.82 -29.58
C GLY D 424 3.23 5.97 -28.18
N PHE D 425 4.30 6.76 -28.02
CA PHE D 425 4.83 7.01 -26.69
C PHE D 425 3.79 7.70 -25.81
N TRP D 426 3.07 8.67 -26.39
CA TRP D 426 2.02 9.36 -25.64
C TRP D 426 0.93 8.39 -25.20
N TRP D 427 0.47 7.53 -26.11
CA TRP D 427 -0.55 6.56 -25.76
C TRP D 427 -0.06 5.62 -24.67
N ALA D 428 1.19 5.15 -24.78
CA ALA D 428 1.72 4.25 -23.77
C ALA D 428 1.81 4.92 -22.41
N VAL D 429 2.27 6.17 -22.37
CA VAL D 429 2.36 6.88 -21.10
C VAL D 429 0.97 7.06 -20.48
N VAL D 430 -0.01 7.42 -21.31
CA VAL D 430 -1.36 7.61 -20.79
C VAL D 430 -1.95 6.30 -20.30
N THR D 431 -1.68 5.20 -20.99
CA THR D 431 -2.28 3.92 -20.62
C THR D 431 -1.62 3.31 -19.39
N MET D 432 -0.31 3.45 -19.24
CA MET D 432 0.39 2.84 -18.13
C MET D 432 0.02 3.49 -16.80
N THR D 433 -0.39 4.75 -16.83
CA THR D 433 -0.74 5.48 -15.61
C THR D 433 -2.22 5.36 -15.25
N THR D 434 -3.00 4.60 -16.01
CA THR D 434 -4.44 4.49 -15.82
C THR D 434 -5.14 5.83 -15.99
N LEU D 435 -4.54 6.73 -16.76
CA LEU D 435 -5.12 8.06 -16.97
C LEU D 435 -6.27 7.99 -17.97
N GLY D 436 -5.97 7.60 -19.20
CA GLY D 436 -7.00 7.38 -20.20
C GLY D 436 -7.71 8.63 -20.66
N TYR D 437 -6.99 9.51 -21.36
CA TYR D 437 -7.64 10.69 -21.94
C TYR D 437 -8.66 10.30 -22.98
N GLY D 438 -8.31 9.34 -23.84
CA GLY D 438 -9.19 8.91 -24.91
C GLY D 438 -8.90 9.53 -26.26
N ASP D 439 -7.90 10.40 -26.35
CA ASP D 439 -7.56 11.00 -27.63
C ASP D 439 -7.08 9.99 -28.65
N MET D 440 -6.60 8.84 -28.20
CA MET D 440 -6.10 7.81 -29.10
C MET D 440 -6.20 6.47 -28.40
N TYR D 441 -6.92 5.54 -29.02
CA TYR D 441 -7.15 4.23 -28.45
C TYR D 441 -7.08 3.20 -29.57
N PRO D 442 -6.77 1.95 -29.24
CA PRO D 442 -6.76 0.90 -30.27
C PRO D 442 -8.15 0.59 -30.79
N GLN D 443 -8.19 0.14 -32.05
CA GLN D 443 -9.44 -0.22 -32.72
C GLN D 443 -9.37 -1.62 -33.32
N THR D 444 -8.45 -2.45 -32.85
CA THR D 444 -8.27 -3.80 -33.37
C THR D 444 -7.97 -4.75 -32.22
N TRP D 445 -8.40 -6.00 -32.37
CA TRP D 445 -8.34 -6.95 -31.26
C TRP D 445 -6.93 -7.14 -30.75
N SER D 446 -5.96 -7.27 -31.66
CA SER D 446 -4.57 -7.35 -31.24
C SER D 446 -4.15 -6.07 -30.53
N GLY D 447 -4.60 -4.92 -31.03
CA GLY D 447 -4.37 -3.67 -30.32
C GLY D 447 -4.99 -3.66 -28.94
N MET D 448 -6.16 -4.27 -28.80
CA MET D 448 -6.81 -4.35 -27.49
C MET D 448 -5.99 -5.19 -26.53
N LEU D 449 -5.48 -6.33 -27.00
CA LEU D 449 -4.62 -7.16 -26.17
C LEU D 449 -3.37 -6.40 -25.75
N VAL D 450 -2.75 -5.69 -26.69
CA VAL D 450 -1.56 -4.91 -26.37
C VAL D 450 -1.88 -3.84 -25.35
N GLY D 451 -3.05 -3.19 -25.47
CA GLY D 451 -3.44 -2.17 -24.51
C GLY D 451 -3.66 -2.74 -23.12
N ALA D 452 -4.29 -3.90 -23.03
CA ALA D 452 -4.46 -4.55 -21.73
C ALA D 452 -3.11 -4.87 -21.10
N LEU D 453 -2.21 -5.47 -21.88
CA LEU D 453 -0.87 -5.74 -21.38
C LEU D 453 -0.18 -4.47 -20.92
N CYS D 454 -0.32 -3.39 -21.70
CA CYS D 454 0.32 -2.13 -21.35
C CYS D 454 -0.21 -1.60 -20.03
N ALA D 455 -1.52 -1.62 -19.85
CA ALA D 455 -2.10 -1.12 -18.60
C ALA D 455 -1.61 -1.93 -17.40
N LEU D 456 -1.64 -3.26 -17.52
CA LEU D 456 -1.22 -4.10 -16.41
C LEU D 456 0.25 -3.88 -16.09
N ALA D 457 1.11 -3.90 -17.11
CA ALA D 457 2.54 -3.71 -16.89
C ALA D 457 2.83 -2.32 -16.34
N GLY D 458 2.06 -1.32 -16.76
CA GLY D 458 2.25 0.01 -16.21
C GLY D 458 1.92 0.08 -14.74
N VAL D 459 0.79 -0.51 -14.34
CA VAL D 459 0.45 -0.58 -12.93
C VAL D 459 1.59 -1.24 -12.15
N LEU D 460 2.06 -2.39 -12.65
CA LEU D 460 3.12 -3.12 -11.96
C LEU D 460 4.37 -2.26 -11.81
N THR D 461 4.86 -1.70 -12.93
CA THR D 461 6.10 -0.93 -12.90
C THR D 461 5.98 0.29 -12.00
N ILE D 462 4.86 1.02 -12.09
CA ILE D 462 4.69 2.21 -11.28
C ILE D 462 4.66 1.84 -9.80
N ALA D 463 4.03 0.71 -9.46
CA ALA D 463 3.86 0.34 -8.06
C ALA D 463 5.11 -0.24 -7.43
N MET D 464 6.17 -0.49 -8.21
CA MET D 464 7.35 -1.15 -7.65
C MET D 464 8.20 -0.21 -6.82
N PRO D 465 8.73 0.91 -7.36
CA PRO D 465 9.61 1.76 -6.55
C PRO D 465 8.89 2.75 -5.65
N VAL D 466 7.69 3.16 -6.05
CA VAL D 466 6.98 4.22 -5.32
C VAL D 466 6.88 3.90 -3.84
N PRO D 467 6.59 2.65 -3.44
CA PRO D 467 6.49 2.36 -2.00
C PRO D 467 7.75 2.70 -1.23
N VAL D 468 8.93 2.64 -1.86
CA VAL D 468 10.16 3.01 -1.17
C VAL D 468 10.12 4.49 -0.80
N ILE D 469 9.75 5.34 -1.76
CA ILE D 469 9.64 6.77 -1.51
C ILE D 469 8.58 7.04 -0.45
N VAL D 470 7.46 6.31 -0.53
CA VAL D 470 6.39 6.52 0.44
C VAL D 470 6.87 6.17 1.85
N ASN D 471 7.60 5.07 1.99
CA ASN D 471 8.11 4.68 3.30
C ASN D 471 9.11 5.70 3.82
N ASN D 472 9.99 6.19 2.95
CA ASN D 472 10.92 7.23 3.36
C ASN D 472 10.18 8.47 3.87
N PHE D 473 9.17 8.91 3.12
CA PHE D 473 8.41 10.08 3.53
C PHE D 473 7.71 9.84 4.86
N GLY D 474 7.13 8.65 5.04
CA GLY D 474 6.47 8.36 6.30
C GLY D 474 7.44 8.39 7.47
N MET D 475 8.62 7.80 7.29
CA MET D 475 9.63 7.84 8.33
C MET D 475 9.99 9.28 8.69
N TYR D 476 10.31 10.09 7.69
CA TYR D 476 10.72 11.46 7.96
C TYR D 476 9.59 12.25 8.63
N TYR D 477 8.36 12.09 8.14
CA TYR D 477 7.23 12.85 8.69
C TYR D 477 6.95 12.44 10.12
N SER D 478 6.94 11.14 10.42
CA SER D 478 6.72 10.71 11.80
C SER D 478 7.81 11.23 12.71
N LEU D 479 9.07 11.15 12.25
CA LEU D 479 10.18 11.63 13.08
C LEU D 479 10.04 13.12 13.37
N ALA D 480 9.71 13.92 12.36
CA ALA D 480 9.59 15.36 12.55
C ALA D 480 8.41 15.71 13.46
N MET D 481 7.27 15.07 13.25
CA MET D 481 6.10 15.38 14.07
C MET D 481 6.32 14.96 15.51
N ALA D 482 6.96 13.81 15.74
CA ALA D 482 7.31 13.41 17.10
C ALA D 482 8.31 14.38 17.71
N LYS D 483 9.28 14.86 16.91
CA LYS D 483 10.27 15.79 17.41
C LYS D 483 9.64 17.10 17.84
N GLN D 484 8.59 17.55 17.16
CA GLN D 484 7.91 18.77 17.56
C GLN D 484 6.85 18.53 18.63
N LYS D 485 6.39 17.29 18.78
CA LYS D 485 5.48 16.97 19.89
C LYS D 485 6.16 17.20 21.23
N LEU D 486 7.39 16.73 21.37
CA LEU D 486 8.14 16.94 22.60
C LEU D 486 8.63 18.37 22.66
N PRO D 487 8.21 19.17 23.64
CA PRO D 487 8.64 20.58 23.68
C PRO D 487 10.13 20.72 23.94
N LYS D 488 10.61 20.08 25.01
CA LYS D 488 12.01 20.13 25.38
C LYS D 488 12.19 19.26 26.61
N LYS D 489 13.45 19.03 26.98
CA LYS D 489 13.75 18.23 28.16
C LYS D 489 15.22 18.42 28.54
N LYS D 490 15.46 18.75 29.81
CA LYS D 490 16.82 18.86 30.31
C LYS D 490 17.45 17.48 30.41
N LYS D 491 18.78 17.45 30.46
CA LYS D 491 19.49 16.18 30.56
C LYS D 491 18.93 15.33 31.70
N LYS D 492 18.80 15.93 32.89
CA LYS D 492 18.21 15.25 34.05
C LYS D 492 18.87 13.90 34.27
N HIS D 493 20.19 13.84 34.10
CA HIS D 493 20.96 12.62 34.29
C HIS D 493 22.24 12.80 35.09
N ILE D 494 22.77 14.01 35.20
CA ILE D 494 24.01 14.29 35.92
C ILE D 494 25.02 13.17 35.68
N PRO D 495 25.55 13.04 34.46
CA PRO D 495 26.45 11.93 34.15
C PRO D 495 27.78 12.00 34.90
N ARG D 496 28.70 11.09 34.57
CA ARG D 496 29.98 11.01 35.25
C ARG D 496 29.79 10.66 36.72
N PRO D 497 29.29 9.45 37.02
CA PRO D 497 29.07 9.00 38.39
C PRO D 497 30.38 8.80 39.17
#